data_7DUW
#
_entry.id   7DUW
#
_cell.length_a   1.00
_cell.length_b   1.00
_cell.length_c   1.00
_cell.angle_alpha   90.00
_cell.angle_beta   90.00
_cell.angle_gamma   90.00
#
_symmetry.space_group_name_H-M   'P 1'
#
loop_
_entity.id
_entity.type
_entity.pdbx_description
1 polymer 'Bifunctional lysylphosphatidylglycerol flippase/synthetase MprF'
2 non-polymer DODECYL-BETA-D-MALTOSIDE
3 non-polymer '[(2~{R})-3-[[(2~{S})-3-[(2~{S})-2,6-bis(azanyl)hexanoyl]oxy-2-oxidanyl-propoxy]-oxidanyl-phosphoryl]oxy-2-hexadecanoyloxy-propyl] hexadecanoate'
4 non-polymer 1,2-DIPALMITOYL-PHOSPHATIDYL-GLYCEROLE
5 non-polymer '(1S)-2-{[{[(2R)-2,3-DIHYDROXYPROPYL]OXY}(HYDROXY)PHOSPHORYL]OXY}-1-[(PALMITOYLOXY)METHYL]ETHYL STEARATE'
6 non-polymer "(2~{R},3~{S},4~{S},5~{S},6~{S})-2-(hydroxymethyl)-6-[(2~{R},3~{S},4~{R},5~{R},6~{R})-2-(hydroxymethyl)-6-[2-[[(2~{R},3~{S},4~{R},5~{R},6~{S})-6-(hydroxymethyl)-5-[(2~{S},3~{R},4~{S},5~{S},6~{R})-6-(hydroxymethyl)-3,4,5-tris(oxidanyl)oxan-2-yl]oxy-3,4-bis(oxidanyl)oxan-2-yl]oxymethyl]-4-[(1~{R},2~{R},4~{S},5'~{R},6~{R},7~{R},8~{R},9~{S},12~{S},13~{R},16~{S})-5',7,9,13-tetramethylspiro[5-oxapentacyclo[10.8.0.0^{2,9}.0^{4,8}.0^{13,18}]icos-18-ene-6,2'-oxane]-16-yl]oxy-butoxy]-4,5-bis(oxidanyl)oxan-3-yl]oxy-oxane-3,4,5-triol"
7 water water
#
_entity_poly.entity_id   1
_entity_poly.type   'polypeptide(L)'
_entity_poly.pdbx_seq_one_letter_code
;MSSPIDLESADEELEERGGIVGLLNRYRALIVAVLTVAVFCIAAYAIYDLTTEVRYDDVVHALTTTKISSVLLALLFTGL
SFASLIFYDQNALEYIGKRLPFPHVALTSFSAYAVGNTAGFGALSAGAIRYRAYTRLGLSPDDITRVIAFVTLAFGLGLA
SVGAMALLVIADEIGPLISVDGLWLRLIAIAILAALAFVVYAGRNGREVRIGPVAVRLPDSRTWSRQFLVTAFDIAASAS
VLYVLLPETSIGWPGFFAIYAIAVGLGVLSHVPAGFGVFETIIIAWLGSSVNEDAVLSSLVLYRVIYNVIPLVIAIAAIS
VAELRRFVDHPVASSMRRIGARLMPQLLSAFALLLGMMLVFSSVTPTPDHNLIVLSDYLPLSLVESAHFLSSLLGLAIIV
AARGLSQRLDGAWWVSTFSALFALFFSLLKAIAIVEAGLLAFFVFSLVVSRRLFKRPASLLNQTLTAGWLTAIAVVCIGA
IVVLFFVYRDVGYSNELWWQFEFADEAPRGLRAALGISIVSSAIAIFSLLRPATKRPEPVSDDAVARAVEIVRKQGVADA
NLVRMGDKSIMFSEKGDAFIMYGKQGRSWIALFDPVGPRQALPDLIWRFVETARAAGCRSVFYQISPALLSYCADAGLRA
FKLGELAVVNLANFELKGGKWANLRQTASRAVRDGLEFAVIEPQDIPDVLDQLAHVSDTWLADHNAKEKSFSLGAFDPDY
VCSQPVGVLKKDGKIVAFANILMTETKEEGSVDLMRFSPDAPKGSMDFLFVQILEYLKGEGFQRFNLGMAPLSGMSRRES
APVWDRVGGTVFEHGERFYNFKGLRAFKSKFHPEWQPRYLAVSGGVSPMIALMDATFLIGGGLKGVVRKKLAAALEHHHH
HH
;
_entity_poly.pdbx_strand_id   A,B
#
# COMPACT_ATOMS: atom_id res chain seq x y z
N LEU A 24 6.21 23.64 -33.99
CA LEU A 24 5.48 23.90 -32.75
C LEU A 24 6.45 24.12 -31.59
N ASN A 25 7.39 23.20 -31.42
CA ASN A 25 8.36 23.31 -30.33
C ASN A 25 9.35 24.44 -30.54
N ARG A 26 9.38 25.06 -31.72
CA ARG A 26 10.22 26.23 -31.94
C ARG A 26 9.79 27.38 -31.04
N TYR A 27 8.50 27.45 -30.71
CA TYR A 27 7.96 28.50 -29.84
C TYR A 27 7.12 27.91 -28.72
N ARG A 28 7.49 26.73 -28.23
CA ARG A 28 6.68 26.05 -27.22
C ARG A 28 6.57 26.89 -25.95
N ALA A 29 7.69 27.47 -25.50
CA ALA A 29 7.65 28.30 -24.31
C ALA A 29 6.74 29.50 -24.51
N LEU A 30 6.85 30.17 -25.66
CA LEU A 30 6.02 31.34 -25.91
C LEU A 30 4.55 30.97 -25.98
N ILE A 31 4.21 29.88 -26.68
CA ILE A 31 2.80 29.54 -26.83
C ILE A 31 2.21 29.08 -25.51
N VAL A 32 2.97 28.34 -24.70
CA VAL A 32 2.43 27.91 -23.41
C VAL A 32 2.29 29.10 -22.47
N ALA A 33 3.22 30.05 -22.52
CA ALA A 33 3.09 31.26 -21.69
C ALA A 33 1.88 32.08 -22.11
N VAL A 34 1.67 32.24 -23.42
CA VAL A 34 0.54 33.02 -23.91
C VAL A 34 -0.77 32.34 -23.53
N LEU A 35 -0.83 31.01 -23.66
CA LEU A 35 -2.04 30.30 -23.28
C LEU A 35 -2.29 30.40 -21.78
N THR A 36 -1.24 30.34 -20.97
CA THR A 36 -1.41 30.48 -19.53
C THR A 36 -1.94 31.87 -19.18
N VAL A 37 -1.38 32.91 -19.79
CA VAL A 37 -1.84 34.26 -19.51
C VAL A 37 -3.28 34.46 -19.99
N ALA A 38 -3.63 33.84 -21.13
CA ALA A 38 -5.00 33.94 -21.61
C ALA A 38 -5.98 33.22 -20.69
N VAL A 39 -5.60 32.05 -20.18
CA VAL A 39 -6.45 31.34 -19.24
C VAL A 39 -6.60 32.14 -17.95
N PHE A 40 -5.52 32.77 -17.50
CA PHE A 40 -5.60 33.62 -16.32
C PHE A 40 -6.48 34.83 -16.57
N CYS A 41 -6.43 35.39 -17.78
CA CYS A 41 -7.31 36.50 -18.12
C CYS A 41 -8.76 36.09 -18.10
N ILE A 42 -9.07 34.91 -18.65
CA ILE A 42 -10.43 34.40 -18.61
C ILE A 42 -10.88 34.21 -17.17
N ALA A 43 -10.00 33.65 -16.33
CA ALA A 43 -10.32 33.46 -14.93
C ALA A 43 -10.56 34.79 -14.21
N ALA A 44 -9.71 35.78 -14.49
CA ALA A 44 -9.86 37.09 -13.86
C ALA A 44 -11.16 37.75 -14.27
N TYR A 45 -11.51 37.66 -15.55
CA TYR A 45 -12.78 38.20 -16.01
C TYR A 45 -13.94 37.47 -15.35
N ALA A 46 -13.81 36.15 -15.17
CA ALA A 46 -14.87 35.40 -14.50
C ALA A 46 -15.05 35.85 -13.06
N ILE A 47 -13.95 36.06 -12.33
CA ILE A 47 -14.08 36.57 -10.97
C ILE A 47 -14.70 37.95 -10.95
N TYR A 48 -14.27 38.82 -11.87
CA TYR A 48 -14.82 40.18 -11.90
C TYR A 48 -16.31 40.15 -12.20
N ASP A 49 -16.74 39.25 -13.09
CA ASP A 49 -18.15 39.14 -13.42
C ASP A 49 -18.96 38.49 -12.30
N LEU A 50 -18.35 37.58 -11.54
CA LEU A 50 -19.05 36.88 -10.47
C LEU A 50 -19.09 37.64 -9.16
N THR A 51 -18.35 38.74 -9.05
CA THR A 51 -18.29 39.54 -7.82
C THR A 51 -18.78 40.96 -8.07
N THR A 52 -19.81 41.09 -8.92
CA THR A 52 -20.34 42.41 -9.23
C THR A 52 -21.00 43.04 -8.01
N GLU A 53 -21.70 42.23 -7.20
CA GLU A 53 -22.39 42.72 -6.02
C GLU A 53 -21.51 42.79 -4.79
N VAL A 54 -20.23 42.44 -4.90
CA VAL A 54 -19.31 42.40 -3.76
C VAL A 54 -18.45 43.66 -3.79
N ARG A 55 -18.33 44.31 -2.65
CA ARG A 55 -17.51 45.50 -2.50
C ARG A 55 -16.32 45.21 -1.60
N TYR A 56 -15.21 45.88 -1.88
CA TYR A 56 -13.97 45.64 -1.14
C TYR A 56 -14.15 45.83 0.35
N ASP A 57 -15.02 46.76 0.76
CA ASP A 57 -15.30 46.95 2.18
C ASP A 57 -15.92 45.70 2.79
N ASP A 58 -16.83 45.04 2.05
CA ASP A 58 -17.41 43.80 2.55
C ASP A 58 -16.35 42.72 2.69
N VAL A 59 -15.41 42.63 1.74
CA VAL A 59 -14.35 41.65 1.83
C VAL A 59 -13.47 41.91 3.05
N VAL A 60 -13.13 43.17 3.28
CA VAL A 60 -12.29 43.51 4.44
C VAL A 60 -13.04 43.23 5.73
N HIS A 61 -14.34 43.54 5.77
CA HIS A 61 -15.13 43.27 6.98
C HIS A 61 -15.19 41.78 7.26
N ALA A 62 -15.35 40.96 6.22
CA ALA A 62 -15.34 39.52 6.40
C ALA A 62 -13.98 39.05 6.90
N LEU A 63 -12.90 39.65 6.38
CA LEU A 63 -11.56 39.29 6.85
C LEU A 63 -11.38 39.62 8.32
N THR A 64 -11.84 40.80 8.75
CA THR A 64 -11.66 41.19 10.14
C THR A 64 -12.51 40.35 11.08
N THR A 65 -13.66 39.89 10.62
CA THR A 65 -14.58 39.13 11.45
C THR A 65 -14.29 37.64 11.48
N THR A 66 -13.24 37.19 10.80
CA THR A 66 -12.93 35.77 10.81
C THR A 66 -12.50 35.35 12.21
N LYS A 67 -12.86 34.13 12.59
CA LYS A 67 -12.59 33.65 13.94
C LYS A 67 -11.13 33.26 14.08
N ILE A 68 -10.56 33.57 15.23
CA ILE A 68 -9.19 33.15 15.54
C ILE A 68 -9.10 31.63 15.55
N SER A 69 -10.15 30.96 16.01
CA SER A 69 -10.18 29.50 15.96
C SER A 69 -10.04 29.00 14.53
N SER A 70 -10.72 29.66 13.58
CA SER A 70 -10.62 29.26 12.18
C SER A 70 -9.19 29.39 11.68
N VAL A 71 -8.51 30.49 12.02
CA VAL A 71 -7.15 30.70 11.54
C VAL A 71 -6.19 29.69 12.15
N LEU A 72 -6.30 29.44 13.46
CA LEU A 72 -5.44 28.44 14.09
C LEU A 72 -5.67 27.06 13.49
N LEU A 73 -6.92 26.71 13.24
CA LEU A 73 -7.22 25.38 12.70
C LEU A 73 -6.75 25.27 11.25
N ALA A 74 -6.80 26.38 10.49
CA ALA A 74 -6.23 26.39 9.15
C ALA A 74 -4.72 26.22 9.19
N LEU A 75 -4.05 26.85 10.17
CA LEU A 75 -2.62 26.62 10.33
C LEU A 75 -2.33 25.16 10.62
N LEU A 76 -3.13 24.55 11.49
CA LEU A 76 -2.96 23.13 11.80
C LEU A 76 -3.08 22.27 10.56
N PHE A 77 -4.08 22.56 9.72
CA PHE A 77 -4.25 21.73 8.53
C PHE A 77 -3.21 22.03 7.46
N THR A 78 -2.69 23.25 7.41
CA THR A 78 -1.54 23.50 6.55
C THR A 78 -0.35 22.65 6.96
N GLY A 79 -0.09 22.58 8.28
CA GLY A 79 0.97 21.72 8.76
C GLY A 79 0.75 20.26 8.43
N LEU A 80 -0.49 19.79 8.57
CA LEU A 80 -0.80 18.40 8.24
C LEU A 80 -0.60 18.12 6.76
N SER A 81 -1.03 19.05 5.91
CA SER A 81 -0.85 18.89 4.47
C SER A 81 0.63 18.82 4.11
N PHE A 82 1.45 19.66 4.73
CA PHE A 82 2.87 19.64 4.37
C PHE A 82 3.58 18.43 4.95
N ALA A 83 3.10 17.88 6.08
CA ALA A 83 3.60 16.59 6.53
C ALA A 83 3.28 15.49 5.51
N SER A 84 2.05 15.50 4.99
CA SER A 84 1.71 14.52 3.96
C SER A 84 2.57 14.70 2.71
N LEU A 85 2.96 15.92 2.39
CA LEU A 85 3.85 16.14 1.25
C LEU A 85 5.25 15.58 1.52
N ILE A 86 5.74 15.78 2.74
CA ILE A 86 6.99 15.14 3.16
C ILE A 86 6.90 13.64 2.90
N PHE A 87 5.75 13.05 3.20
CA PHE A 87 5.62 11.62 2.96
C PHE A 87 5.42 11.27 1.49
N TYR A 88 4.90 12.19 0.66
CA TYR A 88 5.05 12.04 -0.79
C TYR A 88 6.47 11.70 -1.15
N ASP A 89 7.39 12.60 -0.78
CA ASP A 89 8.79 12.40 -1.16
C ASP A 89 9.39 11.16 -0.49
N GLN A 90 9.01 10.89 0.75
CA GLN A 90 9.49 9.68 1.42
C GLN A 90 9.07 8.42 0.68
N ASN A 91 7.80 8.36 0.23
CA ASN A 91 7.35 7.20 -0.51
C ASN A 91 8.06 7.09 -1.85
N ALA A 92 8.33 8.22 -2.50
CA ALA A 92 9.08 8.16 -3.75
C ALA A 92 10.46 7.56 -3.54
N LEU A 93 11.17 8.04 -2.52
CA LEU A 93 12.51 7.53 -2.24
C LEU A 93 12.48 6.06 -1.85
N GLU A 94 11.47 5.65 -1.09
CA GLU A 94 11.33 4.23 -0.76
C GLU A 94 11.06 3.40 -2.00
N TYR A 95 10.25 3.92 -2.92
CA TYR A 95 9.93 3.18 -4.14
C TYR A 95 11.17 2.97 -5.00
N ILE A 96 12.00 4.01 -5.15
CA ILE A 96 13.20 3.82 -5.96
C ILE A 96 14.27 3.04 -5.23
N GLY A 97 14.12 2.82 -3.93
CA GLY A 97 15.04 2.02 -3.15
C GLY A 97 16.02 2.82 -2.32
N LYS A 98 16.20 4.11 -2.61
CA LYS A 98 17.16 4.91 -1.87
C LYS A 98 16.65 5.19 -0.46
N ARG A 99 17.59 5.22 0.48
CA ARG A 99 17.32 5.56 1.87
C ARG A 99 18.04 6.84 2.21
N LEU A 100 17.31 7.84 2.67
CA LEU A 100 17.90 9.09 3.11
C LEU A 100 17.39 9.44 4.49
N PRO A 101 18.19 10.14 5.29
CA PRO A 101 17.74 10.53 6.63
C PRO A 101 16.51 11.40 6.55
N PHE A 102 15.59 11.18 7.50
CA PHE A 102 14.30 11.87 7.46
C PHE A 102 14.42 13.39 7.54
N PRO A 103 15.29 14.00 8.34
CA PRO A 103 15.37 15.47 8.30
C PRO A 103 15.66 16.03 6.92
N HIS A 104 16.57 15.40 6.17
CA HIS A 104 16.89 15.89 4.83
C HIS A 104 15.70 15.75 3.90
N VAL A 105 15.04 14.59 3.90
CA VAL A 105 13.89 14.39 3.04
C VAL A 105 12.77 15.35 3.40
N ALA A 106 12.53 15.53 4.69
CA ALA A 106 11.47 16.45 5.13
C ALA A 106 11.78 17.87 4.69
N LEU A 107 13.03 18.30 4.83
CA LEU A 107 13.37 19.67 4.45
C LEU A 107 13.25 19.88 2.94
N THR A 108 13.79 18.94 2.16
CA THR A 108 13.70 19.12 0.70
C THR A 108 12.25 19.05 0.23
N SER A 109 11.45 18.15 0.81
CA SER A 109 10.05 18.06 0.42
C SER A 109 9.28 19.32 0.81
N PHE A 110 9.50 19.81 2.03
CA PHE A 110 8.82 21.01 2.48
C PHE A 110 9.18 22.20 1.60
N SER A 111 10.47 22.37 1.29
CA SER A 111 10.86 23.49 0.44
C SER A 111 10.31 23.33 -0.97
N ALA A 112 10.43 22.13 -1.54
CA ALA A 112 9.98 21.91 -2.91
C ALA A 112 8.49 22.18 -3.04
N TYR A 113 7.70 21.73 -2.07
CA TYR A 113 6.26 21.96 -2.15
C TYR A 113 5.88 23.38 -1.78
N ALA A 114 6.58 24.01 -0.84
CA ALA A 114 6.30 25.41 -0.52
C ALA A 114 6.57 26.31 -1.71
N VAL A 115 7.51 25.94 -2.57
CA VAL A 115 7.77 26.74 -3.76
C VAL A 115 6.88 26.32 -4.92
N GLY A 116 6.58 25.02 -5.05
CA GLY A 116 5.72 24.58 -6.14
C GLY A 116 4.28 25.04 -5.99
N ASN A 117 3.76 25.02 -4.76
CA ASN A 117 2.41 25.51 -4.51
C ASN A 117 2.29 27.01 -4.71
N THR A 118 3.41 27.71 -4.87
CA THR A 118 3.46 29.15 -5.06
C THR A 118 3.87 29.55 -6.47
N ALA A 119 5.03 29.09 -6.92
CA ALA A 119 5.58 29.45 -8.22
C ALA A 119 6.03 28.18 -8.92
N GLY A 120 5.18 27.64 -9.80
CA GLY A 120 5.46 26.36 -10.38
C GLY A 120 6.16 26.38 -11.73
N PHE A 121 6.74 27.52 -12.10
CA PHE A 121 7.41 27.61 -13.39
C PHE A 121 8.86 27.12 -13.25
N GLY A 122 9.66 27.35 -14.29
CA GLY A 122 10.92 26.67 -14.49
C GLY A 122 11.88 26.58 -13.32
N ALA A 123 12.46 27.69 -12.92
CA ALA A 123 13.50 27.65 -11.88
C ALA A 123 12.93 27.42 -10.49
N LEU A 124 11.62 27.59 -10.30
CA LEU A 124 11.00 27.46 -8.99
C LEU A 124 10.04 26.28 -8.91
N SER A 125 10.00 25.43 -9.92
CA SER A 125 9.14 24.26 -9.84
C SER A 125 9.65 23.31 -8.76
N ALA A 126 8.73 22.49 -8.25
CA ALA A 126 9.12 21.51 -7.24
C ALA A 126 10.17 20.55 -7.80
N GLY A 127 10.13 20.29 -9.11
CA GLY A 127 11.15 19.46 -9.71
C GLY A 127 12.54 20.05 -9.61
N ALA A 128 12.65 21.36 -9.83
CA ALA A 128 13.96 22.02 -9.72
C ALA A 128 14.49 21.98 -8.29
N ILE A 129 13.63 22.27 -7.32
CA ILE A 129 14.04 22.21 -5.92
C ILE A 129 14.50 20.81 -5.58
N ARG A 130 13.72 19.80 -6.00
CA ARG A 130 14.05 18.43 -5.70
C ARG A 130 15.37 18.02 -6.34
N TYR A 131 15.60 18.43 -7.59
CA TYR A 131 16.86 18.09 -8.24
C TYR A 131 18.03 18.70 -7.50
N ARG A 132 17.93 20.00 -7.16
CA ARG A 132 19.01 20.64 -6.44
C ARG A 132 19.30 19.93 -5.13
N ALA A 133 18.27 19.74 -4.31
CA ALA A 133 18.46 19.19 -2.97
C ALA A 133 18.94 17.74 -3.02
N TYR A 134 18.36 16.93 -3.90
CA TYR A 134 18.74 15.52 -3.97
C TYR A 134 20.13 15.35 -4.56
N THR A 135 20.53 16.21 -5.50
CA THR A 135 21.90 16.18 -5.96
C THR A 135 22.85 16.52 -4.83
N ARG A 136 22.49 17.51 -4.00
CA ARG A 136 23.29 17.77 -2.81
C ARG A 136 23.24 16.59 -1.84
N LEU A 137 22.14 15.86 -1.81
CA LEU A 137 21.98 14.73 -0.91
C LEU A 137 22.63 13.44 -1.43
N GLY A 138 23.07 13.42 -2.68
CA GLY A 138 23.75 12.25 -3.20
C GLY A 138 22.85 11.28 -3.92
N LEU A 139 22.07 11.76 -4.88
CA LEU A 139 21.22 10.94 -5.71
C LEU A 139 21.60 11.08 -7.17
N SER A 140 21.61 9.97 -7.88
CA SER A 140 21.90 10.00 -9.31
C SER A 140 20.80 10.77 -10.04
N PRO A 141 21.13 11.43 -11.15
CA PRO A 141 20.08 12.14 -11.91
C PRO A 141 18.97 11.23 -12.38
N ASP A 142 19.26 9.97 -12.68
CA ASP A 142 18.19 9.03 -12.98
C ASP A 142 17.31 8.80 -11.75
N ASP A 143 17.92 8.70 -10.57
CA ASP A 143 17.13 8.52 -9.35
C ASP A 143 16.30 9.77 -9.05
N ILE A 144 16.86 10.95 -9.28
CA ILE A 144 16.11 12.18 -9.07
C ILE A 144 14.97 12.28 -10.07
N THR A 145 15.22 11.89 -11.32
CA THR A 145 14.14 11.88 -12.30
C THR A 145 13.04 10.91 -11.91
N ARG A 146 13.42 9.73 -11.39
CA ARG A 146 12.43 8.76 -10.95
C ARG A 146 11.62 9.30 -9.77
N VAL A 147 12.28 9.96 -8.82
CA VAL A 147 11.56 10.54 -7.68
C VAL A 147 10.61 11.63 -8.15
N ILE A 148 11.07 12.51 -9.03
CA ILE A 148 10.22 13.58 -9.51
C ILE A 148 9.02 13.02 -10.27
N ALA A 149 9.26 12.02 -11.12
CA ALA A 149 8.17 11.41 -11.87
C ALA A 149 7.18 10.72 -10.93
N PHE A 150 7.68 10.00 -9.93
CA PHE A 150 6.80 9.35 -8.99
C PHE A 150 5.94 10.35 -8.25
N VAL A 151 6.55 11.43 -7.76
CA VAL A 151 5.80 12.43 -7.00
C VAL A 151 4.78 13.14 -7.88
N THR A 152 5.18 13.51 -9.09
CA THR A 152 4.28 14.23 -9.98
C THR A 152 3.11 13.36 -10.41
N LEU A 153 3.40 12.13 -10.85
CA LEU A 153 2.33 11.22 -11.21
C LEU A 153 1.45 10.90 -10.02
N ALA A 154 2.05 10.77 -8.84
CA ALA A 154 1.28 10.53 -7.63
C ALA A 154 0.29 11.65 -7.40
N PHE A 155 0.77 12.89 -7.37
CA PHE A 155 -0.15 14.00 -7.13
C PHE A 155 -1.22 14.08 -8.19
N GLY A 156 -0.84 14.08 -9.46
CA GLY A 156 -1.82 14.24 -10.52
C GLY A 156 -2.85 13.13 -10.54
N LEU A 157 -2.38 11.88 -10.52
CA LEU A 157 -3.26 10.74 -10.66
C LEU A 157 -4.11 10.54 -9.40
N GLY A 158 -3.51 10.73 -8.22
CA GLY A 158 -4.28 10.64 -6.99
C GLY A 158 -5.29 11.76 -6.85
N LEU A 159 -4.94 12.97 -7.29
CA LEU A 159 -5.90 14.06 -7.28
C LEU A 159 -7.06 13.77 -8.21
N ALA A 160 -6.76 13.27 -9.42
CA ALA A 160 -7.84 12.89 -10.33
C ALA A 160 -8.71 11.80 -9.70
N SER A 161 -8.10 10.79 -9.09
CA SER A 161 -8.85 9.70 -8.50
C SER A 161 -9.72 10.18 -7.34
N VAL A 162 -9.13 10.95 -6.43
CA VAL A 162 -9.86 11.40 -5.25
C VAL A 162 -10.97 12.36 -5.65
N GLY A 163 -10.70 13.28 -6.58
CA GLY A 163 -11.74 14.15 -7.08
C GLY A 163 -12.86 13.39 -7.76
N ALA A 164 -12.51 12.36 -8.54
CA ALA A 164 -13.53 11.56 -9.19
C ALA A 164 -14.39 10.81 -8.19
N MET A 165 -13.79 10.22 -7.16
CA MET A 165 -14.58 9.53 -6.15
C MET A 165 -15.45 10.50 -5.36
N ALA A 166 -14.90 11.65 -4.98
CA ALA A 166 -15.71 12.62 -4.25
C ALA A 166 -16.88 13.12 -5.10
N LEU A 167 -16.62 13.41 -6.38
CA LEU A 167 -17.68 13.83 -7.27
C LEU A 167 -18.72 12.72 -7.44
N LEU A 168 -18.27 11.48 -7.57
CA LEU A 168 -19.19 10.35 -7.63
C LEU A 168 -20.06 10.28 -6.39
N VAL A 169 -19.50 10.62 -5.23
CA VAL A 169 -20.25 10.55 -3.98
C VAL A 169 -21.29 11.66 -3.93
N ILE A 170 -20.94 12.88 -4.33
CA ILE A 170 -21.77 14.04 -4.01
C ILE A 170 -22.20 14.85 -5.24
N ALA A 171 -22.29 14.19 -6.40
CA ALA A 171 -22.73 14.90 -7.59
C ALA A 171 -24.11 15.51 -7.41
N ASP A 172 -24.99 14.85 -6.64
CA ASP A 172 -26.31 15.38 -6.40
C ASP A 172 -26.34 16.43 -5.30
N GLU A 173 -25.26 16.57 -4.54
CA GLU A 173 -25.18 17.59 -3.50
C GLU A 173 -24.50 18.86 -3.97
N ILE A 174 -23.55 18.77 -4.91
CA ILE A 174 -22.86 19.95 -5.43
C ILE A 174 -23.24 20.29 -6.86
N GLY A 175 -23.94 19.40 -7.56
CA GLY A 175 -24.44 19.70 -8.88
C GLY A 175 -25.44 20.83 -8.90
N PRO A 176 -26.42 20.80 -8.00
CA PRO A 176 -27.39 21.91 -7.93
C PRO A 176 -26.75 23.27 -7.72
N LEU A 177 -25.61 23.34 -7.02
CA LEU A 177 -25.00 24.63 -6.73
C LEU A 177 -24.62 25.38 -8.00
N ILE A 178 -24.29 24.66 -9.07
CA ILE A 178 -23.98 25.27 -10.35
C ILE A 178 -25.05 24.95 -11.38
N SER A 179 -26.25 24.60 -10.93
CA SER A 179 -27.39 24.34 -11.81
C SER A 179 -27.06 23.27 -12.85
N VAL A 180 -26.39 22.21 -12.42
CA VAL A 180 -26.03 21.08 -13.26
C VAL A 180 -26.60 19.82 -12.62
N ASP A 181 -27.27 19.00 -13.42
CA ASP A 181 -27.80 17.75 -12.90
C ASP A 181 -26.67 16.88 -12.37
N GLY A 182 -26.93 16.23 -11.23
CA GLY A 182 -25.93 15.37 -10.64
C GLY A 182 -25.53 14.20 -11.51
N LEU A 183 -26.40 13.78 -12.43
CA LEU A 183 -26.06 12.67 -13.30
C LEU A 183 -24.87 13.00 -14.19
N TRP A 184 -24.76 14.25 -14.64
CA TRP A 184 -23.66 14.62 -15.54
C TRP A 184 -22.33 14.62 -14.81
N LEU A 185 -22.29 15.20 -13.60
CA LEU A 185 -21.06 15.16 -12.82
C LEU A 185 -20.71 13.73 -12.43
N ARG A 186 -21.73 12.92 -12.12
CA ARG A 186 -21.50 11.52 -11.81
C ARG A 186 -20.92 10.78 -13.01
N LEU A 187 -21.41 11.06 -14.21
CA LEU A 187 -20.88 10.41 -15.40
C LEU A 187 -19.48 10.87 -15.72
N ILE A 188 -19.16 12.14 -15.48
CA ILE A 188 -17.79 12.61 -15.65
C ILE A 188 -16.87 11.88 -14.68
N ALA A 189 -17.29 11.77 -13.42
CA ALA A 189 -16.49 11.05 -12.44
C ALA A 189 -16.33 9.59 -12.81
N ILE A 190 -17.40 8.96 -13.31
CA ILE A 190 -17.33 7.56 -13.70
C ILE A 190 -16.41 7.38 -14.90
N ALA A 191 -16.43 8.30 -15.86
CA ALA A 191 -15.51 8.22 -16.98
C ALA A 191 -14.07 8.36 -16.52
N ILE A 192 -13.80 9.29 -15.61
CA ILE A 192 -12.44 9.45 -15.10
C ILE A 192 -11.99 8.19 -14.36
N LEU A 193 -12.86 7.65 -13.51
CA LEU A 193 -12.52 6.45 -12.76
C LEU A 193 -12.34 5.26 -13.67
N ALA A 194 -13.14 5.15 -14.74
CA ALA A 194 -12.96 4.07 -15.70
C ALA A 194 -11.63 4.20 -16.43
N ALA A 195 -11.25 5.42 -16.81
CA ALA A 195 -9.95 5.61 -17.43
C ALA A 195 -8.82 5.20 -16.49
N LEU A 196 -8.91 5.62 -15.24
CA LEU A 196 -7.87 5.28 -14.27
C LEU A 196 -7.83 3.79 -13.99
N ALA A 197 -8.99 3.15 -13.89
CA ALA A 197 -9.03 1.71 -13.67
C ALA A 197 -8.45 0.96 -14.88
N PHE A 198 -8.75 1.43 -16.09
CA PHE A 198 -8.17 0.81 -17.27
C PHE A 198 -6.65 0.96 -17.29
N VAL A 199 -6.16 2.13 -16.90
CA VAL A 199 -4.71 2.33 -16.85
C VAL A 199 -4.08 1.42 -15.81
N VAL A 200 -4.70 1.31 -14.63
CA VAL A 200 -4.13 0.48 -13.57
C VAL A 200 -4.16 -0.99 -13.95
N TYR A 201 -5.27 -1.46 -14.52
CA TYR A 201 -5.36 -2.86 -14.90
C TYR A 201 -4.44 -3.19 -16.06
N ALA A 202 -4.35 -2.30 -17.06
CA ALA A 202 -3.45 -2.55 -18.18
C ALA A 202 -1.99 -2.48 -17.78
N GLY A 203 -1.69 -1.93 -16.60
CA GLY A 203 -0.32 -1.86 -16.11
C GLY A 203 -0.12 -2.65 -14.85
N ARG A 204 -0.66 -3.87 -14.81
CA ARG A 204 -0.66 -4.69 -13.60
C ARG A 204 0.73 -4.89 -13.02
N ASN A 205 1.60 -5.58 -13.77
CA ASN A 205 2.95 -5.90 -13.32
C ASN A 205 3.91 -5.38 -14.38
N GLY A 206 4.50 -4.21 -14.14
CA GLY A 206 5.26 -3.57 -15.18
C GLY A 206 4.34 -3.23 -16.33
N ARG A 207 4.66 -3.76 -17.51
CA ARG A 207 3.80 -3.67 -18.68
C ARG A 207 3.46 -2.22 -18.99
N GLU A 208 4.50 -1.48 -19.37
CA GLU A 208 4.39 -0.06 -19.70
C GLU A 208 3.24 0.19 -20.67
N VAL A 209 2.23 0.91 -20.22
CA VAL A 209 1.11 1.28 -21.08
C VAL A 209 1.41 2.63 -21.72
N ARG A 210 1.14 2.73 -23.02
CA ARG A 210 1.43 3.92 -23.78
C ARG A 210 0.13 4.57 -24.21
N ILE A 211 0.01 5.87 -23.96
CA ILE A 211 -1.22 6.60 -24.23
C ILE A 211 -0.90 7.56 -25.37
N GLY A 212 0.01 7.14 -26.25
CA GLY A 212 0.47 7.96 -27.32
C GLY A 212 1.92 8.36 -27.09
N PRO A 213 2.14 9.63 -26.74
CA PRO A 213 3.51 10.06 -26.43
C PRO A 213 4.00 9.53 -25.09
N VAL A 214 3.15 9.54 -24.06
CA VAL A 214 3.58 9.13 -22.73
C VAL A 214 3.62 7.61 -22.64
N ALA A 215 4.42 7.11 -21.70
CA ALA A 215 4.52 5.67 -21.41
C ALA A 215 4.60 5.53 -19.89
N VAL A 216 3.44 5.36 -19.25
CA VAL A 216 3.37 5.31 -17.80
C VAL A 216 3.43 3.85 -17.35
N ARG A 217 4.25 3.59 -16.33
CA ARG A 217 4.38 2.26 -15.72
C ARG A 217 4.08 2.42 -14.23
N LEU A 218 2.84 2.11 -13.85
CA LEU A 218 2.41 2.32 -12.48
C LEU A 218 3.21 1.43 -11.53
N PRO A 219 3.45 1.89 -10.30
CA PRO A 219 4.08 1.03 -9.30
C PRO A 219 3.20 -0.13 -8.93
N ASP A 220 3.69 -1.02 -8.06
CA ASP A 220 2.86 -2.11 -7.59
C ASP A 220 1.73 -1.56 -6.71
N SER A 221 0.70 -2.38 -6.53
CA SER A 221 -0.52 -1.90 -5.89
C SER A 221 -0.25 -1.39 -4.47
N ARG A 222 0.69 -2.01 -3.77
CA ARG A 222 0.98 -1.57 -2.41
C ARG A 222 1.56 -0.16 -2.38
N THR A 223 2.51 0.11 -3.28
CA THR A 223 3.14 1.43 -3.29
C THR A 223 2.15 2.51 -3.66
N TRP A 224 1.42 2.33 -4.76
CA TRP A 224 0.48 3.39 -5.11
C TRP A 224 -0.72 3.42 -4.18
N SER A 225 -0.98 2.37 -3.42
CA SER A 225 -2.03 2.44 -2.41
C SER A 225 -1.60 3.32 -1.23
N ARG A 226 -0.39 3.10 -0.72
CA ARG A 226 0.11 4.00 0.33
C ARG A 226 0.22 5.43 -0.19
N GLN A 227 0.59 5.59 -1.46
CA GLN A 227 0.68 6.92 -2.02
C GLN A 227 -0.70 7.53 -2.21
N PHE A 228 -1.71 6.71 -2.47
CA PHE A 228 -3.07 7.22 -2.56
C PHE A 228 -3.56 7.71 -1.21
N LEU A 229 -3.27 6.98 -0.14
CA LEU A 229 -3.59 7.52 1.19
C LEU A 229 -2.89 8.84 1.42
N VAL A 230 -1.60 8.91 1.09
CA VAL A 230 -0.84 10.12 1.34
C VAL A 230 -1.43 11.30 0.57
N THR A 231 -1.74 11.09 -0.71
CA THR A 231 -2.24 12.18 -1.54
C THR A 231 -3.67 12.56 -1.15
N ALA A 232 -4.50 11.58 -0.77
CA ALA A 232 -5.85 11.90 -0.34
C ALA A 232 -5.82 12.70 0.96
N PHE A 233 -4.94 12.32 1.89
CA PHE A 233 -4.83 13.10 3.12
C PHE A 233 -4.29 14.50 2.85
N ASP A 234 -3.35 14.63 1.92
CA ASP A 234 -2.87 15.95 1.54
C ASP A 234 -4.00 16.83 1.04
N ILE A 235 -4.76 16.34 0.07
CA ILE A 235 -5.84 17.13 -0.51
C ILE A 235 -6.91 17.41 0.53
N ALA A 236 -7.18 16.44 1.41
CA ALA A 236 -8.15 16.65 2.47
C ALA A 236 -7.70 17.74 3.43
N ALA A 237 -6.42 17.76 3.79
CA ALA A 237 -5.92 18.78 4.70
C ALA A 237 -5.97 20.16 4.07
N SER A 238 -5.64 20.26 2.78
CA SER A 238 -5.70 21.57 2.13
C SER A 238 -7.15 22.07 1.98
N ALA A 239 -8.03 21.18 1.52
CA ALA A 239 -9.44 21.51 1.47
C ALA A 239 -9.97 21.87 2.84
N SER A 240 -9.43 21.25 3.89
CA SER A 240 -9.85 21.59 5.24
C SER A 240 -9.37 22.97 5.64
N VAL A 241 -8.16 23.35 5.24
CA VAL A 241 -7.70 24.72 5.44
C VAL A 241 -8.75 25.69 4.91
N LEU A 242 -9.09 25.55 3.63
CA LEU A 242 -10.01 26.52 3.05
C LEU A 242 -11.41 26.39 3.64
N TYR A 243 -11.87 25.17 3.91
CA TYR A 243 -13.20 24.94 4.43
C TYR A 243 -13.35 25.55 5.83
N VAL A 244 -12.35 25.38 6.68
CA VAL A 244 -12.36 26.00 8.00
C VAL A 244 -12.34 27.51 7.86
N LEU A 245 -11.62 28.03 6.88
CA LEU A 245 -11.66 29.47 6.68
C LEU A 245 -12.98 29.96 6.09
N LEU A 246 -13.86 29.06 5.65
CA LEU A 246 -15.16 29.46 5.14
C LEU A 246 -16.14 29.72 6.28
N PRO A 247 -17.13 30.60 6.07
CA PRO A 247 -18.05 30.99 7.15
C PRO A 247 -19.31 30.14 7.26
N GLU A 248 -19.13 28.90 7.74
CA GLU A 248 -20.24 28.04 8.15
C GLU A 248 -21.29 27.89 7.04
N THR A 249 -20.85 27.33 5.92
CA THR A 249 -21.70 27.19 4.76
C THR A 249 -22.77 26.10 4.98
N SER A 250 -23.59 25.89 3.95
CA SER A 250 -24.61 24.85 3.98
C SER A 250 -24.12 23.52 3.46
N ILE A 251 -23.10 23.52 2.60
CA ILE A 251 -22.56 22.27 2.07
C ILE A 251 -21.54 21.70 3.05
N GLY A 252 -21.63 20.39 3.28
CA GLY A 252 -20.75 19.75 4.22
C GLY A 252 -19.33 19.67 3.69
N TRP A 253 -18.47 19.08 4.50
CA TRP A 253 -17.08 18.92 4.10
C TRP A 253 -16.91 18.12 2.80
N PRO A 254 -17.61 17.02 2.56
CA PRO A 254 -17.43 16.33 1.27
C PRO A 254 -17.74 17.22 0.07
N GLY A 255 -18.78 18.05 0.19
CA GLY A 255 -19.13 18.94 -0.91
C GLY A 255 -18.00 19.88 -1.26
N PHE A 256 -17.55 20.65 -0.27
CA PHE A 256 -16.46 21.57 -0.53
C PHE A 256 -15.19 20.83 -0.88
N PHE A 257 -15.04 19.59 -0.43
CA PHE A 257 -13.82 18.85 -0.76
C PHE A 257 -13.78 18.49 -2.23
N ALA A 258 -14.89 18.02 -2.79
CA ALA A 258 -14.91 17.76 -4.23
C ALA A 258 -14.75 19.06 -5.01
N ILE A 259 -15.39 20.14 -4.54
CA ILE A 259 -15.22 21.43 -5.19
C ILE A 259 -13.75 21.84 -5.18
N TYR A 260 -13.08 21.68 -4.04
CA TYR A 260 -11.68 22.05 -3.91
C TYR A 260 -10.78 21.18 -4.77
N ALA A 261 -11.08 19.88 -4.85
CA ALA A 261 -10.29 19.00 -5.70
C ALA A 261 -10.41 19.40 -7.16
N ILE A 262 -11.64 19.72 -7.61
CA ILE A 262 -11.82 20.18 -8.98
C ILE A 262 -11.09 21.49 -9.21
N ALA A 263 -11.19 22.42 -8.26
CA ALA A 263 -10.55 23.72 -8.41
C ALA A 263 -9.03 23.59 -8.47
N VAL A 264 -8.45 22.76 -7.61
CA VAL A 264 -7.01 22.57 -7.60
C VAL A 264 -6.55 21.85 -8.87
N GLY A 265 -7.33 20.86 -9.32
CA GLY A 265 -7.00 20.21 -10.57
C GLY A 265 -6.97 21.18 -11.74
N LEU A 266 -8.00 22.02 -11.83
CA LEU A 266 -8.03 23.01 -12.91
C LEU A 266 -6.90 24.03 -12.76
N GLY A 267 -6.61 24.45 -11.53
CA GLY A 267 -5.55 25.43 -11.33
C GLY A 267 -4.18 24.91 -11.71
N VAL A 268 -3.86 23.67 -11.32
CA VAL A 268 -2.59 23.09 -11.71
C VAL A 268 -2.59 22.75 -13.20
N LEU A 269 -3.74 22.44 -13.77
CA LEU A 269 -3.82 22.13 -15.19
C LEU A 269 -3.70 23.38 -16.06
N SER A 270 -3.97 24.56 -15.49
CA SER A 270 -3.90 25.80 -16.23
C SER A 270 -2.50 26.42 -16.24
N HIS A 271 -1.56 25.82 -15.52
CA HIS A 271 -0.17 26.26 -15.46
C HIS A 271 0.00 27.67 -14.94
N VAL A 272 -1.05 28.29 -14.43
CA VAL A 272 -0.91 29.58 -13.75
C VAL A 272 -0.16 29.37 -12.45
N PRO A 273 0.78 30.24 -12.09
CA PRO A 273 1.51 30.06 -10.81
C PRO A 273 0.54 29.99 -9.63
N ALA A 274 0.62 28.89 -8.90
CA ALA A 274 -0.23 28.59 -7.75
C ALA A 274 -1.70 28.44 -8.12
N GLY A 275 -2.03 28.36 -9.41
CA GLY A 275 -3.41 28.40 -9.84
C GLY A 275 -4.12 29.65 -9.40
N PHE A 276 -3.39 30.76 -9.27
CA PHE A 276 -3.89 31.93 -8.55
C PHE A 276 -5.19 32.46 -9.14
N GLY A 277 -5.37 32.36 -10.44
CA GLY A 277 -6.60 32.82 -11.03
C GLY A 277 -7.67 31.74 -11.06
N VAL A 278 -7.30 30.56 -11.56
CA VAL A 278 -8.29 29.54 -11.88
C VAL A 278 -8.90 28.94 -10.63
N PHE A 279 -8.09 28.69 -9.60
CA PHE A 279 -8.60 28.10 -8.37
C PHE A 279 -9.65 28.99 -7.73
N GLU A 280 -9.33 30.28 -7.58
CA GLU A 280 -10.28 31.24 -7.02
C GLU A 280 -11.49 31.37 -7.92
N THR A 281 -11.29 31.36 -9.24
CA THR A 281 -12.41 31.45 -10.17
C THR A 281 -13.39 30.30 -9.96
N ILE A 282 -12.87 29.08 -9.90
CA ILE A 282 -13.73 27.90 -9.76
C ILE A 282 -14.47 27.96 -8.44
N ILE A 283 -13.78 28.30 -7.35
CA ILE A 283 -14.44 28.27 -6.05
C ILE A 283 -15.48 29.38 -5.92
N ILE A 284 -15.16 30.58 -6.42
CA ILE A 284 -16.14 31.66 -6.40
C ILE A 284 -17.35 31.30 -7.26
N ALA A 285 -17.11 30.77 -8.46
CA ALA A 285 -18.21 30.40 -9.34
C ALA A 285 -19.06 29.30 -8.71
N TRP A 286 -18.45 28.44 -7.90
CA TRP A 286 -19.20 27.29 -7.40
C TRP A 286 -20.00 27.68 -6.17
N LEU A 287 -19.36 28.30 -5.19
CA LEU A 287 -19.99 28.64 -3.92
C LEU A 287 -20.72 29.98 -3.95
N GLY A 288 -21.05 30.49 -5.13
CA GLY A 288 -21.76 31.75 -5.22
C GLY A 288 -23.14 31.68 -4.58
N SER A 289 -23.87 30.59 -4.84
CA SER A 289 -25.20 30.45 -4.25
C SER A 289 -25.14 30.10 -2.77
N SER A 290 -24.20 29.25 -2.38
CA SER A 290 -24.16 28.77 -1.00
C SER A 290 -23.71 29.85 -0.05
N VAL A 291 -22.66 30.58 -0.40
CA VAL A 291 -22.03 31.53 0.51
C VAL A 291 -22.00 32.90 -0.15
N ASN A 292 -22.09 33.94 0.67
CA ASN A 292 -21.90 35.30 0.18
C ASN A 292 -20.50 35.43 -0.42
N GLU A 293 -20.42 35.98 -1.63
CA GLU A 293 -19.16 36.00 -2.35
C GLU A 293 -18.10 36.86 -1.69
N ASP A 294 -18.50 37.85 -0.89
CA ASP A 294 -17.51 38.61 -0.14
C ASP A 294 -16.82 37.72 0.90
N ALA A 295 -17.60 36.87 1.56
CA ALA A 295 -17.03 35.94 2.52
C ALA A 295 -16.16 34.90 1.83
N VAL A 296 -16.58 34.44 0.65
CA VAL A 296 -15.75 33.50 -0.10
C VAL A 296 -14.44 34.15 -0.53
N LEU A 297 -14.50 35.41 -0.95
CA LEU A 297 -13.28 36.12 -1.32
C LEU A 297 -12.36 36.32 -0.14
N SER A 298 -12.91 36.66 1.03
CA SER A 298 -12.09 36.80 2.23
C SER A 298 -11.45 35.45 2.61
N SER A 299 -12.24 34.38 2.52
CA SER A 299 -11.70 33.05 2.82
C SER A 299 -10.60 32.67 1.84
N LEU A 300 -10.78 33.01 0.56
CA LEU A 300 -9.75 32.72 -0.43
C LEU A 300 -8.49 33.52 -0.18
N VAL A 301 -8.62 34.79 0.19
CA VAL A 301 -7.46 35.62 0.50
C VAL A 301 -6.71 35.01 1.68
N LEU A 302 -7.45 34.64 2.72
CA LEU A 302 -6.81 34.13 3.93
C LEU A 302 -6.22 32.75 3.69
N TYR A 303 -6.86 31.95 2.84
CA TYR A 303 -6.31 30.65 2.46
C TYR A 303 -5.03 30.81 1.67
N ARG A 304 -5.02 31.71 0.69
CA ARG A 304 -3.79 31.99 -0.03
C ARG A 304 -2.68 32.39 0.93
N VAL A 305 -2.97 33.37 1.80
CA VAL A 305 -1.99 33.83 2.77
C VAL A 305 -1.44 32.65 3.55
N ILE A 306 -2.31 31.95 4.29
CA ILE A 306 -1.86 30.86 5.14
C ILE A 306 -1.13 29.81 4.31
N TYR A 307 -1.86 29.13 3.43
CA TYR A 307 -1.36 27.92 2.80
C TYR A 307 -0.17 28.17 1.88
N ASN A 308 0.02 29.40 1.39
CA ASN A 308 1.13 29.65 0.49
C ASN A 308 2.26 30.43 1.14
N VAL A 309 1.96 31.54 1.80
CA VAL A 309 3.01 32.35 2.41
C VAL A 309 3.57 31.66 3.65
N ILE A 310 2.68 31.16 4.54
CA ILE A 310 3.15 30.63 5.81
C ILE A 310 4.13 29.48 5.64
N PRO A 311 3.94 28.52 4.73
CA PRO A 311 5.00 27.53 4.53
C PRO A 311 6.31 28.11 4.03
N LEU A 312 6.27 29.06 3.09
CA LEU A 312 7.50 29.69 2.65
C LEU A 312 8.16 30.45 3.80
N VAL A 313 7.37 31.18 4.58
CA VAL A 313 7.93 31.90 5.73
C VAL A 313 8.53 30.93 6.72
N ILE A 314 7.86 29.80 6.96
CA ILE A 314 8.36 28.82 7.92
C ILE A 314 9.68 28.23 7.45
N ALA A 315 9.75 27.82 6.18
CA ALA A 315 10.98 27.24 5.66
C ALA A 315 12.11 28.26 5.65
N ILE A 316 11.82 29.49 5.20
CA ILE A 316 12.83 30.53 5.15
C ILE A 316 13.36 30.83 6.55
N ALA A 317 12.46 30.96 7.52
CA ALA A 317 12.86 31.25 8.89
C ALA A 317 13.66 30.10 9.49
N ALA A 318 13.25 28.86 9.22
CA ALA A 318 13.98 27.71 9.76
C ALA A 318 15.40 27.69 9.21
N ILE A 319 15.56 27.91 7.90
CA ILE A 319 16.91 27.88 7.34
C ILE A 319 17.72 29.07 7.84
N SER A 320 17.09 30.24 7.98
CA SER A 320 17.81 31.41 8.47
C SER A 320 18.29 31.20 9.90
N VAL A 321 17.45 30.62 10.75
CA VAL A 321 17.87 30.33 12.13
C VAL A 321 18.98 29.29 12.14
N ALA A 322 18.86 28.25 11.31
CA ALA A 322 19.93 27.26 11.22
C ALA A 322 21.24 27.90 10.77
N GLU A 323 21.18 28.93 9.93
CA GLU A 323 22.38 29.65 9.55
C GLU A 323 22.88 30.53 10.68
N LEU A 324 21.97 31.06 11.50
CA LEU A 324 22.39 31.87 12.65
C LEU A 324 23.15 31.04 13.67
N ARG A 325 22.65 29.84 13.97
CA ARG A 325 23.27 28.98 14.97
C ARG A 325 24.21 27.96 14.32
N SER A 334 22.64 20.80 11.80
CA SER A 334 23.97 20.63 11.21
C SER A 334 23.88 20.55 9.71
N SER A 335 23.62 19.35 9.19
CA SER A 335 23.43 19.19 7.74
C SER A 335 22.17 19.90 7.26
N MET A 336 21.23 20.17 8.16
CA MET A 336 20.13 21.06 7.83
C MET A 336 20.65 22.38 7.29
N ARG A 337 21.74 22.89 7.88
CA ARG A 337 22.33 24.14 7.42
C ARG A 337 22.81 24.03 5.99
N ARG A 338 23.48 22.93 5.63
CA ARG A 338 24.02 22.81 4.28
C ARG A 338 22.90 22.64 3.25
N ILE A 339 21.90 21.81 3.55
CA ILE A 339 20.82 21.63 2.58
C ILE A 339 19.99 22.90 2.46
N GLY A 340 19.77 23.60 3.58
CA GLY A 340 19.09 24.88 3.50
C GLY A 340 19.87 25.94 2.78
N ALA A 341 21.19 25.93 2.89
CA ALA A 341 22.00 26.85 2.10
C ALA A 341 21.85 26.55 0.61
N ARG A 342 21.78 25.26 0.27
CA ARG A 342 21.54 24.90 -1.13
C ARG A 342 20.17 25.40 -1.60
N LEU A 343 19.16 25.31 -0.74
CA LEU A 343 17.80 25.64 -1.15
C LEU A 343 17.42 27.11 -0.97
N MET A 344 18.22 27.89 -0.25
CA MET A 344 17.84 29.27 0.03
C MET A 344 17.63 30.16 -1.18
N PRO A 345 18.47 30.16 -2.21
CA PRO A 345 18.21 31.06 -3.34
C PRO A 345 16.82 30.88 -3.95
N GLN A 346 16.36 29.63 -4.10
CA GLN A 346 15.06 29.41 -4.70
C GLN A 346 13.92 29.74 -3.75
N LEU A 347 14.07 29.40 -2.47
CA LEU A 347 13.07 29.78 -1.49
C LEU A 347 12.92 31.29 -1.41
N LEU A 348 14.05 32.01 -1.42
CA LEU A 348 14.01 33.47 -1.40
C LEU A 348 13.46 34.03 -2.70
N SER A 349 13.71 33.38 -3.83
CA SER A 349 13.12 33.84 -5.08
C SER A 349 11.59 33.71 -5.04
N ALA A 350 11.09 32.58 -4.56
CA ALA A 350 9.65 32.42 -4.43
C ALA A 350 9.07 33.42 -3.45
N PHE A 351 9.73 33.62 -2.31
CA PHE A 351 9.25 34.58 -1.33
C PHE A 351 9.27 35.99 -1.88
N ALA A 352 10.28 36.33 -2.69
CA ALA A 352 10.35 37.64 -3.30
C ALA A 352 9.23 37.83 -4.31
N LEU A 353 8.90 36.78 -5.06
CA LEU A 353 7.78 36.86 -5.98
C LEU A 353 6.48 37.13 -5.23
N LEU A 354 6.23 36.37 -4.16
CA LEU A 354 5.04 36.64 -3.36
C LEU A 354 5.07 38.02 -2.75
N LEU A 355 6.24 38.47 -2.30
CA LEU A 355 6.36 39.74 -1.61
C LEU A 355 6.09 40.90 -2.55
N GLY A 356 6.65 40.86 -3.75
CA GLY A 356 6.34 41.88 -4.74
C GLY A 356 4.91 41.84 -5.19
N MET A 357 4.33 40.64 -5.29
CA MET A 357 2.89 40.54 -5.56
C MET A 357 2.09 41.23 -4.47
N MET A 358 2.46 41.01 -3.21
CA MET A 358 1.81 41.68 -2.10
C MET A 358 1.94 43.18 -2.21
N LEU A 359 3.14 43.66 -2.55
CA LEU A 359 3.36 45.11 -2.64
C LEU A 359 2.50 45.71 -3.74
N VAL A 360 2.42 45.06 -4.90
CA VAL A 360 1.61 45.57 -6.00
C VAL A 360 0.14 45.58 -5.60
N PHE A 361 -0.35 44.49 -5.02
CA PHE A 361 -1.75 44.42 -4.63
C PHE A 361 -2.08 45.46 -3.57
N SER A 362 -1.21 45.62 -2.58
CA SER A 362 -1.43 46.62 -1.54
C SER A 362 -1.41 48.03 -2.10
N SER A 363 -0.59 48.26 -3.13
CA SER A 363 -0.63 49.54 -3.81
C SER A 363 -1.99 49.75 -4.48
N VAL A 364 -2.53 48.70 -5.08
CA VAL A 364 -3.83 48.82 -5.73
C VAL A 364 -4.95 48.95 -4.69
N THR A 365 -4.95 48.10 -3.67
CA THR A 365 -6.03 48.13 -2.68
C THR A 365 -5.89 49.35 -1.77
N PRO A 366 -7.01 49.91 -1.31
CA PRO A 366 -6.96 51.16 -0.56
C PRO A 366 -6.61 50.98 0.91
N THR A 367 -5.92 51.98 1.45
CA THR A 367 -5.61 52.02 2.85
C THR A 367 -6.84 52.41 3.67
N PRO A 368 -7.02 51.85 4.87
CA PRO A 368 -8.11 52.31 5.73
C PRO A 368 -8.01 53.79 6.04
N ASP A 369 -9.18 54.43 6.18
CA ASP A 369 -9.22 55.88 6.36
C ASP A 369 -8.53 56.30 7.65
N HIS A 370 -8.62 55.48 8.70
CA HIS A 370 -7.96 55.82 9.95
C HIS A 370 -6.45 55.92 9.78
N ASN A 371 -5.87 54.94 9.10
CA ASN A 371 -4.43 55.00 8.82
C ASN A 371 -4.10 56.20 7.94
N LEU A 372 -4.98 56.52 6.99
CA LEU A 372 -4.74 57.66 6.11
C LEU A 372 -4.68 58.96 6.89
N ILE A 373 -5.64 59.18 7.79
CA ILE A 373 -5.63 60.42 8.58
C ILE A 373 -4.46 60.41 9.56
N VAL A 374 -4.10 59.24 10.11
CA VAL A 374 -2.95 59.18 11.01
C VAL A 374 -1.69 59.61 10.28
N LEU A 375 -1.48 59.12 9.05
CA LEU A 375 -0.30 59.52 8.30
C LEU A 375 -0.39 60.97 7.83
N SER A 376 -1.60 61.46 7.52
CA SER A 376 -1.75 62.85 7.14
C SER A 376 -1.38 63.78 8.29
N ASP A 377 -1.65 63.36 9.52
CA ASP A 377 -1.29 64.16 10.68
C ASP A 377 0.22 64.35 10.81
N TYR A 378 1.03 63.45 10.23
CA TYR A 378 2.48 63.50 10.40
C TYR A 378 3.27 63.65 9.11
N LEU A 379 2.73 63.25 7.96
CA LEU A 379 3.55 63.18 6.76
C LEU A 379 3.03 64.12 5.68
N PRO A 380 3.92 64.61 4.81
CA PRO A 380 3.48 65.47 3.71
C PRO A 380 2.72 64.70 2.65
N LEU A 381 1.91 65.43 1.89
CA LEU A 381 1.07 64.83 0.86
C LEU A 381 1.91 64.24 -0.27
N SER A 382 2.83 65.04 -0.81
CA SER A 382 3.65 64.58 -1.93
C SER A 382 4.49 63.38 -1.52
N LEU A 383 5.01 63.39 -0.29
CA LEU A 383 5.77 62.26 0.20
C LEU A 383 4.92 61.00 0.25
N VAL A 384 3.67 61.12 0.71
CA VAL A 384 2.80 59.96 0.81
C VAL A 384 2.47 59.40 -0.57
N GLU A 385 2.12 60.28 -1.51
CA GLU A 385 1.78 59.81 -2.86
C GLU A 385 3.00 59.17 -3.55
N SER A 386 4.17 59.81 -3.40
CA SER A 386 5.38 59.24 -3.97
C SER A 386 5.71 57.91 -3.32
N ALA A 387 5.48 57.78 -2.01
CA ALA A 387 5.72 56.51 -1.33
C ALA A 387 4.81 55.43 -1.86
N HIS A 388 3.53 55.77 -2.11
CA HIS A 388 2.61 54.79 -2.68
C HIS A 388 3.09 54.31 -4.05
N PHE A 389 3.39 55.26 -4.95
CA PHE A 389 3.82 54.89 -6.29
C PHE A 389 5.13 54.11 -6.26
N LEU A 390 6.08 54.54 -5.42
CA LEU A 390 7.36 53.87 -5.33
C LEU A 390 7.24 52.49 -4.69
N SER A 391 6.33 52.31 -3.74
CA SER A 391 6.10 50.98 -3.20
C SER A 391 5.56 50.04 -4.26
N SER A 392 4.64 50.54 -5.10
CA SER A 392 4.15 49.73 -6.21
C SER A 392 5.28 49.33 -7.15
N LEU A 393 6.07 50.32 -7.60
CA LEU A 393 7.15 50.02 -8.53
C LEU A 393 8.23 49.16 -7.87
N LEU A 394 8.42 49.28 -6.55
CA LEU A 394 9.41 48.48 -5.86
C LEU A 394 8.96 47.04 -5.72
N GLY A 395 7.66 46.82 -5.54
CA GLY A 395 7.15 45.45 -5.60
C GLY A 395 7.37 44.83 -6.95
N LEU A 396 7.12 45.59 -8.02
CA LEU A 396 7.39 45.04 -9.35
C LEU A 396 8.89 44.78 -9.55
N ALA A 397 9.73 45.67 -9.02
CA ALA A 397 11.18 45.46 -9.10
C ALA A 397 11.61 44.24 -8.32
N ILE A 398 10.97 43.98 -7.17
CA ILE A 398 11.30 42.80 -6.39
C ILE A 398 10.93 41.52 -7.14
N ILE A 399 9.76 41.50 -7.78
CA ILE A 399 9.41 40.30 -8.53
C ILE A 399 10.22 40.19 -9.81
N VAL A 400 10.83 41.28 -10.27
CA VAL A 400 11.81 41.18 -11.36
C VAL A 400 13.12 40.58 -10.86
N ALA A 401 13.61 41.06 -9.71
CA ALA A 401 14.88 40.60 -9.14
C ALA A 401 14.78 39.22 -8.51
N ALA A 402 13.57 38.69 -8.35
CA ALA A 402 13.43 37.34 -7.81
C ALA A 402 14.13 36.31 -8.69
N ARG A 403 14.04 36.48 -10.01
CA ARG A 403 14.73 35.57 -10.91
C ARG A 403 16.23 35.60 -10.69
N GLY A 404 16.79 36.80 -10.52
CA GLY A 404 18.21 36.90 -10.23
C GLY A 404 18.57 36.27 -8.90
N LEU A 405 17.71 36.43 -7.89
CA LEU A 405 17.92 35.76 -6.62
C LEU A 405 17.97 34.25 -6.80
N SER A 406 17.11 33.71 -7.66
CA SER A 406 17.14 32.29 -7.95
C SER A 406 18.45 31.86 -8.59
N GLN A 407 19.18 32.80 -9.20
CA GLN A 407 20.44 32.51 -9.85
C GLN A 407 21.65 32.93 -9.03
N ARG A 408 21.47 33.22 -7.74
CA ARG A 408 22.54 33.57 -6.83
C ARG A 408 23.30 34.82 -7.29
N LEU A 409 22.62 35.73 -7.96
CA LEU A 409 23.28 36.92 -8.48
C LEU A 409 23.54 37.92 -7.36
N ASP A 410 24.77 38.41 -7.29
CA ASP A 410 25.11 39.43 -6.29
C ASP A 410 24.34 40.71 -6.53
N GLY A 411 24.26 41.14 -7.78
CA GLY A 411 23.48 42.33 -8.11
C GLY A 411 22.01 42.14 -7.77
N ALA A 412 21.49 40.93 -7.96
CA ALA A 412 20.11 40.65 -7.59
C ALA A 412 19.93 40.72 -6.08
N TRP A 413 20.90 40.23 -5.31
CA TRP A 413 20.81 40.37 -3.87
C TRP A 413 20.77 41.84 -3.47
N TRP A 414 21.63 42.66 -4.06
CA TRP A 414 21.64 44.09 -3.73
C TRP A 414 20.31 44.74 -4.09
N VAL A 415 19.83 44.48 -5.31
CA VAL A 415 18.60 45.11 -5.77
C VAL A 415 17.42 44.71 -4.90
N SER A 416 17.30 43.40 -4.63
CA SER A 416 16.19 42.92 -3.82
C SER A 416 16.29 43.41 -2.39
N THR A 417 17.49 43.45 -1.82
CA THR A 417 17.64 43.93 -0.45
C THR A 417 17.25 45.39 -0.33
N PHE A 418 17.78 46.25 -1.20
CA PHE A 418 17.45 47.66 -1.12
C PHE A 418 15.99 47.92 -1.47
N SER A 419 15.44 47.21 -2.44
CA SER A 419 14.02 47.37 -2.76
C SER A 419 13.15 46.95 -1.60
N ALA A 420 13.50 45.85 -0.93
CA ALA A 420 12.72 45.40 0.23
C ALA A 420 12.82 46.39 1.38
N LEU A 421 14.01 46.94 1.63
CA LEU A 421 14.15 47.92 2.71
C LEU A 421 13.38 49.19 2.40
N PHE A 422 13.51 49.70 1.17
CA PHE A 422 12.80 50.91 0.79
C PHE A 422 11.30 50.67 0.77
N ALA A 423 10.85 49.48 0.40
CA ALA A 423 9.43 49.17 0.43
C ALA A 423 8.92 48.99 1.85
N LEU A 424 9.77 48.47 2.75
CA LEU A 424 9.44 48.46 4.16
C LEU A 424 9.16 49.87 4.66
N PHE A 425 10.08 50.79 4.38
CA PHE A 425 9.89 52.17 4.81
C PHE A 425 8.68 52.81 4.11
N PHE A 426 8.52 52.57 2.81
CA PHE A 426 7.44 53.19 2.06
C PHE A 426 6.09 52.59 2.41
N SER A 427 6.04 51.39 2.96
CA SER A 427 4.80 50.82 3.45
C SER A 427 4.50 51.29 4.87
N LEU A 428 5.53 51.53 5.68
CA LEU A 428 5.31 52.20 6.95
C LEU A 428 4.93 53.66 6.76
N LEU A 429 5.19 54.23 5.58
CA LEU A 429 4.86 55.63 5.29
C LEU A 429 3.53 55.79 4.57
N LYS A 430 3.32 55.07 3.46
CA LYS A 430 2.06 55.16 2.72
C LYS A 430 0.89 54.60 3.49
N ALA A 431 1.13 53.86 4.56
CA ALA A 431 0.09 53.28 5.40
C ALA A 431 0.75 52.85 6.70
N ILE A 432 -0.01 52.18 7.56
CA ILE A 432 0.60 51.56 8.73
C ILE A 432 1.25 50.24 8.36
N ALA A 433 0.52 49.39 7.64
CA ALA A 433 1.05 48.20 6.99
C ALA A 433 1.89 47.35 7.96
N ILE A 434 1.25 46.91 9.03
CA ILE A 434 1.97 46.16 10.06
C ILE A 434 2.43 44.82 9.53
N VAL A 435 1.53 44.04 8.94
CA VAL A 435 1.90 42.73 8.42
C VAL A 435 2.78 42.89 7.18
N GLU A 436 2.49 43.89 6.34
CA GLU A 436 3.33 44.17 5.18
C GLU A 436 4.75 44.49 5.62
N ALA A 437 4.90 45.38 6.59
CA ALA A 437 6.22 45.73 7.08
C ALA A 437 6.91 44.54 7.73
N GLY A 438 6.14 43.73 8.47
CA GLY A 438 6.73 42.55 9.08
C GLY A 438 7.27 41.57 8.06
N LEU A 439 6.50 41.33 7.00
CA LEU A 439 6.94 40.42 5.95
C LEU A 439 8.17 40.97 5.23
N LEU A 440 8.16 42.28 4.93
CA LEU A 440 9.32 42.87 4.24
C LEU A 440 10.56 42.82 5.12
N ALA A 441 10.41 43.09 6.42
CA ALA A 441 11.55 43.04 7.34
C ALA A 441 12.07 41.62 7.49
N PHE A 442 11.16 40.64 7.53
CA PHE A 442 11.58 39.25 7.58
C PHE A 442 12.33 38.86 6.31
N PHE A 443 11.87 39.34 5.15
CA PHE A 443 12.59 39.11 3.91
C PHE A 443 13.98 39.70 3.96
N VAL A 444 14.10 40.94 4.46
CA VAL A 444 15.40 41.58 4.58
C VAL A 444 16.31 40.80 5.52
N PHE A 445 15.76 40.33 6.64
CA PHE A 445 16.52 39.54 7.59
C PHE A 445 17.07 38.28 6.94
N SER A 446 16.19 37.50 6.30
CA SER A 446 16.62 36.28 5.64
C SER A 446 17.56 36.55 4.48
N LEU A 447 17.46 37.72 3.86
CA LEU A 447 18.31 38.07 2.74
C LEU A 447 19.71 38.46 3.18
N VAL A 448 19.84 39.15 4.31
CA VAL A 448 21.15 39.50 4.82
C VAL A 448 21.80 38.36 5.58
N VAL A 449 21.01 37.46 6.17
CA VAL A 449 21.57 36.29 6.82
C VAL A 449 22.18 35.35 5.78
N SER A 450 21.54 35.22 4.62
CA SER A 450 22.01 34.36 3.54
C SER A 450 22.80 35.14 2.49
N ARG A 451 23.55 36.17 2.92
CA ARG A 451 24.26 37.02 1.97
C ARG A 451 25.31 36.23 1.19
N ARG A 452 25.98 35.28 1.85
CA ARG A 452 27.11 34.60 1.23
C ARG A 452 26.70 33.85 -0.04
N LEU A 453 25.47 33.35 -0.09
CA LEU A 453 25.05 32.51 -1.20
C LEU A 453 24.92 33.28 -2.51
N PHE A 454 24.83 34.61 -2.45
CA PHE A 454 24.60 35.44 -3.64
C PHE A 454 25.91 36.16 -3.96
N LYS A 455 26.74 35.52 -4.80
CA LYS A 455 28.03 36.08 -5.17
C LYS A 455 28.27 36.10 -6.67
N ARG A 456 27.38 35.55 -7.49
CA ARG A 456 27.59 35.53 -8.93
C ARG A 456 27.56 36.94 -9.48
N PRO A 457 28.46 37.27 -10.41
CA PRO A 457 28.56 38.65 -10.91
C PRO A 457 27.74 38.97 -12.15
N ALA A 458 26.84 38.09 -12.58
CA ALA A 458 26.05 38.37 -13.78
C ALA A 458 25.05 39.49 -13.49
N SER A 459 24.42 39.98 -14.56
CA SER A 459 23.55 41.15 -14.48
C SER A 459 22.09 40.75 -14.69
N LEU A 460 21.22 41.35 -13.88
CA LEU A 460 19.79 41.06 -13.98
C LEU A 460 19.23 41.53 -15.31
N LEU A 461 19.62 42.74 -15.73
CA LEU A 461 19.05 43.39 -16.90
C LEU A 461 19.78 43.03 -18.18
N ASN A 462 20.43 41.87 -18.21
CA ASN A 462 21.12 41.38 -19.40
C ASN A 462 20.68 39.97 -19.72
N GLN A 463 19.39 39.68 -19.56
CA GLN A 463 18.87 38.34 -19.70
C GLN A 463 17.45 38.37 -20.24
N THR A 464 17.17 37.51 -21.23
CA THR A 464 15.80 37.20 -21.57
C THR A 464 15.19 36.43 -20.41
N LEU A 465 14.15 37.00 -19.79
CA LEU A 465 13.80 36.61 -18.43
C LEU A 465 13.41 35.14 -18.33
N THR A 466 12.23 34.78 -18.82
CA THR A 466 11.77 33.40 -19.00
C THR A 466 10.35 33.50 -19.54
N ALA A 467 9.88 32.42 -20.19
CA ALA A 467 8.45 32.32 -20.45
C ALA A 467 7.68 32.26 -19.14
N GLY A 468 8.17 31.48 -18.17
CA GLY A 468 7.52 31.41 -16.87
C GLY A 468 7.58 32.71 -16.10
N TRP A 469 8.70 33.43 -16.20
CA TRP A 469 8.82 34.66 -15.43
C TRP A 469 7.99 35.80 -16.03
N LEU A 470 7.95 35.91 -17.36
CA LEU A 470 6.97 36.82 -17.95
C LEU A 470 5.55 36.39 -17.67
N THR A 471 5.29 35.08 -17.58
CA THR A 471 3.97 34.64 -17.16
C THR A 471 3.64 35.13 -15.76
N ALA A 472 4.60 35.03 -14.84
CA ALA A 472 4.37 35.52 -13.48
C ALA A 472 4.16 37.02 -13.46
N ILE A 473 4.97 37.76 -14.21
CA ILE A 473 4.82 39.22 -14.26
C ILE A 473 3.44 39.59 -14.80
N ALA A 474 3.03 38.94 -15.90
CA ALA A 474 1.73 39.24 -16.50
C ALA A 474 0.59 38.87 -15.57
N VAL A 475 0.71 37.73 -14.88
CA VAL A 475 -0.34 37.32 -13.94
C VAL A 475 -0.47 38.33 -12.81
N VAL A 476 0.66 38.74 -12.24
CA VAL A 476 0.62 39.74 -11.16
C VAL A 476 0.00 41.04 -11.66
N CYS A 477 0.39 41.46 -12.86
CA CYS A 477 -0.06 42.76 -13.37
C CYS A 477 -1.55 42.74 -13.69
N ILE A 478 -2.01 41.68 -14.36
CA ILE A 478 -3.43 41.57 -14.71
C ILE A 478 -4.27 41.39 -13.46
N GLY A 479 -3.75 40.65 -12.46
CA GLY A 479 -4.45 40.55 -11.20
C GLY A 479 -4.57 41.89 -10.50
N ALA A 480 -3.51 42.70 -10.55
CA ALA A 480 -3.58 44.04 -9.98
C ALA A 480 -4.60 44.89 -10.71
N ILE A 481 -4.63 44.80 -12.04
CA ILE A 481 -5.60 45.59 -12.82
C ILE A 481 -7.02 45.18 -12.48
N VAL A 482 -7.27 43.87 -12.36
CA VAL A 482 -8.61 43.40 -12.05
C VAL A 482 -8.98 43.77 -10.62
N VAL A 483 -8.02 43.73 -9.69
CA VAL A 483 -8.31 44.14 -8.32
C VAL A 483 -8.64 45.62 -8.27
N LEU A 484 -7.97 46.42 -9.10
CA LEU A 484 -8.31 47.84 -9.20
C LEU A 484 -9.72 48.02 -9.74
N PHE A 485 -10.07 47.28 -10.79
CA PHE A 485 -11.41 47.38 -11.36
C PHE A 485 -12.47 46.92 -10.36
N PHE A 486 -12.11 46.01 -9.46
CA PHE A 486 -13.06 45.49 -8.49
C PHE A 486 -13.22 46.43 -7.31
N VAL A 487 -12.12 46.96 -6.80
CA VAL A 487 -12.16 47.83 -5.63
C VAL A 487 -12.90 49.12 -5.96
N TYR A 488 -12.61 49.72 -7.10
CA TYR A 488 -13.19 50.98 -7.51
C TYR A 488 -14.20 50.78 -8.64
N ARG A 489 -14.98 49.70 -8.56
CA ARG A 489 -16.03 49.49 -9.55
C ARG A 489 -17.16 50.49 -9.37
N ASP A 490 -17.55 50.76 -8.12
CA ASP A 490 -18.60 51.74 -7.87
C ASP A 490 -18.18 53.13 -8.34
N VAL A 491 -16.95 53.52 -8.04
CA VAL A 491 -16.45 54.81 -8.50
C VAL A 491 -16.17 54.74 -9.99
N GLY A 492 -16.72 55.69 -10.74
CA GLY A 492 -16.52 55.71 -12.17
C GLY A 492 -15.11 56.11 -12.55
N TYR A 493 -14.78 55.86 -13.82
CA TYR A 493 -13.47 56.22 -14.36
C TYR A 493 -13.56 57.65 -14.88
N SER A 494 -13.17 58.60 -14.03
CA SER A 494 -13.14 60.00 -14.39
C SER A 494 -11.73 60.39 -14.80
N ASN A 495 -11.61 61.16 -15.89
CA ASN A 495 -10.31 61.60 -16.35
C ASN A 495 -9.63 62.52 -15.34
N GLU A 496 -10.39 63.11 -14.43
CA GLU A 496 -9.82 63.94 -13.37
C GLU A 496 -9.30 63.12 -12.21
N LEU A 497 -9.61 61.82 -12.15
CA LEU A 497 -9.08 60.97 -11.09
C LEU A 497 -7.57 60.81 -11.18
N TRP A 498 -6.98 61.10 -12.34
CA TRP A 498 -5.53 60.97 -12.48
C TRP A 498 -4.80 61.93 -11.56
N TRP A 499 -5.28 63.16 -11.43
CA TRP A 499 -4.53 64.22 -10.78
C TRP A 499 -5.00 64.54 -9.37
N GLN A 500 -5.93 63.76 -8.82
CA GLN A 500 -6.35 63.98 -7.44
C GLN A 500 -5.26 63.54 -6.47
N PHE A 501 -5.04 64.34 -5.43
CA PHE A 501 -3.89 64.12 -4.56
C PHE A 501 -4.17 64.25 -3.06
N GLU A 502 -5.29 64.82 -2.64
CA GLU A 502 -5.43 65.32 -1.27
C GLU A 502 -6.04 64.32 -0.29
N PHE A 503 -5.51 63.09 -0.26
CA PHE A 503 -5.83 62.12 0.78
C PHE A 503 -7.30 61.72 0.82
N ALA A 504 -8.13 62.30 -0.05
CA ALA A 504 -9.57 62.05 0.03
C ALA A 504 -9.89 60.60 -0.26
N ASP A 505 -9.23 60.03 -1.25
CA ASP A 505 -9.42 58.64 -1.63
C ASP A 505 -8.15 58.15 -2.31
N GLU A 506 -7.92 56.85 -2.25
CA GLU A 506 -6.77 56.26 -2.91
C GLU A 506 -7.09 55.71 -4.29
N ALA A 507 -8.30 55.96 -4.79
CA ALA A 507 -8.58 55.67 -6.20
C ALA A 507 -7.61 56.39 -7.14
N PRO A 508 -7.31 57.69 -6.95
CA PRO A 508 -6.21 58.27 -7.73
C PRO A 508 -4.87 57.59 -7.47
N ARG A 509 -4.59 57.23 -6.21
CA ARG A 509 -3.35 56.54 -5.91
C ARG A 509 -3.35 55.14 -6.52
N GLY A 510 -4.45 54.41 -6.37
CA GLY A 510 -4.53 53.09 -6.96
C GLY A 510 -4.46 53.10 -8.47
N LEU A 511 -5.15 54.06 -9.10
CA LEU A 511 -5.11 54.15 -10.55
C LEU A 511 -3.72 54.49 -11.06
N ARG A 512 -3.04 55.43 -10.39
CA ARG A 512 -1.68 55.78 -10.79
C ARG A 512 -0.73 54.60 -10.60
N ALA A 513 -0.88 53.88 -9.48
CA ALA A 513 -0.04 52.72 -9.25
C ALA A 513 -0.27 51.64 -10.29
N ALA A 514 -1.53 51.41 -10.65
CA ALA A 514 -1.84 50.40 -11.66
C ALA A 514 -1.27 50.80 -13.02
N LEU A 515 -1.38 52.09 -13.37
CA LEU A 515 -0.79 52.55 -14.63
C LEU A 515 0.73 52.37 -14.62
N GLY A 516 1.37 52.71 -13.50
CA GLY A 516 2.81 52.51 -13.41
C GLY A 516 3.21 51.06 -13.53
N ILE A 517 2.46 50.17 -12.86
CA ILE A 517 2.70 48.74 -12.99
C ILE A 517 2.59 48.28 -14.43
N SER A 518 1.50 48.68 -15.10
CA SER A 518 1.30 48.26 -16.48
C SER A 518 2.43 48.75 -17.38
N ILE A 519 2.82 50.02 -17.24
CA ILE A 519 3.85 50.58 -18.10
C ILE A 519 5.19 49.90 -17.86
N VAL A 520 5.58 49.75 -16.59
CA VAL A 520 6.88 49.18 -16.29
C VAL A 520 6.93 47.70 -16.68
N SER A 521 5.82 46.98 -16.50
CA SER A 521 5.79 45.58 -16.90
C SER A 521 5.86 45.44 -18.42
N SER A 522 5.17 46.32 -19.15
CA SER A 522 5.30 46.30 -20.60
C SER A 522 6.73 46.62 -21.02
N ALA A 523 7.37 47.55 -20.33
CA ALA A 523 8.78 47.84 -20.61
C ALA A 523 9.65 46.62 -20.35
N ILE A 524 9.38 45.90 -19.26
CA ILE A 524 10.17 44.72 -18.94
C ILE A 524 9.98 43.64 -20.00
N ALA A 525 8.74 43.41 -20.42
CA ALA A 525 8.48 42.41 -21.46
C ALA A 525 9.16 42.80 -22.78
N ILE A 526 9.06 44.07 -23.16
CA ILE A 526 9.70 44.54 -24.38
C ILE A 526 11.21 44.38 -24.30
N PHE A 527 11.79 44.73 -23.15
CA PHE A 527 13.23 44.59 -22.99
C PHE A 527 13.66 43.13 -23.06
N SER A 528 12.86 42.23 -22.48
CA SER A 528 13.20 40.81 -22.52
C SER A 528 13.09 40.23 -23.92
N LEU A 529 12.11 40.68 -24.70
CA LEU A 529 11.98 40.22 -26.07
C LEU A 529 12.82 41.01 -27.06
N LEU A 530 13.54 42.03 -26.61
CA LEU A 530 14.50 42.73 -27.47
C LEU A 530 15.91 42.58 -26.94
N VAL A 540 35.35 31.82 -33.45
CA VAL A 540 36.57 31.05 -33.22
C VAL A 540 37.78 31.79 -33.79
N SER A 541 38.96 31.23 -33.56
CA SER A 541 40.21 31.79 -34.06
C SER A 541 41.26 30.68 -34.02
N ASP A 542 42.52 31.05 -34.22
CA ASP A 542 43.62 30.09 -34.16
C ASP A 542 44.35 30.13 -32.82
N ASP A 543 44.57 31.31 -32.26
CA ASP A 543 45.20 31.39 -30.94
C ASP A 543 44.32 30.78 -29.87
N ALA A 544 43.00 30.91 -30.01
CA ALA A 544 42.10 30.26 -29.07
C ALA A 544 42.28 28.75 -29.08
N VAL A 545 42.31 28.15 -30.27
CA VAL A 545 42.52 26.71 -30.38
C VAL A 545 43.89 26.33 -29.86
N ALA A 546 44.90 27.18 -30.11
CA ALA A 546 46.23 26.90 -29.61
C ALA A 546 46.25 26.82 -28.09
N ARG A 547 45.70 27.84 -27.42
CA ARG A 547 45.68 27.83 -25.97
C ARG A 547 44.83 26.68 -25.44
N ALA A 548 43.73 26.36 -26.14
CA ALA A 548 42.92 25.22 -25.75
C ALA A 548 43.72 23.93 -25.80
N VAL A 549 44.53 23.74 -26.85
CA VAL A 549 45.35 22.54 -26.97
C VAL A 549 46.43 22.52 -25.90
N GLU A 550 46.99 23.68 -25.56
CA GLU A 550 47.94 23.74 -24.46
C GLU A 550 47.31 23.26 -23.17
N ILE A 551 46.09 23.75 -22.88
CA ILE A 551 45.37 23.31 -21.69
C ILE A 551 45.09 21.81 -21.75
N VAL A 552 44.68 21.33 -22.93
CA VAL A 552 44.35 19.92 -23.10
C VAL A 552 45.54 19.04 -22.77
N ARG A 553 46.70 19.37 -23.33
CA ARG A 553 47.90 18.58 -23.04
C ARG A 553 48.30 18.70 -21.58
N LYS A 554 48.08 19.87 -20.96
CA LYS A 554 48.43 20.02 -19.55
C LYS A 554 47.54 19.21 -18.62
N GLN A 555 46.42 18.65 -19.10
CA GLN A 555 45.48 17.93 -18.24
C GLN A 555 45.37 16.48 -18.70
N GLY A 556 44.40 15.76 -18.12
CA GLY A 556 44.30 14.34 -18.35
C GLY A 556 42.98 13.81 -18.88
N VAL A 557 42.35 14.54 -19.80
CA VAL A 557 41.15 14.07 -20.49
C VAL A 557 41.47 14.03 -21.98
N ALA A 558 41.47 12.82 -22.54
CA ALA A 558 41.87 12.66 -23.95
C ALA A 558 40.80 13.21 -24.89
N ASP A 559 39.53 13.07 -24.52
CA ASP A 559 38.44 13.52 -25.37
C ASP A 559 38.43 15.03 -25.57
N ALA A 560 39.18 15.77 -24.76
CA ALA A 560 39.27 17.21 -24.95
C ALA A 560 39.99 17.60 -26.23
N ASN A 561 40.64 16.64 -26.89
CA ASN A 561 41.33 16.92 -28.14
C ASN A 561 40.38 17.18 -29.30
N LEU A 562 39.07 17.00 -29.10
CA LEU A 562 38.12 17.37 -30.13
C LEU A 562 38.08 18.87 -30.38
N VAL A 563 38.71 19.67 -29.52
CA VAL A 563 38.77 21.11 -29.75
C VAL A 563 39.56 21.44 -31.01
N ARG A 564 40.49 20.58 -31.41
CA ARG A 564 41.32 20.84 -32.57
C ARG A 564 40.52 20.92 -33.86
N MET A 565 39.28 20.44 -33.87
CA MET A 565 38.46 20.49 -35.07
C MET A 565 38.19 21.93 -35.50
N GLY A 566 38.20 22.87 -34.56
CA GLY A 566 38.02 24.27 -34.87
C GLY A 566 36.59 24.72 -35.05
N ASP A 567 35.62 23.82 -34.91
CA ASP A 567 34.21 24.17 -35.05
C ASP A 567 33.55 24.51 -33.73
N LYS A 568 34.26 24.38 -32.61
CA LYS A 568 33.71 24.71 -31.30
C LYS A 568 34.24 26.07 -30.85
N SER A 569 33.32 26.99 -30.59
CA SER A 569 33.69 28.23 -29.93
C SER A 569 34.26 27.90 -28.55
N ILE A 570 35.36 28.56 -28.21
CA ILE A 570 36.12 28.23 -27.01
C ILE A 570 35.97 29.38 -26.01
N MET A 571 35.59 29.04 -24.78
CA MET A 571 35.34 30.00 -23.72
C MET A 571 36.34 29.74 -22.61
N PHE A 572 37.29 30.66 -22.43
CA PHE A 572 38.38 30.43 -21.50
C PHE A 572 38.02 30.93 -20.09
N SER A 573 38.72 30.38 -19.11
CA SER A 573 38.54 30.79 -17.73
C SER A 573 39.12 32.18 -17.52
N GLU A 574 38.83 32.76 -16.35
CA GLU A 574 39.32 34.09 -16.03
C GLU A 574 40.85 34.14 -16.02
N LYS A 575 41.48 33.14 -15.41
CA LYS A 575 42.93 33.02 -15.46
C LYS A 575 43.43 32.44 -16.77
N GLY A 576 42.53 31.90 -17.60
CA GLY A 576 42.94 31.18 -18.79
C GLY A 576 43.36 29.75 -18.53
N ASP A 577 43.30 29.28 -17.28
CA ASP A 577 43.72 27.93 -16.97
C ASP A 577 42.82 26.89 -17.64
N ALA A 578 41.51 27.14 -17.64
CA ALA A 578 40.54 26.18 -18.15
C ALA A 578 39.70 26.80 -19.26
N PHE A 579 39.04 25.94 -20.03
CA PHE A 579 38.21 26.41 -21.12
C PHE A 579 37.01 25.48 -21.29
N ILE A 580 35.97 26.00 -21.94
CA ILE A 580 34.78 25.23 -22.29
C ILE A 580 34.59 25.34 -23.80
N MET A 581 34.81 24.24 -24.49
CA MET A 581 34.51 24.18 -25.92
C MET A 581 33.01 24.01 -26.08
N TYR A 582 32.42 24.79 -26.98
CA TYR A 582 30.97 24.75 -27.13
C TYR A 582 30.58 25.16 -28.54
N GLY A 583 29.37 24.79 -28.92
CA GLY A 583 28.80 25.22 -30.18
C GLY A 583 27.38 25.70 -29.97
N LYS A 584 27.01 26.73 -30.72
CA LYS A 584 25.70 27.36 -30.60
C LYS A 584 24.77 26.79 -31.66
N GLN A 585 23.58 26.38 -31.24
CA GLN A 585 22.59 25.85 -32.16
C GLN A 585 21.20 26.15 -31.63
N GLY A 586 20.33 26.66 -32.50
CA GLY A 586 18.99 27.03 -32.07
C GLY A 586 19.05 28.10 -30.99
N ARG A 587 18.34 27.86 -29.89
CA ARG A 587 18.33 28.76 -28.76
C ARG A 587 19.23 28.29 -27.62
N SER A 588 20.15 27.38 -27.90
CA SER A 588 20.95 26.76 -26.87
C SER A 588 22.43 26.84 -27.20
N TRP A 589 23.24 27.14 -26.18
CA TRP A 589 24.70 27.06 -26.29
C TRP A 589 25.11 25.67 -25.83
N ILE A 590 25.15 24.74 -26.77
CA ILE A 590 25.41 23.34 -26.45
C ILE A 590 26.89 23.15 -26.17
N ALA A 591 27.26 23.14 -24.89
CA ALA A 591 28.65 22.89 -24.53
C ALA A 591 28.98 21.42 -24.72
N LEU A 592 30.23 21.17 -25.11
CA LEU A 592 30.76 19.82 -25.22
C LEU A 592 31.15 19.32 -23.83
N PHE A 593 32.05 18.34 -23.79
CA PHE A 593 32.43 17.60 -22.60
C PHE A 593 32.86 18.55 -21.49
N ASP A 594 33.06 18.01 -20.28
CA ASP A 594 33.42 18.76 -19.08
C ASP A 594 34.42 19.87 -19.35
N PRO A 595 34.29 21.02 -18.70
CA PRO A 595 35.31 22.06 -18.82
C PRO A 595 36.71 21.49 -18.60
N VAL A 596 37.60 21.81 -19.52
CA VAL A 596 38.93 21.21 -19.58
C VAL A 596 39.92 22.10 -18.85
N GLY A 597 40.61 21.52 -17.87
CA GLY A 597 41.60 22.27 -17.13
C GLY A 597 41.75 21.79 -15.70
N PRO A 598 42.32 22.65 -14.85
CA PRO A 598 42.50 22.28 -13.45
C PRO A 598 41.17 22.00 -12.76
N ARG A 599 41.21 21.07 -11.80
CA ARG A 599 39.99 20.60 -11.16
C ARG A 599 39.23 21.72 -10.46
N GLN A 600 39.94 22.57 -9.71
CA GLN A 600 39.26 23.58 -8.91
C GLN A 600 38.76 24.75 -9.74
N ALA A 601 39.23 24.90 -10.97
CA ALA A 601 38.80 26.01 -11.83
C ALA A 601 37.55 25.69 -12.63
N LEU A 602 36.99 24.49 -12.50
CA LEU A 602 35.86 24.05 -13.30
C LEU A 602 34.50 24.58 -12.82
N PRO A 603 34.19 24.59 -11.52
CA PRO A 603 32.87 25.10 -11.10
C PRO A 603 32.61 26.53 -11.52
N ASP A 604 33.60 27.42 -11.34
CA ASP A 604 33.42 28.80 -11.75
C ASP A 604 33.27 28.91 -13.25
N LEU A 605 33.97 28.07 -14.01
CA LEU A 605 33.82 28.07 -15.45
C LEU A 605 32.42 27.62 -15.87
N ILE A 606 31.87 26.62 -15.18
CA ILE A 606 30.51 26.18 -15.48
C ILE A 606 29.52 27.31 -15.21
N TRP A 607 29.66 27.95 -14.04
CA TRP A 607 28.80 29.07 -13.70
C TRP A 607 28.91 30.17 -14.75
N ARG A 608 30.14 30.50 -15.15
CA ARG A 608 30.37 31.58 -16.10
C ARG A 608 29.79 31.25 -17.47
N PHE A 609 29.92 29.99 -17.90
CA PHE A 609 29.34 29.60 -19.17
C PHE A 609 27.82 29.71 -19.15
N VAL A 610 27.19 29.26 -18.06
CA VAL A 610 25.74 29.35 -17.97
C VAL A 610 25.29 30.80 -17.97
N GLU A 611 25.97 31.65 -17.20
CA GLU A 611 25.61 33.05 -17.12
C GLU A 611 25.80 33.75 -18.47
N THR A 612 26.89 33.43 -19.17
CA THR A 612 27.13 34.04 -20.47
C THR A 612 26.11 33.58 -21.50
N ALA A 613 25.72 32.31 -21.44
CA ALA A 613 24.67 31.83 -22.34
C ALA A 613 23.36 32.56 -22.07
N ARG A 614 23.03 32.79 -20.80
CA ARG A 614 21.84 33.57 -20.50
C ARG A 614 21.98 35.01 -20.98
N ALA A 615 23.19 35.57 -20.89
CA ALA A 615 23.41 36.93 -21.34
C ALA A 615 23.12 37.08 -22.84
N ALA A 616 23.54 36.09 -23.62
CA ALA A 616 23.20 36.05 -25.04
C ALA A 616 21.77 35.57 -25.27
N GLY A 617 20.98 35.43 -24.21
CA GLY A 617 19.61 34.96 -24.33
C GLY A 617 19.46 33.55 -24.84
N CYS A 618 20.31 32.63 -24.37
CA CYS A 618 20.27 31.24 -24.77
C CYS A 618 20.39 30.34 -23.56
N ARG A 619 19.84 29.14 -23.67
CA ARG A 619 19.86 28.16 -22.59
C ARG A 619 21.09 27.28 -22.73
N SER A 620 21.98 27.35 -21.74
CA SER A 620 23.21 26.58 -21.79
C SER A 620 22.91 25.08 -21.68
N VAL A 621 23.61 24.29 -22.49
CA VAL A 621 23.45 22.84 -22.51
C VAL A 621 24.84 22.22 -22.42
N PHE A 622 25.03 21.33 -21.45
CA PHE A 622 26.27 20.59 -21.30
C PHE A 622 26.09 19.19 -21.85
N TYR A 623 26.85 18.83 -22.85
CA TYR A 623 26.71 17.56 -23.54
C TYR A 623 27.78 16.59 -23.06
N GLN A 624 27.34 15.42 -22.60
CA GLN A 624 28.24 14.34 -22.18
C GLN A 624 29.19 14.78 -21.06
N ILE A 625 28.60 15.14 -19.93
CA ILE A 625 29.37 15.50 -18.75
C ILE A 625 29.53 14.28 -17.85
N SER A 626 30.65 14.21 -17.16
CA SER A 626 30.91 13.14 -16.22
C SER A 626 30.12 13.36 -14.93
N PRO A 627 29.89 12.29 -14.16
CA PRO A 627 29.17 12.46 -12.89
C PRO A 627 29.89 13.36 -11.90
N ALA A 628 31.19 13.58 -12.07
CA ALA A 628 31.93 14.40 -11.11
C ALA A 628 31.46 15.85 -11.11
N LEU A 629 30.92 16.32 -12.23
CA LEU A 629 30.52 17.71 -12.38
C LEU A 629 29.03 17.93 -12.20
N LEU A 630 28.28 16.90 -11.80
CA LEU A 630 26.84 17.03 -11.66
C LEU A 630 26.48 18.03 -10.56
N SER A 631 27.17 17.96 -9.42
CA SER A 631 26.85 18.86 -8.32
C SER A 631 27.09 20.31 -8.71
N TYR A 632 28.20 20.59 -9.40
CA TYR A 632 28.46 21.95 -9.84
C TYR A 632 27.45 22.40 -10.88
N CYS A 633 27.05 21.50 -11.78
CA CYS A 633 25.98 21.83 -12.72
C CYS A 633 24.66 22.05 -11.99
N ALA A 634 24.39 21.25 -10.95
CA ALA A 634 23.14 21.39 -10.21
C ALA A 634 23.08 22.75 -9.52
N ASP A 635 24.21 23.22 -8.97
CA ASP A 635 24.23 24.54 -8.35
C ASP A 635 23.91 25.62 -9.37
N ALA A 636 24.41 25.48 -10.59
CA ALA A 636 24.15 26.42 -11.67
C ALA A 636 22.77 26.30 -12.24
N GLY A 637 21.88 25.55 -11.60
CA GLY A 637 20.52 25.41 -12.11
C GLY A 637 20.41 24.52 -13.32
N LEU A 638 21.27 23.52 -13.45
CA LEU A 638 21.27 22.61 -14.58
C LEU A 638 20.88 21.22 -14.12
N ARG A 639 19.89 20.64 -14.79
CA ARG A 639 19.41 19.30 -14.47
C ARG A 639 19.96 18.32 -15.49
N ALA A 640 20.65 17.29 -15.02
CA ALA A 640 21.32 16.33 -15.88
C ALA A 640 20.39 15.18 -16.24
N PHE A 641 20.61 14.62 -17.43
CA PHE A 641 19.84 13.49 -17.92
C PHE A 641 20.79 12.52 -18.58
N LYS A 642 20.81 11.27 -18.11
CA LYS A 642 21.72 10.28 -18.63
C LYS A 642 21.41 9.97 -20.08
N LEU A 643 22.42 10.00 -20.94
CA LEU A 643 22.25 9.74 -22.36
C LEU A 643 23.18 8.66 -22.89
N GLY A 644 23.93 7.99 -22.02
CA GLY A 644 24.79 6.91 -22.45
C GLY A 644 25.85 6.63 -21.42
N GLU A 645 26.64 5.61 -21.71
CA GLU A 645 27.74 5.19 -20.86
C GLU A 645 29.04 5.22 -21.66
N LEU A 646 30.09 5.70 -21.02
CA LEU A 646 31.39 5.88 -21.65
C LEU A 646 32.29 4.72 -21.22
N ALA A 647 32.65 3.85 -22.17
CA ALA A 647 33.38 2.63 -21.86
C ALA A 647 34.85 2.95 -21.62
N VAL A 648 35.32 2.67 -20.41
CA VAL A 648 36.71 2.93 -20.02
C VAL A 648 37.37 1.59 -19.68
N VAL A 649 38.51 1.34 -20.32
CA VAL A 649 39.31 0.15 -20.03
C VAL A 649 40.52 0.59 -19.23
N ASN A 650 40.71 0.00 -18.06
CA ASN A 650 41.87 0.31 -17.23
C ASN A 650 43.07 -0.45 -17.78
N LEU A 651 44.03 0.29 -18.34
CA LEU A 651 45.18 -0.34 -18.97
C LEU A 651 46.13 -0.96 -17.96
N ALA A 652 46.08 -0.53 -16.70
CA ALA A 652 46.93 -1.13 -15.68
C ALA A 652 46.60 -2.60 -15.48
N ASN A 653 45.31 -2.95 -15.48
CA ASN A 653 44.85 -4.31 -15.28
C ASN A 653 44.62 -5.06 -16.58
N PHE A 654 44.89 -4.43 -17.72
CA PHE A 654 44.69 -5.08 -19.02
C PHE A 654 45.96 -5.84 -19.39
N GLU A 655 45.87 -7.16 -19.40
CA GLU A 655 46.90 -8.02 -19.96
C GLU A 655 46.21 -8.95 -20.95
N LEU A 656 46.46 -8.74 -22.24
CA LEU A 656 45.75 -9.48 -23.27
C LEU A 656 45.99 -10.98 -23.14
N LYS A 657 47.14 -11.38 -22.59
CA LYS A 657 47.44 -12.79 -22.37
C LYS A 657 46.80 -13.26 -21.06
N GLY A 658 45.50 -13.00 -20.93
CA GLY A 658 44.71 -13.46 -19.82
C GLY A 658 43.36 -13.96 -20.28
N GLY A 659 42.62 -14.56 -19.36
CA GLY A 659 41.35 -15.16 -19.70
C GLY A 659 40.23 -14.18 -19.95
N LYS A 660 40.39 -12.93 -19.50
CA LYS A 660 39.34 -11.94 -19.63
C LYS A 660 39.12 -11.47 -21.07
N TRP A 661 40.03 -11.79 -21.99
CA TRP A 661 39.96 -11.31 -23.36
C TRP A 661 40.21 -12.44 -24.35
N ALA A 662 39.52 -13.56 -24.15
CA ALA A 662 39.69 -14.71 -25.04
C ALA A 662 39.20 -14.41 -26.45
N ASN A 663 38.00 -13.85 -26.57
CA ASN A 663 37.51 -13.47 -27.90
C ASN A 663 38.44 -12.46 -28.54
N LEU A 664 39.03 -11.57 -27.72
CA LEU A 664 39.97 -10.60 -28.23
C LEU A 664 41.23 -11.26 -28.77
N ARG A 665 41.80 -12.22 -28.02
CA ARG A 665 42.99 -12.90 -28.52
C ARG A 665 42.69 -13.64 -29.81
N GLN A 666 41.54 -14.33 -29.88
CA GLN A 666 41.20 -15.04 -31.11
C GLN A 666 41.06 -14.09 -32.28
N THR A 667 40.36 -12.97 -32.08
CA THR A 667 40.14 -12.04 -33.19
C THR A 667 41.46 -11.40 -33.62
N ALA A 668 42.32 -11.05 -32.66
CA ALA A 668 43.61 -10.46 -32.99
C ALA A 668 44.49 -11.44 -33.75
N SER A 669 44.50 -12.70 -33.31
CA SER A 669 45.32 -13.71 -34.00
C SER A 669 44.79 -13.96 -35.41
N ARG A 670 43.47 -14.00 -35.58
CA ARG A 670 42.93 -14.23 -36.92
C ARG A 670 43.19 -13.03 -37.81
N ALA A 671 43.14 -11.81 -37.27
CA ALA A 671 43.48 -10.64 -38.04
C ALA A 671 44.96 -10.66 -38.45
N VAL A 672 45.83 -11.11 -37.54
CA VAL A 672 47.24 -11.26 -37.88
C VAL A 672 47.41 -12.26 -39.02
N ARG A 673 46.70 -13.39 -38.93
CA ARG A 673 46.72 -14.38 -40.00
C ARG A 673 46.08 -13.87 -41.28
N ASP A 674 45.31 -12.79 -41.21
CA ASP A 674 44.74 -12.18 -42.40
C ASP A 674 45.69 -11.19 -43.08
N GLY A 675 46.81 -10.87 -42.44
CA GLY A 675 47.79 -9.98 -43.04
C GLY A 675 47.71 -8.53 -42.63
N LEU A 676 46.94 -8.20 -41.59
CA LEU A 676 46.86 -6.82 -41.10
C LEU A 676 48.00 -6.52 -40.15
N GLU A 677 48.56 -5.31 -40.28
CA GLU A 677 49.63 -4.84 -39.43
C GLU A 677 49.30 -3.45 -38.93
N PHE A 678 49.72 -3.14 -37.70
CA PHE A 678 49.40 -1.89 -37.04
C PHE A 678 50.66 -1.08 -36.84
N ALA A 679 50.58 0.22 -37.17
CA ALA A 679 51.68 1.15 -36.95
C ALA A 679 51.12 2.47 -36.43
N VAL A 680 51.96 3.18 -35.68
CA VAL A 680 51.60 4.47 -35.11
C VAL A 680 52.33 5.56 -35.88
N ILE A 681 51.56 6.42 -36.53
CA ILE A 681 52.13 7.54 -37.28
C ILE A 681 52.17 8.77 -36.39
N GLU A 682 53.33 9.39 -36.30
CA GLU A 682 53.44 10.62 -35.55
C GLU A 682 52.73 11.76 -36.31
N PRO A 683 52.27 12.78 -35.59
CA PRO A 683 51.50 13.84 -36.26
C PRO A 683 52.30 14.65 -37.28
N GLN A 684 53.62 14.62 -37.23
CA GLN A 684 54.42 15.45 -38.11
C GLN A 684 54.66 14.84 -39.48
N ASP A 685 54.78 13.51 -39.57
CA ASP A 685 55.07 12.84 -40.83
C ASP A 685 53.84 12.15 -41.41
N ILE A 686 52.67 12.74 -41.24
CA ILE A 686 51.42 12.11 -41.65
C ILE A 686 51.07 12.28 -43.13
N PRO A 687 51.20 13.48 -43.74
CA PRO A 687 50.40 13.75 -44.97
C PRO A 687 50.59 12.76 -46.10
N ASP A 688 51.82 12.28 -46.30
CA ASP A 688 52.09 11.27 -47.31
C ASP A 688 51.24 10.03 -47.11
N VAL A 689 50.90 9.72 -45.87
CA VAL A 689 49.91 8.68 -45.59
C VAL A 689 48.51 9.26 -45.47
N LEU A 690 48.39 10.57 -45.22
CA LEU A 690 47.07 11.19 -45.07
C LEU A 690 46.28 11.15 -46.37
N ASP A 691 46.97 11.12 -47.51
CA ASP A 691 46.22 11.05 -48.76
C ASP A 691 45.39 9.77 -48.87
N GLN A 692 46.01 8.60 -48.66
CA GLN A 692 45.12 7.45 -48.67
C GLN A 692 44.39 7.24 -47.35
N LEU A 693 44.75 7.99 -46.30
CA LEU A 693 43.86 8.08 -45.14
C LEU A 693 42.52 8.68 -45.54
N ALA A 694 42.56 9.76 -46.33
CA ALA A 694 41.34 10.33 -46.87
C ALA A 694 40.64 9.33 -47.78
N HIS A 695 41.42 8.59 -48.57
CA HIS A 695 40.83 7.54 -49.41
C HIS A 695 40.03 6.54 -48.58
N VAL A 696 40.64 5.99 -47.53
CA VAL A 696 39.98 4.96 -46.73
C VAL A 696 38.81 5.53 -45.95
N SER A 697 38.94 6.77 -45.46
CA SER A 697 37.83 7.39 -44.76
C SER A 697 36.64 7.59 -45.70
N ASP A 698 36.90 8.02 -46.93
CA ASP A 698 35.82 8.18 -47.90
C ASP A 698 35.18 6.84 -48.22
N THR A 699 35.99 5.78 -48.37
CA THR A 699 35.43 4.48 -48.66
C THR A 699 34.54 3.99 -47.53
N TRP A 700 34.96 4.17 -46.28
CA TRP A 700 34.14 3.74 -45.15
C TRP A 700 32.87 4.58 -45.04
N LEU A 701 32.97 5.88 -45.32
CA LEU A 701 31.77 6.72 -45.31
C LEU A 701 30.79 6.27 -46.39
N ALA A 702 31.31 5.84 -47.54
CA ALA A 702 30.43 5.34 -48.60
C ALA A 702 29.83 3.99 -48.22
N ASP A 703 30.59 3.15 -47.51
CA ASP A 703 30.12 1.81 -47.19
C ASP A 703 28.88 1.84 -46.30
N HIS A 704 28.88 2.71 -45.29
CA HIS A 704 27.74 2.87 -44.40
C HIS A 704 27.03 4.17 -44.73
N ASN A 705 25.72 4.09 -44.95
CA ASN A 705 24.99 5.25 -45.43
C ASN A 705 24.83 6.29 -44.32
N ALA A 706 25.93 6.97 -44.00
CA ALA A 706 25.93 8.01 -42.99
C ALA A 706 26.75 9.19 -43.50
N LYS A 707 26.48 10.36 -42.95
CA LYS A 707 27.14 11.59 -43.35
C LYS A 707 28.34 11.85 -42.44
N GLU A 708 28.97 13.01 -42.61
CA GLU A 708 30.13 13.41 -41.83
C GLU A 708 29.64 14.24 -40.63
N LYS A 709 29.69 13.64 -39.45
CA LYS A 709 29.23 14.31 -38.24
C LYS A 709 30.28 15.30 -37.75
N SER A 710 29.89 16.11 -36.76
CA SER A 710 30.77 17.14 -36.25
C SER A 710 30.39 17.47 -34.82
N PHE A 711 31.31 18.17 -34.14
CA PHE A 711 31.12 18.73 -32.81
C PHE A 711 31.11 17.66 -31.71
N SER A 712 30.93 16.40 -32.07
CA SER A 712 31.06 15.33 -31.10
C SER A 712 31.73 14.08 -31.64
N LEU A 713 31.83 13.92 -32.94
CA LEU A 713 32.40 12.74 -33.57
C LEU A 713 33.40 13.18 -34.62
N GLY A 714 34.20 12.23 -35.09
CA GLY A 714 35.28 12.54 -36.01
C GLY A 714 34.85 13.12 -37.35
N ALA A 715 35.36 14.30 -37.65
CA ALA A 715 35.19 14.93 -38.95
C ALA A 715 36.55 14.98 -39.63
N PHE A 716 36.63 14.51 -40.88
CA PHE A 716 37.91 14.37 -41.57
C PHE A 716 38.36 15.73 -42.08
N ASP A 717 38.95 16.51 -41.17
CA ASP A 717 39.64 17.73 -41.55
C ASP A 717 41.12 17.44 -41.63
N PRO A 718 41.76 17.65 -42.79
CA PRO A 718 43.18 17.25 -42.92
C PRO A 718 44.08 17.87 -41.88
N ASP A 719 43.86 19.13 -41.51
CA ASP A 719 44.65 19.74 -40.44
C ASP A 719 44.37 19.06 -39.10
N TYR A 720 43.10 18.76 -38.82
CA TYR A 720 42.76 18.14 -37.55
C TYR A 720 43.42 16.78 -37.39
N VAL A 721 43.29 15.93 -38.40
CA VAL A 721 43.90 14.60 -38.32
C VAL A 721 45.42 14.71 -38.34
N CYS A 722 45.96 15.67 -39.09
CA CYS A 722 47.42 15.87 -39.09
C CYS A 722 47.93 16.28 -37.72
N SER A 723 47.11 16.99 -36.94
CA SER A 723 47.55 17.53 -35.66
C SER A 723 47.79 16.46 -34.61
N GLN A 724 47.31 15.23 -34.80
CA GLN A 724 47.41 14.20 -33.79
C GLN A 724 47.96 12.91 -34.37
N PRO A 725 48.65 12.11 -33.55
CA PRO A 725 49.09 10.79 -34.02
C PRO A 725 47.89 9.93 -34.40
N VAL A 726 48.06 9.13 -35.44
CA VAL A 726 46.99 8.32 -36.01
C VAL A 726 47.44 6.87 -36.02
N GLY A 727 46.89 6.05 -35.14
CA GLY A 727 47.09 4.63 -35.23
C GLY A 727 46.48 4.10 -36.51
N VAL A 728 47.29 3.45 -37.35
CA VAL A 728 46.85 3.04 -38.67
C VAL A 728 47.11 1.55 -38.84
N LEU A 729 46.18 0.86 -39.49
CA LEU A 729 46.25 -0.58 -39.71
C LEU A 729 46.57 -0.80 -41.19
N LYS A 730 47.75 -1.37 -41.45
CA LYS A 730 48.25 -1.55 -42.81
C LYS A 730 48.29 -3.04 -43.16
N LYS A 731 47.81 -3.36 -44.35
CA LYS A 731 47.80 -4.74 -44.84
C LYS A 731 48.30 -4.78 -46.27
N ASP A 732 49.29 -5.63 -46.52
CA ASP A 732 49.89 -5.78 -47.86
C ASP A 732 50.40 -4.44 -48.37
N GLY A 733 51.11 -3.72 -47.52
CA GLY A 733 51.64 -2.41 -47.88
C GLY A 733 50.63 -1.27 -47.76
N LYS A 734 49.47 -1.42 -48.40
CA LYS A 734 48.43 -0.42 -48.28
C LYS A 734 47.83 -0.46 -46.87
N ILE A 735 47.18 0.65 -46.51
CA ILE A 735 46.51 0.76 -45.22
C ILE A 735 45.01 0.68 -45.44
N VAL A 736 44.33 -0.09 -44.58
CA VAL A 736 42.90 -0.30 -44.71
C VAL A 736 42.12 0.21 -43.51
N ALA A 737 42.78 0.52 -42.41
CA ALA A 737 42.11 1.04 -41.23
C ALA A 737 43.00 2.04 -40.53
N PHE A 738 42.39 3.07 -39.96
CA PHE A 738 43.11 4.08 -39.20
C PHE A 738 42.19 4.61 -38.12
N ALA A 739 42.80 5.21 -37.10
CA ALA A 739 42.05 5.70 -35.95
C ALA A 739 42.83 6.81 -35.27
N ASN A 740 42.27 8.00 -35.23
CA ASN A 740 42.92 9.15 -34.61
C ASN A 740 43.12 8.91 -33.12
N ILE A 741 44.37 8.77 -32.69
CA ILE A 741 44.69 8.50 -31.30
C ILE A 741 44.72 9.82 -30.54
N LEU A 742 43.89 9.92 -29.50
CA LEU A 742 43.79 11.12 -28.69
C LEU A 742 44.62 10.94 -27.44
N MET A 743 45.57 11.86 -27.22
CA MET A 743 46.57 11.71 -26.17
C MET A 743 46.69 13.01 -25.38
N THR A 744 47.23 12.88 -24.16
CA THR A 744 47.57 14.01 -23.33
C THR A 744 48.96 13.81 -22.74
N GLU A 745 49.62 14.92 -22.42
CA GLU A 745 50.97 14.85 -21.88
C GLU A 745 51.00 14.13 -20.53
N THR A 746 50.03 14.44 -19.67
CA THR A 746 49.98 13.84 -18.34
C THR A 746 49.74 12.34 -18.37
N LYS A 747 49.32 11.80 -19.51
CA LYS A 747 49.16 10.36 -19.71
C LYS A 747 48.13 9.75 -18.77
N GLU A 748 47.22 10.57 -18.22
CA GLU A 748 46.16 10.03 -17.37
C GLU A 748 45.22 9.14 -18.17
N GLU A 749 44.89 9.55 -19.39
CA GLU A 749 43.92 8.82 -20.20
C GLU A 749 44.21 9.07 -21.68
N GLY A 750 43.99 8.05 -22.49
CA GLY A 750 44.05 8.19 -23.93
C GLY A 750 42.76 7.73 -24.56
N SER A 751 42.49 8.12 -25.80
CA SER A 751 41.22 7.79 -26.43
C SER A 751 41.39 7.78 -27.94
N VAL A 752 40.31 7.46 -28.63
CA VAL A 752 40.25 7.47 -30.09
C VAL A 752 38.97 8.19 -30.51
N ASP A 753 39.07 9.05 -31.53
CA ASP A 753 37.95 9.86 -31.96
C ASP A 753 37.19 9.21 -33.11
N LEU A 754 37.86 9.01 -34.24
CA LEU A 754 37.23 8.43 -35.43
C LEU A 754 38.10 7.32 -35.98
N MET A 755 37.46 6.26 -36.45
CA MET A 755 38.14 5.20 -37.16
C MET A 755 37.30 4.72 -38.33
N ARG A 756 37.98 4.39 -39.42
CA ARG A 756 37.32 4.04 -40.67
C ARG A 756 37.90 2.74 -41.20
N PHE A 757 37.10 2.04 -42.00
CA PHE A 757 37.48 0.72 -42.51
C PHE A 757 37.00 0.60 -43.95
N SER A 758 37.95 0.41 -44.87
CA SER A 758 37.58 0.10 -46.23
C SER A 758 37.01 -1.31 -46.32
N PRO A 759 36.21 -1.60 -47.34
CA PRO A 759 35.67 -2.96 -47.49
C PRO A 759 36.74 -4.02 -47.67
N ASP A 760 37.95 -3.64 -48.07
CA ASP A 760 39.05 -4.60 -48.19
C ASP A 760 39.43 -5.19 -46.84
N ALA A 761 39.11 -4.51 -45.74
CA ALA A 761 39.42 -5.04 -44.43
C ALA A 761 38.52 -6.22 -44.10
N PRO A 762 38.98 -7.15 -43.25
CA PRO A 762 38.11 -8.24 -42.80
C PRO A 762 37.15 -7.79 -41.72
N LYS A 763 36.38 -8.74 -41.17
CA LYS A 763 35.38 -8.38 -40.17
C LYS A 763 35.99 -8.04 -38.82
N GLY A 764 37.17 -8.57 -38.53
CA GLY A 764 37.84 -8.31 -37.26
C GLY A 764 38.76 -7.12 -37.25
N SER A 765 38.69 -6.27 -38.28
CA SER A 765 39.56 -5.09 -38.32
C SER A 765 39.27 -4.16 -37.15
N MET A 766 37.99 -3.97 -36.81
CA MET A 766 37.65 -3.13 -35.68
C MET A 766 38.28 -3.65 -34.39
N ASP A 767 38.10 -4.94 -34.12
CA ASP A 767 38.64 -5.53 -32.90
C ASP A 767 40.16 -5.42 -32.87
N PHE A 768 40.81 -5.74 -33.99
CA PHE A 768 42.27 -5.72 -34.01
C PHE A 768 42.81 -4.31 -33.84
N LEU A 769 42.17 -3.33 -34.50
CA LEU A 769 42.62 -1.94 -34.37
C LEU A 769 42.47 -1.46 -32.94
N PHE A 770 41.32 -1.76 -32.31
CA PHE A 770 41.14 -1.37 -30.91
C PHE A 770 42.17 -2.04 -30.01
N VAL A 771 42.41 -3.34 -30.21
CA VAL A 771 43.37 -4.05 -29.35
C VAL A 771 44.76 -3.48 -29.52
N GLN A 772 45.18 -3.21 -30.75
CA GLN A 772 46.50 -2.68 -30.99
C GLN A 772 46.66 -1.29 -30.40
N ILE A 773 45.67 -0.42 -30.59
CA ILE A 773 45.75 0.93 -30.03
C ILE A 773 45.76 0.87 -28.51
N LEU A 774 44.94 0.01 -27.93
CA LEU A 774 44.89 -0.12 -26.48
C LEU A 774 46.22 -0.62 -25.93
N GLU A 775 46.83 -1.60 -26.60
CA GLU A 775 48.12 -2.11 -26.15
C GLU A 775 49.20 -1.04 -26.28
N TYR A 776 49.20 -0.29 -27.38
CA TYR A 776 50.17 0.78 -27.54
C TYR A 776 50.02 1.84 -26.47
N LEU A 777 48.78 2.22 -26.15
CA LEU A 777 48.54 3.20 -25.11
C LEU A 777 48.98 2.68 -23.74
N LYS A 778 48.69 1.41 -23.45
CA LYS A 778 49.13 0.84 -22.18
C LYS A 778 50.66 0.82 -22.08
N GLY A 779 51.33 0.44 -23.17
CA GLY A 779 52.78 0.44 -23.15
C GLY A 779 53.37 1.83 -23.00
N GLU A 780 52.75 2.83 -23.63
CA GLU A 780 53.30 4.18 -23.59
C GLU A 780 53.12 4.85 -22.23
N GLY A 781 52.31 4.29 -21.34
CA GLY A 781 52.17 4.83 -20.00
C GLY A 781 50.83 5.47 -19.72
N PHE A 782 49.76 4.91 -20.28
CA PHE A 782 48.42 5.43 -20.08
C PHE A 782 47.68 4.56 -19.07
N GLN A 783 46.99 5.22 -18.13
CA GLN A 783 46.26 4.48 -17.10
C GLN A 783 44.99 3.86 -17.65
N ARG A 784 44.27 4.58 -18.50
CA ARG A 784 42.98 4.09 -18.99
C ARG A 784 42.78 4.55 -20.43
N PHE A 785 41.93 3.80 -21.13
CA PHE A 785 41.63 4.04 -22.54
C PHE A 785 40.13 4.17 -22.70
N ASN A 786 39.71 5.13 -23.52
CA ASN A 786 38.29 5.45 -23.70
C ASN A 786 37.81 4.75 -24.98
N LEU A 787 36.99 3.72 -24.81
CA LEU A 787 36.42 3.03 -25.97
C LEU A 787 35.43 3.92 -26.71
N GLY A 788 34.86 4.90 -26.02
CA GLY A 788 33.90 5.80 -26.62
C GLY A 788 32.61 5.78 -25.85
N MET A 789 31.51 6.05 -26.55
CA MET A 789 30.19 6.10 -25.97
C MET A 789 29.37 4.91 -26.45
N ALA A 790 28.52 4.40 -25.57
CA ALA A 790 27.56 3.37 -25.94
C ALA A 790 26.18 3.74 -25.44
N PRO A 791 25.14 3.36 -26.14
CA PRO A 791 23.77 3.58 -25.65
C PRO A 791 23.51 2.74 -24.41
N LEU A 792 22.55 3.19 -23.62
CA LEU A 792 22.21 2.50 -22.39
C LEU A 792 21.63 1.12 -22.67
N SER A 793 21.97 0.17 -21.81
CA SER A 793 21.45 -1.19 -21.95
C SER A 793 19.97 -1.23 -21.59
N GLY A 794 19.30 -2.29 -22.04
CA GLY A 794 17.90 -2.46 -21.73
C GLY A 794 17.64 -2.63 -20.24
N MET A 795 18.51 -3.38 -19.57
CA MET A 795 18.36 -3.56 -18.13
C MET A 795 18.48 -2.22 -17.41
N SER A 796 19.40 -1.36 -17.85
CA SER A 796 19.50 -0.03 -17.26
C SER A 796 18.21 0.76 -17.46
N ARG A 797 17.56 0.59 -18.61
CA ARG A 797 16.32 1.31 -18.87
C ARG A 797 15.12 0.67 -18.17
N ARG A 798 15.27 -0.55 -17.64
CA ARG A 798 14.15 -1.16 -16.94
C ARG A 798 13.76 -0.36 -15.70
N GLU A 799 14.74 0.09 -14.91
CA GLU A 799 14.45 0.96 -13.77
C GLU A 799 14.34 2.40 -14.28
N SER A 800 13.19 2.69 -14.89
CA SER A 800 12.92 3.99 -15.48
C SER A 800 11.80 4.69 -14.71
N ALA A 801 11.57 5.94 -15.08
CA ALA A 801 10.62 6.78 -14.36
C ALA A 801 9.19 6.26 -14.55
N PRO A 802 8.34 6.41 -13.54
CA PRO A 802 6.94 5.97 -13.70
C PRO A 802 6.19 6.69 -14.79
N VAL A 803 6.53 7.95 -15.10
CA VAL A 803 5.70 8.74 -15.99
C VAL A 803 6.52 9.46 -17.05
N TRP A 804 7.77 9.04 -17.27
CA TRP A 804 8.52 9.69 -18.34
C TRP A 804 7.82 9.40 -19.66
N ASP A 805 7.74 10.40 -20.53
CA ASP A 805 6.90 10.31 -21.71
C ASP A 805 7.73 10.11 -22.97
N ARG A 806 8.67 11.00 -23.25
CA ARG A 806 9.47 10.93 -24.45
C ARG A 806 10.96 11.03 -24.18
N VAL A 807 11.35 11.39 -22.95
CA VAL A 807 12.76 11.65 -22.66
C VAL A 807 13.57 10.38 -22.84
N GLY A 808 13.10 9.26 -22.27
CA GLY A 808 13.83 8.02 -22.42
C GLY A 808 13.91 7.56 -23.86
N GLY A 809 12.80 7.65 -24.59
CA GLY A 809 12.80 7.22 -25.98
C GLY A 809 13.71 8.07 -26.85
N THR A 810 13.70 9.38 -26.66
CA THR A 810 14.55 10.25 -27.44
C THR A 810 16.01 10.09 -27.06
N VAL A 811 16.31 9.83 -25.79
CA VAL A 811 17.68 9.53 -25.39
C VAL A 811 18.16 8.26 -26.06
N PHE A 812 17.31 7.22 -26.07
CA PHE A 812 17.68 5.98 -26.76
C PHE A 812 17.88 6.20 -28.26
N GLU A 813 17.00 7.00 -28.87
CA GLU A 813 17.14 7.25 -30.30
C GLU A 813 18.42 8.00 -30.61
N HIS A 814 18.76 9.01 -29.79
CA HIS A 814 20.01 9.74 -29.98
C HIS A 814 21.21 8.83 -29.79
N GLY A 815 21.17 7.96 -28.78
CA GLY A 815 22.26 7.01 -28.59
C GLY A 815 22.43 6.07 -29.76
N GLU A 816 21.31 5.53 -30.27
CA GLU A 816 21.39 4.66 -31.43
C GLU A 816 21.94 5.40 -32.64
N ARG A 817 21.52 6.65 -32.82
CA ARG A 817 21.96 7.41 -33.99
C ARG A 817 23.46 7.70 -33.94
N PHE A 818 23.99 8.06 -32.77
CA PHE A 818 25.33 8.63 -32.73
C PHE A 818 26.40 7.76 -32.09
N TYR A 819 26.05 6.81 -31.23
CA TYR A 819 27.05 6.08 -30.46
C TYR A 819 27.38 4.71 -31.05
N ASN A 820 26.83 4.37 -32.21
CA ASN A 820 27.06 3.07 -32.82
C ASN A 820 27.99 3.14 -34.03
N PHE A 821 28.71 4.24 -34.18
CA PHE A 821 29.65 4.40 -35.29
C PHE A 821 31.03 3.85 -34.98
N LYS A 822 31.24 3.31 -33.79
CA LYS A 822 32.55 2.88 -33.35
C LYS A 822 32.47 1.49 -32.71
N GLY A 823 31.47 0.71 -33.11
CA GLY A 823 31.22 -0.59 -32.52
C GLY A 823 30.01 -0.52 -31.61
N LEU A 824 29.25 -1.60 -31.58
CA LEU A 824 28.04 -1.65 -30.77
C LEU A 824 28.41 -1.82 -29.29
N ARG A 825 27.38 -1.81 -28.44
CA ARG A 825 27.63 -1.94 -27.00
C ARG A 825 28.20 -3.31 -26.66
N ALA A 826 27.74 -4.36 -27.33
CA ALA A 826 28.31 -5.68 -27.10
C ALA A 826 29.79 -5.72 -27.46
N PHE A 827 30.15 -5.09 -28.57
CA PHE A 827 31.56 -5.04 -28.97
C PHE A 827 32.42 -4.38 -27.90
N LYS A 828 31.98 -3.21 -27.41
CA LYS A 828 32.75 -2.53 -26.39
C LYS A 828 32.75 -3.31 -25.08
N SER A 829 31.69 -4.08 -24.81
CA SER A 829 31.67 -4.96 -23.66
C SER A 829 32.63 -6.12 -23.80
N LYS A 830 32.97 -6.51 -25.03
CA LYS A 830 33.97 -7.56 -25.23
C LYS A 830 35.31 -7.19 -24.62
N PHE A 831 35.58 -5.91 -24.42
CA PHE A 831 36.79 -5.45 -23.76
C PHE A 831 36.64 -5.42 -22.25
N HIS A 832 35.45 -5.70 -21.73
CA HIS A 832 35.13 -5.64 -20.31
C HIS A 832 35.58 -4.31 -19.72
N PRO A 833 34.95 -3.21 -20.12
CA PRO A 833 35.38 -1.90 -19.63
C PRO A 833 34.61 -1.49 -18.38
N GLU A 834 35.06 -0.40 -17.79
CA GLU A 834 34.36 0.22 -16.66
C GLU A 834 33.38 1.24 -17.25
N TRP A 835 32.10 0.88 -17.28
CA TRP A 835 31.09 1.77 -17.82
C TRP A 835 30.95 3.01 -16.94
N GLN A 836 31.09 4.17 -17.54
CA GLN A 836 30.95 5.44 -16.83
C GLN A 836 29.76 6.18 -17.41
N PRO A 837 28.75 6.53 -16.62
CA PRO A 837 27.60 7.26 -17.16
C PRO A 837 28.01 8.65 -17.60
N ARG A 838 27.40 9.10 -18.70
CA ARG A 838 27.59 10.45 -19.21
C ARG A 838 26.24 11.13 -19.30
N TYR A 839 26.17 12.38 -18.87
CA TYR A 839 24.91 13.06 -18.67
C TYR A 839 24.80 14.26 -19.59
N LEU A 840 23.57 14.68 -19.83
CA LEU A 840 23.25 15.87 -20.61
C LEU A 840 22.59 16.87 -19.67
N ALA A 841 23.29 17.96 -19.38
CA ALA A 841 22.81 18.98 -18.46
C ALA A 841 22.13 20.09 -19.25
N VAL A 842 20.89 20.40 -18.87
CA VAL A 842 20.12 21.46 -19.51
C VAL A 842 19.82 22.52 -18.47
N SER A 843 19.59 23.75 -18.94
CA SER A 843 19.49 24.91 -18.08
C SER A 843 18.10 25.51 -18.11
N GLY A 844 17.75 26.19 -17.02
CA GLY A 844 16.49 26.91 -16.96
C GLY A 844 15.26 26.03 -16.85
N GLY A 845 15.43 24.77 -16.47
CA GLY A 845 14.31 23.86 -16.35
C GLY A 845 13.61 23.57 -17.67
N VAL A 846 14.30 23.75 -18.79
CA VAL A 846 13.72 23.45 -20.10
C VAL A 846 13.69 21.94 -20.29
N SER A 847 12.87 21.49 -21.24
CA SER A 847 12.69 20.05 -21.43
C SER A 847 13.92 19.44 -22.08
N PRO A 848 14.26 18.18 -21.75
CA PRO A 848 15.38 17.51 -22.43
C PRO A 848 15.16 17.29 -23.92
N MET A 849 13.89 17.29 -24.37
CA MET A 849 13.62 17.11 -25.80
C MET A 849 14.34 18.13 -26.65
N ILE A 850 14.16 19.41 -26.34
CA ILE A 850 14.64 20.46 -27.23
C ILE A 850 16.17 20.55 -27.18
N ALA A 851 16.76 20.43 -26.00
CA ALA A 851 18.21 20.46 -25.92
C ALA A 851 18.84 19.25 -26.61
N LEU A 852 18.23 18.07 -26.43
CA LEU A 852 18.75 16.88 -27.10
C LEU A 852 18.63 17.01 -28.62
N MET A 853 17.52 17.56 -29.11
CA MET A 853 17.37 17.73 -30.55
C MET A 853 18.35 18.77 -31.10
N ASP A 854 18.58 19.84 -30.35
CA ASP A 854 19.58 20.82 -30.77
C ASP A 854 20.96 20.18 -30.85
N ALA A 855 21.30 19.36 -29.86
CA ALA A 855 22.58 18.65 -29.92
C ALA A 855 22.64 17.70 -31.11
N THR A 856 21.53 17.01 -31.39
CA THR A 856 21.48 16.10 -32.53
C THR A 856 21.73 16.84 -33.83
N PHE A 857 21.10 18.00 -33.99
CA PHE A 857 21.31 18.79 -35.20
C PHE A 857 22.74 19.35 -35.27
N LEU A 858 23.29 19.73 -34.12
CA LEU A 858 24.66 20.24 -34.10
C LEU A 858 25.65 19.16 -34.51
N ILE A 859 25.42 17.92 -34.08
CA ILE A 859 26.30 16.82 -34.48
C ILE A 859 26.12 16.51 -35.96
N GLY A 860 24.87 16.47 -36.42
CA GLY A 860 24.59 16.19 -37.81
C GLY A 860 24.77 17.39 -38.72
N LEU B 24 -14.26 -18.11 34.94
CA LEU B 24 -14.95 -17.39 33.88
C LEU B 24 -15.01 -18.24 32.61
N ASN B 25 -13.86 -18.76 32.19
CA ASN B 25 -13.80 -19.57 30.98
C ASN B 25 -14.47 -20.92 31.15
N ARG B 26 -14.84 -21.30 32.38
CA ARG B 26 -15.60 -22.54 32.58
C ARG B 26 -16.96 -22.46 31.89
N TYR B 27 -17.53 -21.26 31.78
CA TYR B 27 -18.82 -21.04 31.14
C TYR B 27 -18.75 -19.92 30.11
N ARG B 28 -17.60 -19.79 29.45
CA ARG B 28 -17.42 -18.67 28.51
C ARG B 28 -18.43 -18.74 27.37
N ALA B 29 -18.65 -19.94 26.81
CA ALA B 29 -19.63 -20.08 25.74
C ALA B 29 -21.02 -19.68 26.21
N LEU B 30 -21.42 -20.16 27.40
CA LEU B 30 -22.75 -19.84 27.91
C LEU B 30 -22.90 -18.36 28.18
N ILE B 31 -21.90 -17.73 28.79
CA ILE B 31 -22.03 -16.32 29.13
C ILE B 31 -22.04 -15.46 27.87
N VAL B 32 -21.22 -15.80 26.87
CA VAL B 32 -21.21 -15.00 25.66
C VAL B 32 -22.52 -15.20 24.88
N ALA B 33 -23.07 -16.42 24.89
CA ALA B 33 -24.35 -16.64 24.23
C ALA B 33 -25.47 -15.87 24.93
N VAL B 34 -25.48 -15.89 26.26
CA VAL B 34 -26.51 -15.17 27.00
C VAL B 34 -26.39 -13.67 26.77
N LEU B 35 -25.17 -13.14 26.77
CA LEU B 35 -24.99 -11.72 26.50
C LEU B 35 -25.41 -11.36 25.09
N THR B 36 -25.12 -12.22 24.11
CA THR B 36 -25.54 -11.96 22.75
C THR B 36 -27.06 -11.94 22.63
N VAL B 37 -27.74 -12.90 23.27
CA VAL B 37 -29.19 -12.94 23.21
C VAL B 37 -29.78 -11.74 23.95
N ALA B 38 -29.16 -11.30 25.03
CA ALA B 38 -29.64 -10.13 25.76
C ALA B 38 -29.47 -8.86 24.92
N VAL B 39 -28.34 -8.73 24.24
CA VAL B 39 -28.12 -7.57 23.37
C VAL B 39 -29.13 -7.59 22.22
N PHE B 40 -29.39 -8.77 21.66
CA PHE B 40 -30.40 -8.86 20.61
C PHE B 40 -31.78 -8.52 21.14
N CYS B 41 -32.09 -8.90 22.38
CA CYS B 41 -33.38 -8.55 22.98
C CYS B 41 -33.49 -7.04 23.15
N ILE B 42 -32.42 -6.40 23.61
CA ILE B 42 -32.43 -4.94 23.73
C ILE B 42 -32.64 -4.30 22.37
N ALA B 43 -31.96 -4.82 21.34
CA ALA B 43 -32.11 -4.30 19.99
C ALA B 43 -33.53 -4.48 19.48
N ALA B 44 -34.11 -5.65 19.72
CA ALA B 44 -35.48 -5.93 19.27
C ALA B 44 -36.47 -5.01 19.96
N TYR B 45 -36.31 -4.80 21.27
CA TYR B 45 -37.16 -3.86 21.97
C TYR B 45 -37.01 -2.45 21.43
N ALA B 46 -35.77 -2.07 21.09
CA ALA B 46 -35.54 -0.75 20.53
C ALA B 46 -36.25 -0.58 19.18
N ILE B 47 -36.19 -1.60 18.32
CA ILE B 47 -36.91 -1.52 17.05
C ILE B 47 -38.42 -1.45 17.30
N TYR B 48 -38.92 -2.26 18.23
CA TYR B 48 -40.35 -2.25 18.48
C TYR B 48 -40.81 -0.90 19.02
N ASP B 49 -39.98 -0.27 19.86
CA ASP B 49 -40.30 1.04 20.40
C ASP B 49 -40.16 2.15 19.36
N LEU B 50 -39.24 2.01 18.41
CA LEU B 50 -39.00 3.02 17.41
C LEU B 50 -39.93 2.92 16.21
N THR B 51 -40.71 1.86 16.10
CA THR B 51 -41.62 1.66 14.98
C THR B 51 -43.06 1.56 15.46
N THR B 52 -43.40 2.35 16.48
CA THR B 52 -44.77 2.33 17.00
C THR B 52 -45.77 2.86 15.98
N GLU B 53 -45.39 3.87 15.21
CA GLU B 53 -46.27 4.47 14.22
C GLU B 53 -46.23 3.76 12.87
N VAL B 54 -45.44 2.71 12.74
CA VAL B 54 -45.28 2.00 11.47
C VAL B 54 -46.13 0.74 11.50
N ARG B 55 -46.89 0.51 10.43
CA ARG B 55 -47.73 -0.66 10.29
C ARG B 55 -47.18 -1.56 9.18
N TYR B 56 -47.39 -2.86 9.35
CA TYR B 56 -46.84 -3.84 8.41
C TYR B 56 -47.33 -3.58 6.98
N ASP B 57 -48.54 -3.06 6.83
CA ASP B 57 -49.04 -2.72 5.50
C ASP B 57 -48.20 -1.61 4.87
N ASP B 58 -47.79 -0.63 5.66
CA ASP B 58 -46.92 0.43 5.14
C ASP B 58 -45.58 -0.15 4.70
N VAL B 59 -45.03 -1.08 5.48
CA VAL B 59 -43.76 -1.71 5.12
C VAL B 59 -43.90 -2.46 3.80
N VAL B 60 -44.99 -3.22 3.65
CA VAL B 60 -45.18 -3.98 2.42
C VAL B 60 -45.41 -3.06 1.24
N HIS B 61 -46.14 -1.96 1.44
CA HIS B 61 -46.35 -1.00 0.37
C HIS B 61 -45.04 -0.37 -0.07
N ALA B 62 -44.18 -0.04 0.89
CA ALA B 62 -42.86 0.50 0.55
C ALA B 62 -42.04 -0.54 -0.21
N LEU B 63 -42.14 -1.81 0.19
CA LEU B 63 -41.42 -2.86 -0.52
C LEU B 63 -41.90 -2.99 -1.96
N THR B 64 -43.21 -2.95 -2.17
CA THR B 64 -43.74 -3.10 -3.53
C THR B 64 -43.41 -1.91 -4.40
N THR B 65 -43.32 -0.72 -3.81
CA THR B 65 -43.07 0.50 -4.57
C THR B 65 -41.58 0.77 -4.81
N THR B 66 -40.69 -0.11 -4.35
CA THR B 66 -39.27 0.12 -4.57
C THR B 66 -38.96 0.03 -6.07
N LYS B 67 -38.02 0.85 -6.50
CA LYS B 67 -37.70 0.93 -7.92
C LYS B 67 -36.86 -0.27 -8.35
N ILE B 68 -37.13 -0.78 -9.54
CA ILE B 68 -36.32 -1.86 -10.10
C ILE B 68 -34.88 -1.39 -10.29
N SER B 69 -34.70 -0.12 -10.65
CA SER B 69 -33.35 0.43 -10.76
C SER B 69 -32.61 0.33 -9.43
N SER B 70 -33.31 0.61 -8.32
CA SER B 70 -32.67 0.51 -7.01
C SER B 70 -32.23 -0.92 -6.73
N VAL B 71 -33.07 -1.90 -7.06
CA VAL B 71 -32.72 -3.29 -6.78
C VAL B 71 -31.54 -3.73 -7.64
N LEU B 72 -31.56 -3.39 -8.93
CA LEU B 72 -30.44 -3.76 -9.80
C LEU B 72 -29.14 -3.12 -9.33
N LEU B 73 -29.21 -1.86 -8.92
CA LEU B 73 -28.00 -1.17 -8.49
C LEU B 73 -27.51 -1.72 -7.15
N ALA B 74 -28.42 -2.15 -6.28
CA ALA B 74 -28.03 -2.83 -5.05
C ALA B 74 -27.36 -4.17 -5.36
N LEU B 75 -27.86 -4.90 -6.35
CA LEU B 75 -27.18 -6.13 -6.77
C LEU B 75 -25.77 -5.84 -7.27
N LEU B 76 -25.63 -4.77 -8.05
CA LEU B 76 -24.31 -4.39 -8.54
C LEU B 76 -23.36 -4.09 -7.39
N PHE B 77 -23.82 -3.36 -6.38
CA PHE B 77 -22.93 -3.03 -5.28
C PHE B 77 -22.67 -4.22 -4.36
N THR B 78 -23.61 -5.16 -4.26
CA THR B 78 -23.31 -6.41 -3.57
C THR B 78 -22.19 -7.15 -4.27
N GLY B 79 -22.24 -7.22 -5.61
CA GLY B 79 -21.15 -7.84 -6.35
C GLY B 79 -19.83 -7.14 -6.14
N LEU B 80 -19.84 -5.80 -6.14
CA LEU B 80 -18.61 -5.05 -5.93
C LEU B 80 -18.05 -5.29 -4.53
N SER B 81 -18.93 -5.33 -3.52
CA SER B 81 -18.48 -5.60 -2.16
C SER B 81 -17.84 -6.98 -2.06
N PHE B 82 -18.44 -7.98 -2.70
CA PHE B 82 -17.87 -9.31 -2.58
C PHE B 82 -16.59 -9.47 -3.39
N ALA B 83 -16.44 -8.71 -4.48
CA ALA B 83 -15.14 -8.64 -5.15
C ALA B 83 -14.08 -8.05 -4.22
N SER B 84 -14.42 -6.99 -3.51
CA SER B 84 -13.48 -6.42 -2.54
C SER B 84 -13.13 -7.42 -1.45
N LEU B 85 -14.09 -8.27 -1.05
CA LEU B 85 -13.79 -9.30 -0.06
C LEU B 85 -12.85 -10.36 -0.61
N ILE B 86 -13.05 -10.74 -1.88
CA ILE B 86 -12.09 -11.62 -2.54
C ILE B 86 -10.70 -11.03 -2.44
N PHE B 87 -10.60 -9.72 -2.63
CA PHE B 87 -9.29 -9.09 -2.51
C PHE B 87 -8.79 -8.95 -1.07
N TYR B 88 -9.69 -8.91 -0.08
CA TYR B 88 -9.27 -9.13 1.30
C TYR B 88 -8.40 -10.38 1.38
N ASP B 89 -8.98 -11.51 0.97
CA ASP B 89 -8.24 -12.78 1.10
C ASP B 89 -7.00 -12.80 0.22
N GLN B 90 -7.08 -12.20 -0.98
CA GLN B 90 -5.91 -12.13 -1.84
C GLN B 90 -4.77 -11.37 -1.18
N ASN B 91 -5.07 -10.24 -0.56
CA ASN B 91 -4.05 -9.47 0.13
C ASN B 91 -3.48 -10.22 1.31
N ALA B 92 -4.32 -10.97 2.03
CA ALA B 92 -3.81 -11.79 3.13
C ALA B 92 -2.81 -12.82 2.64
N LEU B 93 -3.17 -13.53 1.56
CA LEU B 93 -2.29 -14.56 1.02
C LEU B 93 -1.00 -13.95 0.49
N GLU B 94 -1.10 -12.77 -0.14
CA GLU B 94 0.11 -12.10 -0.61
C GLU B 94 0.99 -11.67 0.56
N TYR B 95 0.38 -11.22 1.66
CA TYR B 95 1.15 -10.79 2.82
C TYR B 95 1.91 -11.95 3.44
N ILE B 96 1.26 -13.11 3.58
CA ILE B 96 1.98 -14.25 4.15
C ILE B 96 2.96 -14.88 3.18
N GLY B 97 2.90 -14.52 1.90
CA GLY B 97 3.82 -14.99 0.91
C GLY B 97 3.29 -16.09 0.02
N LYS B 98 2.22 -16.76 0.42
CA LYS B 98 1.68 -17.85 -0.38
C LYS B 98 1.01 -17.33 -1.65
N ARG B 99 1.17 -18.11 -2.72
CA ARG B 99 0.54 -17.82 -4.00
C ARG B 99 -0.45 -18.93 -4.31
N LEU B 100 -1.71 -18.56 -4.53
CA LEU B 100 -2.73 -19.51 -4.91
C LEU B 100 -3.45 -19.02 -6.15
N PRO B 101 -3.95 -19.93 -6.98
CA PRO B 101 -4.68 -19.51 -8.18
C PRO B 101 -5.90 -18.68 -7.81
N PHE B 102 -6.16 -17.65 -8.62
CA PHE B 102 -7.24 -16.73 -8.30
C PHE B 102 -8.62 -17.37 -8.22
N PRO B 103 -9.01 -18.31 -9.09
CA PRO B 103 -10.34 -18.93 -8.90
C PRO B 103 -10.53 -19.55 -7.54
N HIS B 104 -9.51 -20.24 -7.01
CA HIS B 104 -9.63 -20.87 -5.70
C HIS B 104 -9.78 -19.82 -4.60
N VAL B 105 -8.93 -18.78 -4.63
CA VAL B 105 -9.00 -17.75 -3.61
C VAL B 105 -10.34 -17.02 -3.69
N ALA B 106 -10.80 -16.71 -4.90
CA ALA B 106 -12.07 -16.03 -5.06
C ALA B 106 -13.21 -16.88 -4.52
N LEU B 107 -13.20 -18.18 -4.80
CA LEU B 107 -14.29 -19.03 -4.34
C LEU B 107 -14.28 -19.16 -2.82
N THR B 108 -13.11 -19.40 -2.23
CA THR B 108 -13.07 -19.54 -0.78
C THR B 108 -13.42 -18.24 -0.09
N SER B 109 -12.97 -17.10 -0.62
CA SER B 109 -13.30 -15.82 -0.03
C SER B 109 -14.78 -15.53 -0.14
N PHE B 110 -15.36 -15.78 -1.32
CA PHE B 110 -16.79 -15.53 -1.52
C PHE B 110 -17.62 -16.39 -0.58
N SER B 111 -17.28 -17.67 -0.47
CA SER B 111 -18.04 -18.55 0.42
C SER B 111 -17.86 -18.14 1.87
N ALA B 112 -16.62 -17.87 2.29
CA ALA B 112 -16.35 -17.52 3.67
C ALA B 112 -17.10 -16.26 4.06
N TYR B 113 -17.11 -15.26 3.19
CA TYR B 113 -17.80 -14.03 3.53
C TYR B 113 -19.31 -14.14 3.39
N ALA B 114 -19.80 -14.92 2.41
CA ALA B 114 -21.23 -15.13 2.31
C ALA B 114 -21.79 -15.84 3.52
N VAL B 115 -20.98 -16.68 4.17
CA VAL B 115 -21.45 -17.34 5.39
C VAL B 115 -21.17 -16.50 6.63
N GLY B 116 -20.06 -15.75 6.67
CA GLY B 116 -19.77 -14.91 7.82
C GLY B 116 -20.72 -13.74 7.95
N ASN B 117 -21.08 -13.11 6.83
CA ASN B 117 -22.03 -12.02 6.85
C ASN B 117 -23.43 -12.48 7.24
N THR B 118 -23.66 -13.79 7.28
CA THR B 118 -24.96 -14.37 7.63
C THR B 118 -24.95 -15.06 8.98
N ALA B 119 -24.05 -16.01 9.19
CA ALA B 119 -23.99 -16.80 10.42
C ALA B 119 -22.55 -16.82 10.89
N GLY B 120 -22.20 -15.95 11.83
CA GLY B 120 -20.83 -15.79 12.22
C GLY B 120 -20.39 -16.60 13.43
N PHE B 121 -21.18 -17.59 13.83
CA PHE B 121 -20.82 -18.39 14.99
C PHE B 121 -19.90 -19.53 14.56
N GLY B 122 -19.67 -20.47 15.48
CA GLY B 122 -18.57 -21.41 15.40
C GLY B 122 -18.33 -22.14 14.09
N ALA B 123 -19.23 -23.04 13.72
CA ALA B 123 -19.01 -23.86 12.53
C ALA B 123 -19.21 -23.10 11.23
N LEU B 124 -19.84 -21.93 11.28
CA LEU B 124 -20.14 -21.17 10.08
C LEU B 124 -19.41 -19.84 10.03
N SER B 125 -18.47 -19.61 10.93
CA SER B 125 -17.70 -18.37 10.86
C SER B 125 -16.83 -18.37 9.61
N ALA B 126 -16.46 -17.17 9.17
CA ALA B 126 -15.58 -17.07 8.02
C ALA B 126 -14.24 -17.75 8.28
N GLY B 127 -13.81 -17.76 9.54
CA GLY B 127 -12.58 -18.47 9.88
C GLY B 127 -12.67 -19.96 9.63
N ALA B 128 -13.81 -20.57 9.97
CA ALA B 128 -13.98 -22.00 9.73
C ALA B 128 -13.99 -22.32 8.24
N ILE B 129 -14.71 -21.52 7.45
CA ILE B 129 -14.74 -21.72 6.00
C ILE B 129 -13.35 -21.59 5.44
N ARG B 130 -12.62 -20.56 5.87
CA ARG B 130 -11.27 -20.34 5.36
C ARG B 130 -10.35 -21.48 5.74
N TYR B 131 -10.44 -21.96 6.97
CA TYR B 131 -9.59 -23.08 7.37
C TYR B 131 -9.87 -24.31 6.52
N ARG B 132 -11.16 -24.65 6.35
CA ARG B 132 -11.49 -25.82 5.54
C ARG B 132 -10.95 -25.67 4.12
N ALA B 133 -11.26 -24.54 3.47
CA ALA B 133 -10.90 -24.38 2.07
C ALA B 133 -9.39 -24.31 1.88
N TYR B 134 -8.70 -23.56 2.74
CA TYR B 134 -7.26 -23.41 2.59
C TYR B 134 -6.51 -24.70 2.94
N THR B 135 -7.02 -25.48 3.89
CA THR B 135 -6.45 -26.80 4.12
C THR B 135 -6.61 -27.68 2.88
N ARG B 136 -7.79 -27.60 2.25
CA ARG B 136 -7.94 -28.30 0.98
C ARG B 136 -7.02 -27.74 -0.09
N LEU B 137 -6.73 -26.44 -0.02
CA LEU B 137 -5.89 -25.79 -1.01
C LEU B 137 -4.40 -25.97 -0.75
N GLY B 138 -4.02 -26.50 0.40
CA GLY B 138 -2.62 -26.76 0.67
C GLY B 138 -1.91 -25.67 1.43
N LEU B 139 -2.48 -25.24 2.54
CA LEU B 139 -1.87 -24.22 3.40
C LEU B 139 -1.65 -24.80 4.79
N SER B 140 -0.49 -24.49 5.36
CA SER B 140 -0.20 -24.92 6.71
C SER B 140 -1.17 -24.27 7.69
N PRO B 141 -1.49 -24.92 8.80
CA PRO B 141 -2.38 -24.31 9.80
C PRO B 141 -1.86 -22.99 10.33
N ASP B 142 -0.55 -22.84 10.45
CA ASP B 142 0.01 -21.54 10.81
C ASP B 142 -0.29 -20.51 9.72
N ASP B 143 -0.17 -20.90 8.46
CA ASP B 143 -0.48 -19.97 7.37
C ASP B 143 -1.95 -19.62 7.35
N ILE B 144 -2.82 -20.61 7.60
CA ILE B 144 -4.26 -20.34 7.66
C ILE B 144 -4.58 -19.43 8.83
N THR B 145 -3.93 -19.64 9.97
CA THR B 145 -4.13 -18.76 11.12
C THR B 145 -3.68 -17.34 10.78
N ARG B 146 -2.54 -17.21 10.10
CA ARG B 146 -2.06 -15.89 9.71
C ARG B 146 -3.02 -15.20 8.75
N VAL B 147 -3.55 -15.95 7.79
CA VAL B 147 -4.51 -15.38 6.85
C VAL B 147 -5.78 -14.93 7.58
N ILE B 148 -6.30 -15.78 8.47
CA ILE B 148 -7.51 -15.44 9.19
C ILE B 148 -7.28 -14.22 10.07
N ALA B 149 -6.14 -14.17 10.75
CA ALA B 149 -5.83 -13.02 11.59
C ALA B 149 -5.68 -11.75 10.76
N PHE B 150 -5.01 -11.84 9.61
CA PHE B 150 -4.85 -10.67 8.76
C PHE B 150 -6.20 -10.17 8.29
N VAL B 151 -7.06 -11.07 7.82
CA VAL B 151 -8.37 -10.67 7.31
C VAL B 151 -9.23 -10.07 8.42
N THR B 152 -9.25 -10.71 9.58
CA THR B 152 -10.09 -10.24 10.68
C THR B 152 -9.61 -8.89 11.20
N LEU B 153 -8.30 -8.75 11.44
CA LEU B 153 -7.77 -7.47 11.87
C LEU B 153 -7.98 -6.41 10.81
N ALA B 154 -7.84 -6.79 9.53
CA ALA B 154 -8.07 -5.85 8.45
C ALA B 154 -9.49 -5.32 8.49
N PHE B 155 -10.47 -6.21 8.54
CA PHE B 155 -11.85 -5.76 8.56
C PHE B 155 -12.13 -4.90 9.78
N GLY B 156 -11.78 -5.40 10.98
CA GLY B 156 -12.12 -4.66 12.18
C GLY B 156 -11.43 -3.30 12.25
N LEU B 157 -10.12 -3.29 12.02
CA LEU B 157 -9.35 -2.07 12.17
C LEU B 157 -9.67 -1.08 11.05
N GLY B 158 -9.82 -1.56 9.82
CA GLY B 158 -10.19 -0.69 8.73
C GLY B 158 -11.61 -0.15 8.87
N LEU B 159 -12.53 -0.96 9.38
CA LEU B 159 -13.87 -0.47 9.63
C LEU B 159 -13.86 0.60 10.71
N ALA B 160 -13.10 0.39 11.79
CA ALA B 160 -12.97 1.42 12.81
C ALA B 160 -12.36 2.69 12.23
N SER B 161 -11.32 2.56 11.42
CA SER B 161 -10.66 3.73 10.84
C SER B 161 -11.59 4.47 9.90
N VAL B 162 -12.25 3.75 9.00
CA VAL B 162 -13.11 4.39 8.00
C VAL B 162 -14.32 5.02 8.67
N GLY B 163 -14.92 4.33 9.65
CA GLY B 163 -16.01 4.92 10.39
C GLY B 163 -15.58 6.16 11.17
N ALA B 164 -14.38 6.13 11.75
CA ALA B 164 -13.89 7.29 12.48
C ALA B 164 -13.66 8.47 11.54
N MET B 165 -13.05 8.24 10.38
CA MET B 165 -12.86 9.34 9.44
C MET B 165 -14.18 9.87 8.90
N ALA B 166 -15.12 8.99 8.58
CA ALA B 166 -16.42 9.46 8.09
C ALA B 166 -17.14 10.27 9.17
N LEU B 167 -17.10 9.79 10.41
CA LEU B 167 -17.72 10.52 11.52
C LEU B 167 -17.04 11.85 11.72
N LEU B 168 -15.71 11.88 11.64
CA LEU B 168 -14.98 13.13 11.73
C LEU B 168 -15.41 14.11 10.63
N VAL B 169 -15.71 13.58 9.44
CA VAL B 169 -16.11 14.44 8.34
C VAL B 169 -17.51 15.02 8.56
N ILE B 170 -18.45 14.19 9.04
CA ILE B 170 -19.86 14.58 8.99
C ILE B 170 -20.55 14.54 10.36
N ALA B 171 -19.80 14.74 11.44
CA ALA B 171 -20.41 14.75 12.75
C ALA B 171 -21.48 15.84 12.86
N ASP B 172 -21.30 16.96 12.18
CA ASP B 172 -22.29 18.02 12.21
C ASP B 172 -23.44 17.79 11.25
N GLU B 173 -23.32 16.82 10.35
CA GLU B 173 -24.40 16.48 9.43
C GLU B 173 -25.27 15.34 9.92
N ILE B 174 -24.70 14.40 10.68
CA ILE B 174 -25.47 13.28 11.21
C ILE B 174 -25.69 13.34 12.71
N GLY B 175 -24.99 14.24 13.41
CA GLY B 175 -25.23 14.44 14.82
C GLY B 175 -26.62 14.95 15.13
N PRO B 176 -27.08 15.97 14.39
CA PRO B 176 -28.45 16.47 14.61
C PRO B 176 -29.52 15.40 14.44
N LEU B 177 -29.31 14.40 13.58
CA LEU B 177 -30.33 13.40 13.34
C LEU B 177 -30.69 12.64 14.61
N ILE B 178 -29.73 12.48 15.52
CA ILE B 178 -29.99 11.82 16.79
C ILE B 178 -29.89 12.81 17.95
N SER B 179 -30.06 14.11 17.66
CA SER B 179 -30.07 15.16 18.68
C SER B 179 -28.80 15.13 19.53
N VAL B 180 -27.66 14.93 18.88
CA VAL B 180 -26.36 14.93 19.52
C VAL B 180 -25.49 15.99 18.85
N ASP B 181 -24.83 16.81 19.65
CA ASP B 181 -23.94 17.81 19.09
C ASP B 181 -22.83 17.15 18.28
N GLY B 182 -22.51 17.75 17.14
CA GLY B 182 -21.46 17.21 16.30
C GLY B 182 -20.10 17.16 16.96
N LEU B 183 -19.87 18.02 17.97
CA LEU B 183 -18.58 18.02 18.64
C LEU B 183 -18.34 16.69 19.35
N TRP B 184 -19.38 16.09 19.93
CA TRP B 184 -19.19 14.84 20.66
C TRP B 184 -18.86 13.69 19.73
N LEU B 185 -19.58 13.56 18.62
CA LEU B 185 -19.24 12.54 17.64
C LEU B 185 -17.85 12.78 17.05
N ARG B 186 -17.51 14.04 16.82
CA ARG B 186 -16.18 14.38 16.32
C ARG B 186 -15.10 13.98 17.32
N LEU B 187 -15.35 14.20 18.60
CA LEU B 187 -14.36 13.82 19.62
C LEU B 187 -14.25 12.31 19.75
N ILE B 188 -15.36 11.59 19.61
CA ILE B 188 -15.29 10.13 19.61
C ILE B 188 -14.46 9.66 18.43
N ALA B 189 -14.69 10.22 17.25
CA ALA B 189 -13.92 9.85 16.07
C ALA B 189 -12.45 10.20 16.26
N ILE B 190 -12.16 11.36 16.85
CA ILE B 190 -10.78 11.76 17.07
C ILE B 190 -10.10 10.83 18.07
N ALA B 191 -10.81 10.42 19.11
CA ALA B 191 -10.24 9.47 20.07
C ALA B 191 -9.94 8.14 19.40
N ILE B 192 -10.85 7.66 18.56
CA ILE B 192 -10.62 6.39 17.86
C ILE B 192 -9.41 6.52 16.93
N LEU B 193 -9.35 7.61 16.16
CA LEU B 193 -8.25 7.82 15.24
C LEU B 193 -6.93 8.00 15.98
N ALA B 194 -6.94 8.64 17.14
CA ALA B 194 -5.73 8.77 17.94
C ALA B 194 -5.26 7.42 18.45
N ALA B 195 -6.20 6.58 18.90
CA ALA B 195 -5.82 5.24 19.33
C ALA B 195 -5.21 4.44 18.18
N LEU B 196 -5.83 4.52 17.00
CA LEU B 196 -5.31 3.78 15.85
C LEU B 196 -3.97 4.31 15.41
N ALA B 197 -3.79 5.64 15.43
CA ALA B 197 -2.50 6.22 15.07
C ALA B 197 -1.42 5.83 16.07
N PHE B 198 -1.76 5.80 17.36
CA PHE B 198 -0.80 5.36 18.36
C PHE B 198 -0.41 3.90 18.14
N VAL B 199 -1.39 3.05 17.81
CA VAL B 199 -1.08 1.65 17.56
C VAL B 199 -0.18 1.51 16.33
N VAL B 200 -0.49 2.25 15.26
CA VAL B 200 0.30 2.14 14.03
C VAL B 200 1.72 2.67 14.25
N TYR B 201 1.86 3.81 14.94
CA TYR B 201 3.18 4.36 15.17
C TYR B 201 4.00 3.50 16.13
N ALA B 202 3.37 2.98 17.19
CA ALA B 202 4.08 2.12 18.11
C ALA B 202 4.45 0.78 17.50
N GLY B 203 3.87 0.43 16.36
CA GLY B 203 4.19 -0.81 15.67
C GLY B 203 4.78 -0.56 14.30
N ARG B 204 5.73 0.39 14.21
CA ARG B 204 6.29 0.82 12.93
C ARG B 204 6.86 -0.33 12.13
N ASN B 205 7.92 -0.96 12.63
CA ASN B 205 8.60 -2.05 11.95
C ASN B 205 8.63 -3.24 12.89
N GLY B 206 7.71 -4.18 12.69
CA GLY B 206 7.54 -5.24 13.65
C GLY B 206 7.11 -4.63 14.97
N ARG B 207 7.89 -4.86 16.02
CA ARG B 207 7.70 -4.23 17.32
C ARG B 207 6.28 -4.49 17.84
N GLU B 208 6.03 -5.76 18.12
CA GLU B 208 4.73 -6.21 18.62
C GLU B 208 4.26 -5.35 19.78
N VAL B 209 3.17 -4.63 19.59
CA VAL B 209 2.58 -3.82 20.65
C VAL B 209 1.54 -4.66 21.38
N ARG B 210 1.56 -4.59 22.70
CA ARG B 210 0.68 -5.38 23.55
C ARG B 210 -0.29 -4.45 24.24
N ILE B 211 -1.59 -4.80 24.16
CA ILE B 211 -2.63 -3.95 24.70
C ILE B 211 -3.23 -4.72 25.86
N GLY B 212 -2.39 -5.51 26.53
CA GLY B 212 -2.82 -6.36 27.61
C GLY B 212 -2.72 -7.81 27.19
N PRO B 213 -3.88 -8.44 26.95
CA PRO B 213 -3.85 -9.82 26.47
C PRO B 213 -3.40 -9.93 25.03
N VAL B 214 -3.87 -9.05 24.15
CA VAL B 214 -3.56 -9.14 22.73
C VAL B 214 -2.15 -8.61 22.47
N ALA B 215 -1.57 -9.08 21.36
CA ALA B 215 -0.26 -8.61 20.91
C ALA B 215 -0.33 -8.46 19.39
N VAL B 216 -0.68 -7.27 18.93
CA VAL B 216 -0.89 -7.01 17.51
C VAL B 216 0.40 -6.49 16.90
N ARG B 217 0.77 -7.04 15.74
CA ARG B 217 1.93 -6.61 14.98
C ARG B 217 1.46 -6.22 13.58
N LEU B 218 1.25 -4.93 13.37
CA LEU B 218 0.69 -4.45 12.12
C LEU B 218 1.63 -4.76 10.96
N PRO B 219 1.09 -5.01 9.77
CA PRO B 219 1.95 -5.18 8.58
C PRO B 219 2.67 -3.90 8.23
N ASP B 220 3.51 -3.93 7.20
CA ASP B 220 4.15 -2.71 6.77
C ASP B 220 3.12 -1.77 6.14
N SER B 221 3.48 -0.50 6.04
CA SER B 221 2.52 0.53 5.66
C SER B 221 1.91 0.26 4.29
N ARG B 222 2.70 -0.31 3.37
CA ARG B 222 2.17 -0.59 2.04
C ARG B 222 1.07 -1.64 2.08
N THR B 223 1.28 -2.72 2.83
CA THR B 223 0.29 -3.79 2.89
C THR B 223 -1.00 -3.30 3.53
N TRP B 224 -0.91 -2.68 4.70
CA TRP B 224 -2.15 -2.24 5.32
C TRP B 224 -2.75 -1.04 4.60
N SER B 225 -1.99 -0.33 3.79
CA SER B 225 -2.58 0.72 2.96
C SER B 225 -3.42 0.13 1.85
N ARG B 226 -2.90 -0.85 1.12
CA ARG B 226 -3.72 -1.51 0.11
C ARG B 226 -4.92 -2.19 0.76
N GLN B 227 -4.73 -2.75 1.95
CA GLN B 227 -5.85 -3.37 2.64
C GLN B 227 -6.86 -2.34 3.11
N PHE B 228 -6.39 -1.13 3.45
CA PHE B 228 -7.33 -0.07 3.81
C PHE B 228 -8.16 0.36 2.62
N LEU B 229 -7.56 0.47 1.43
CA LEU B 229 -8.38 0.72 0.25
C LEU B 229 -9.40 -0.39 0.04
N VAL B 230 -8.96 -1.63 0.17
CA VAL B 230 -9.87 -2.75 -0.06
C VAL B 230 -11.03 -2.72 0.92
N THR B 231 -10.74 -2.50 2.21
CA THR B 231 -11.79 -2.52 3.22
C THR B 231 -12.70 -1.31 3.11
N ALA B 232 -12.14 -0.14 2.77
CA ALA B 232 -12.97 1.04 2.59
C ALA B 232 -13.91 0.87 1.40
N PHE B 233 -13.41 0.29 0.30
CA PHE B 233 -14.28 0.05 -0.84
C PHE B 233 -15.35 -0.98 -0.50
N ASP B 234 -15.00 -2.01 0.27
CA ASP B 234 -15.98 -2.98 0.72
C ASP B 234 -17.11 -2.32 1.49
N ILE B 235 -16.76 -1.53 2.51
CA ILE B 235 -17.78 -0.89 3.34
C ILE B 235 -18.57 0.11 2.52
N ALA B 236 -17.91 0.80 1.59
CA ALA B 236 -18.61 1.74 0.73
C ALA B 236 -19.61 1.04 -0.17
N ALA B 237 -19.24 -0.11 -0.73
CA ALA B 237 -20.16 -0.84 -1.59
C ALA B 237 -21.37 -1.36 -0.81
N SER B 238 -21.14 -1.85 0.41
CA SER B 238 -22.26 -2.34 1.21
C SER B 238 -23.19 -1.21 1.64
N ALA B 239 -22.61 -0.12 2.14
CA ALA B 239 -23.39 1.06 2.46
C ALA B 239 -24.13 1.58 1.24
N SER B 240 -23.54 1.41 0.05
CA SER B 240 -24.21 1.83 -1.16
C SER B 240 -25.39 0.93 -1.49
N VAL B 241 -25.25 -0.38 -1.25
CA VAL B 241 -26.40 -1.27 -1.37
C VAL B 241 -27.57 -0.71 -0.57
N LEU B 242 -27.35 -0.50 0.72
CA LEU B 242 -28.47 -0.06 1.55
C LEU B 242 -28.94 1.34 1.19
N TYR B 243 -28.00 2.23 0.86
CA TYR B 243 -28.34 3.62 0.53
C TYR B 243 -29.18 3.68 -0.75
N VAL B 244 -28.81 2.91 -1.76
CA VAL B 244 -29.60 2.85 -2.99
C VAL B 244 -30.97 2.27 -2.69
N LEU B 245 -31.04 1.30 -1.79
CA LEU B 245 -32.35 0.79 -1.42
C LEU B 245 -33.16 1.77 -0.58
N LEU B 246 -32.57 2.87 -0.10
CA LEU B 246 -33.29 3.86 0.65
C LEU B 246 -34.07 4.80 -0.28
N PRO B 247 -35.18 5.36 0.19
CA PRO B 247 -36.04 6.19 -0.69
C PRO B 247 -35.70 7.68 -0.69
N GLU B 248 -34.58 8.03 -1.32
CA GLU B 248 -34.23 9.41 -1.64
C GLU B 248 -34.27 10.31 -0.40
N THR B 249 -33.43 9.98 0.57
CA THR B 249 -33.40 10.70 1.82
C THR B 249 -32.80 12.09 1.66
N SER B 250 -32.71 12.81 2.78
CA SER B 250 -32.12 14.14 2.80
C SER B 250 -30.63 14.11 3.08
N ILE B 251 -30.13 13.08 3.75
CA ILE B 251 -28.71 12.98 4.06
C ILE B 251 -27.99 12.36 2.88
N GLY B 252 -26.86 12.93 2.52
CA GLY B 252 -26.10 12.46 1.38
C GLY B 252 -25.46 11.12 1.67
N TRP B 253 -24.74 10.62 0.66
CA TRP B 253 -24.05 9.35 0.82
C TRP B 253 -23.05 9.34 1.97
N PRO B 254 -22.23 10.37 2.21
CA PRO B 254 -21.33 10.31 3.37
C PRO B 254 -22.07 10.15 4.68
N GLY B 255 -23.21 10.82 4.83
CA GLY B 255 -23.97 10.69 6.06
C GLY B 255 -24.40 9.27 6.34
N PHE B 256 -25.11 8.68 5.37
CA PHE B 256 -25.55 7.31 5.54
C PHE B 256 -24.36 6.36 5.61
N PHE B 257 -23.24 6.72 5.01
CA PHE B 257 -22.08 5.83 5.05
C PHE B 257 -21.49 5.76 6.45
N ALA B 258 -21.36 6.90 7.13
CA ALA B 258 -20.90 6.85 8.51
C ALA B 258 -21.92 6.15 9.39
N ILE B 259 -23.21 6.40 9.15
CA ILE B 259 -24.24 5.70 9.91
C ILE B 259 -24.12 4.19 9.72
N TYR B 260 -23.92 3.76 8.47
CA TYR B 260 -23.80 2.34 8.15
C TYR B 260 -22.54 1.74 8.75
N ALA B 261 -21.43 2.47 8.74
CA ALA B 261 -20.21 1.96 9.35
C ALA B 261 -20.39 1.77 10.85
N ILE B 262 -21.03 2.73 11.52
CA ILE B 262 -21.30 2.58 12.94
C ILE B 262 -22.22 1.40 13.20
N ALA B 263 -23.27 1.27 12.38
CA ALA B 263 -24.23 0.18 12.57
C ALA B 263 -23.58 -1.18 12.37
N VAL B 264 -22.75 -1.31 11.33
CA VAL B 264 -22.07 -2.57 11.07
C VAL B 264 -21.05 -2.87 12.17
N GLY B 265 -20.33 -1.85 12.63
CA GLY B 265 -19.41 -2.06 13.73
C GLY B 265 -20.11 -2.57 14.97
N LEU B 266 -21.23 -1.93 15.33
CA LEU B 266 -21.99 -2.39 16.49
C LEU B 266 -22.56 -3.78 16.28
N GLY B 267 -23.04 -4.08 15.08
CA GLY B 267 -23.62 -5.38 14.81
C GLY B 267 -22.59 -6.51 14.92
N VAL B 268 -21.41 -6.30 14.34
CA VAL B 268 -20.37 -7.30 14.45
C VAL B 268 -19.81 -7.36 15.87
N LEU B 269 -19.84 -6.23 16.59
CA LEU B 269 -19.35 -6.21 17.96
C LEU B 269 -20.33 -6.87 18.93
N SER B 270 -21.60 -6.98 18.55
CA SER B 270 -22.61 -7.59 19.40
C SER B 270 -22.69 -9.10 19.25
N HIS B 271 -21.93 -9.68 18.33
CA HIS B 271 -21.85 -11.12 18.09
C HIS B 271 -23.19 -11.73 17.71
N VAL B 272 -24.21 -10.93 17.44
CA VAL B 272 -25.46 -11.46 16.90
C VAL B 272 -25.21 -11.93 15.47
N PRO B 273 -25.76 -13.08 15.06
CA PRO B 273 -25.55 -13.53 13.68
C PRO B 273 -26.00 -12.48 12.67
N ALA B 274 -25.08 -12.08 11.82
CA ALA B 274 -25.27 -11.05 10.80
C ALA B 274 -25.59 -9.68 11.39
N GLY B 275 -25.41 -9.50 12.70
CA GLY B 275 -25.85 -8.28 13.34
C GLY B 275 -27.34 -8.03 13.16
N PHE B 276 -28.13 -9.09 13.04
CA PHE B 276 -29.50 -8.98 12.54
C PHE B 276 -30.35 -8.04 13.38
N GLY B 277 -30.10 -7.98 14.69
CA GLY B 277 -30.86 -7.07 15.51
C GLY B 277 -30.23 -5.70 15.58
N VAL B 278 -28.93 -5.66 15.89
CA VAL B 278 -28.27 -4.41 16.26
C VAL B 278 -28.13 -3.50 15.05
N PHE B 279 -27.79 -4.04 13.88
CA PHE B 279 -27.61 -3.20 12.70
C PHE B 279 -28.91 -2.49 12.33
N GLU B 280 -30.01 -3.24 12.27
CA GLU B 280 -31.31 -2.65 11.99
C GLU B 280 -31.71 -1.67 13.09
N THR B 281 -31.41 -2.01 14.34
CA THR B 281 -31.73 -1.11 15.44
C THR B 281 -31.05 0.24 15.27
N ILE B 282 -29.74 0.21 14.99
CA ILE B 282 -28.99 1.45 14.86
C ILE B 282 -29.50 2.27 13.69
N ILE B 283 -29.75 1.62 12.55
CA ILE B 283 -30.15 2.39 11.38
C ILE B 283 -31.55 2.95 11.55
N ILE B 284 -32.48 2.17 12.12
CA ILE B 284 -33.82 2.68 12.38
C ILE B 284 -33.77 3.84 13.35
N ALA B 285 -33.01 3.67 14.44
CA ALA B 285 -32.90 4.74 15.44
C ALA B 285 -32.28 5.99 14.85
N TRP B 286 -31.40 5.83 13.86
CA TRP B 286 -30.69 6.99 13.36
C TRP B 286 -31.51 7.74 12.33
N LEU B 287 -32.02 7.01 11.33
CA LEU B 287 -32.77 7.61 10.22
C LEU B 287 -34.23 7.80 10.52
N GLY B 288 -34.64 7.79 11.79
CA GLY B 288 -36.04 7.98 12.11
C GLY B 288 -36.55 9.35 11.70
N SER B 289 -35.75 10.40 11.96
CA SER B 289 -36.18 11.74 11.59
C SER B 289 -36.08 11.97 10.09
N SER B 290 -35.02 11.46 9.46
CA SER B 290 -34.78 11.76 8.05
C SER B 290 -35.78 11.05 7.15
N VAL B 291 -36.04 9.76 7.41
CA VAL B 291 -36.84 8.94 6.52
C VAL B 291 -38.00 8.34 7.31
N ASN B 292 -39.12 8.14 6.64
CA ASN B 292 -40.23 7.41 7.25
C ASN B 292 -39.78 6.00 7.62
N GLU B 293 -40.07 5.60 8.86
CA GLU B 293 -39.52 4.34 9.36
C GLU B 293 -40.07 3.13 8.64
N ASP B 294 -41.26 3.21 8.03
CA ASP B 294 -41.73 2.10 7.21
C ASP B 294 -40.84 1.92 5.98
N ALA B 295 -40.43 3.02 5.37
CA ALA B 295 -39.52 2.93 4.23
C ALA B 295 -38.15 2.44 4.65
N VAL B 296 -37.67 2.85 5.84
CA VAL B 296 -36.41 2.35 6.34
C VAL B 296 -36.49 0.86 6.60
N LEU B 297 -37.60 0.39 7.17
CA LEU B 297 -37.77 -1.03 7.42
C LEU B 297 -37.83 -1.82 6.12
N SER B 298 -38.53 -1.30 5.12
CA SER B 298 -38.55 -1.98 3.82
C SER B 298 -37.16 -2.04 3.21
N SER B 299 -36.42 -0.93 3.29
CA SER B 299 -35.06 -0.90 2.77
C SER B 299 -34.18 -1.89 3.52
N LEU B 300 -34.34 -2.00 4.84
CA LEU B 300 -33.56 -2.95 5.61
C LEU B 300 -33.90 -4.38 5.24
N VAL B 301 -35.18 -4.67 5.05
CA VAL B 301 -35.59 -6.02 4.64
C VAL B 301 -34.97 -6.37 3.29
N LEU B 302 -35.05 -5.43 2.35
CA LEU B 302 -34.55 -5.69 1.01
C LEU B 302 -33.02 -5.77 1.00
N TYR B 303 -32.36 -4.98 1.84
CA TYR B 303 -30.91 -5.06 1.98
C TYR B 303 -30.49 -6.39 2.58
N ARG B 304 -31.17 -6.84 3.63
CA ARG B 304 -30.88 -8.15 4.17
C ARG B 304 -31.03 -9.21 3.09
N VAL B 305 -32.18 -9.20 2.40
CA VAL B 305 -32.41 -10.18 1.34
C VAL B 305 -31.25 -10.17 0.35
N ILE B 306 -31.03 -9.03 -0.31
CA ILE B 306 -30.00 -8.95 -1.34
C ILE B 306 -28.65 -9.34 -0.75
N TYR B 307 -28.12 -8.51 0.15
CA TYR B 307 -26.73 -8.61 0.55
C TYR B 307 -26.42 -9.89 1.30
N ASN B 308 -27.41 -10.56 1.88
CA ASN B 308 -27.10 -11.79 2.62
C ASN B 308 -27.54 -13.05 1.87
N VAL B 309 -28.78 -13.10 1.41
CA VAL B 309 -29.26 -14.30 0.73
C VAL B 309 -28.64 -14.42 -0.66
N ILE B 310 -28.62 -13.33 -1.44
CA ILE B 310 -28.18 -13.42 -2.83
C ILE B 310 -26.75 -13.93 -2.94
N PRO B 311 -25.78 -13.50 -2.13
CA PRO B 311 -24.45 -14.15 -2.20
C PRO B 311 -24.47 -15.62 -1.87
N LEU B 312 -25.20 -16.04 -0.83
CA LEU B 312 -25.30 -17.46 -0.53
C LEU B 312 -25.96 -18.22 -1.67
N VAL B 313 -27.03 -17.67 -2.24
CA VAL B 313 -27.69 -18.31 -3.36
C VAL B 313 -26.74 -18.41 -4.55
N ILE B 314 -25.96 -17.35 -4.80
CA ILE B 314 -25.04 -17.35 -5.93
C ILE B 314 -23.97 -18.41 -5.75
N ALA B 315 -23.36 -18.46 -4.56
CA ALA B 315 -22.31 -19.45 -4.30
C ALA B 315 -22.86 -20.86 -4.37
N ILE B 316 -24.02 -21.09 -3.75
CA ILE B 316 -24.63 -22.42 -3.75
C ILE B 316 -24.95 -22.86 -5.17
N ALA B 317 -25.54 -21.96 -5.96
CA ALA B 317 -25.89 -22.29 -7.33
C ALA B 317 -24.64 -22.55 -8.18
N ALA B 318 -23.60 -21.74 -7.99
CA ALA B 318 -22.36 -21.94 -8.75
C ALA B 318 -21.77 -23.31 -8.46
N ILE B 319 -21.70 -23.68 -7.17
CA ILE B 319 -21.12 -24.97 -6.83
C ILE B 319 -22.03 -26.11 -7.33
N SER B 320 -23.34 -25.93 -7.23
CA SER B 320 -24.26 -26.97 -7.71
C SER B 320 -24.13 -27.18 -9.21
N VAL B 321 -24.02 -26.10 -9.97
CA VAL B 321 -23.82 -26.22 -11.42
C VAL B 321 -22.48 -26.88 -11.72
N ALA B 322 -21.43 -26.48 -11.00
CA ALA B 322 -20.13 -27.11 -11.19
C ALA B 322 -20.20 -28.61 -10.90
N GLU B 323 -21.03 -29.02 -9.94
CA GLU B 323 -21.22 -30.44 -9.69
C GLU B 323 -22.05 -31.09 -10.79
N LEU B 324 -22.98 -30.36 -11.38
CA LEU B 324 -23.77 -30.91 -12.48
C LEU B 324 -22.91 -31.20 -13.70
N ARG B 325 -22.01 -30.27 -14.05
CA ARG B 325 -21.17 -30.41 -15.22
C ARG B 325 -19.80 -30.98 -14.85
N SER B 334 -13.31 -27.21 -12.92
CA SER B 334 -12.60 -28.43 -12.58
C SER B 334 -12.32 -28.49 -11.09
N SER B 335 -11.21 -27.87 -10.67
CA SER B 335 -10.90 -27.79 -9.24
C SER B 335 -11.91 -26.95 -8.49
N MET B 336 -12.63 -26.07 -9.19
CA MET B 336 -13.79 -25.42 -8.59
C MET B 336 -14.74 -26.44 -8.00
N ARG B 337 -14.92 -27.57 -8.70
CA ARG B 337 -15.81 -28.61 -8.20
C ARG B 337 -15.31 -29.19 -6.88
N ARG B 338 -14.00 -29.44 -6.76
CA ARG B 338 -13.49 -30.04 -5.53
C ARG B 338 -13.55 -29.06 -4.37
N ILE B 339 -13.19 -27.80 -4.59
CA ILE B 339 -13.22 -26.84 -3.49
C ILE B 339 -14.67 -26.55 -3.09
N GLY B 340 -15.58 -26.49 -4.08
CA GLY B 340 -16.98 -26.32 -3.76
C GLY B 340 -17.58 -27.51 -3.06
N ALA B 341 -17.13 -28.72 -3.38
CA ALA B 341 -17.57 -29.89 -2.63
C ALA B 341 -17.10 -29.80 -1.18
N ARG B 342 -15.88 -29.31 -0.97
CA ARG B 342 -15.42 -29.10 0.39
C ARG B 342 -16.27 -28.08 1.13
N LEU B 343 -16.67 -27.01 0.44
CA LEU B 343 -17.38 -25.91 1.10
C LEU B 343 -18.90 -26.09 1.14
N MET B 344 -19.46 -27.04 0.40
CA MET B 344 -20.92 -27.14 0.33
C MET B 344 -21.62 -27.42 1.65
N PRO B 345 -21.15 -28.31 2.53
CA PRO B 345 -21.90 -28.52 3.78
C PRO B 345 -22.11 -27.24 4.58
N GLN B 346 -21.10 -26.38 4.66
CA GLN B 346 -21.24 -25.15 5.44
C GLN B 346 -22.09 -24.12 4.72
N LEU B 347 -21.94 -24.00 3.41
CA LEU B 347 -22.79 -23.09 2.65
C LEU B 347 -24.26 -23.50 2.76
N LEU B 348 -24.53 -24.80 2.67
CA LEU B 348 -25.89 -25.30 2.82
C LEU B 348 -26.39 -25.14 4.24
N SER B 349 -25.52 -25.26 5.24
CA SER B 349 -25.95 -25.02 6.61
C SER B 349 -26.36 -23.56 6.81
N ALA B 350 -25.56 -22.63 6.29
CA ALA B 350 -25.94 -21.22 6.38
C ALA B 350 -27.22 -20.93 5.62
N PHE B 351 -27.36 -21.51 4.42
CA PHE B 351 -28.57 -21.30 3.63
C PHE B 351 -29.78 -21.89 4.33
N ALA B 352 -29.61 -23.04 4.99
CA ALA B 352 -30.71 -23.64 5.73
C ALA B 352 -31.10 -22.79 6.92
N LEU B 353 -30.12 -22.19 7.60
CA LEU B 353 -30.43 -21.28 8.69
C LEU B 353 -31.25 -20.09 8.19
N LEU B 354 -30.82 -19.47 7.09
CA LEU B 354 -31.60 -18.37 6.53
C LEU B 354 -32.97 -18.84 6.07
N LEU B 355 -33.05 -20.04 5.50
CA LEU B 355 -34.30 -20.53 4.94
C LEU B 355 -35.32 -20.81 6.03
N GLY B 356 -34.89 -21.44 7.12
CA GLY B 356 -35.78 -21.65 8.24
C GLY B 356 -36.17 -20.35 8.92
N MET B 357 -35.24 -19.39 8.98
CA MET B 357 -35.60 -18.06 9.46
C MET B 357 -36.69 -17.45 8.60
N MET B 358 -36.55 -17.57 7.28
CA MET B 358 -37.58 -17.09 6.35
C MET B 358 -38.91 -17.78 6.62
N LEU B 359 -38.89 -19.09 6.81
CA LEU B 359 -40.13 -19.82 7.04
C LEU B 359 -40.81 -19.37 8.31
N VAL B 360 -40.04 -19.20 9.39
CA VAL B 360 -40.62 -18.76 10.65
C VAL B 360 -41.21 -17.35 10.50
N PHE B 361 -40.45 -16.45 9.89
CA PHE B 361 -40.94 -15.07 9.72
C PHE B 361 -42.19 -15.03 8.85
N SER B 362 -42.20 -15.79 7.76
CA SER B 362 -43.36 -15.83 6.88
C SER B 362 -44.56 -16.43 7.59
N SER B 363 -44.33 -17.39 8.49
CA SER B 363 -45.42 -17.88 9.31
C SER B 363 -45.98 -16.78 10.20
N VAL B 364 -45.09 -15.96 10.76
CA VAL B 364 -45.56 -14.88 11.62
C VAL B 364 -46.23 -13.77 10.80
N THR B 365 -45.60 -13.34 9.71
CA THR B 365 -46.16 -12.26 8.90
C THR B 365 -47.39 -12.73 8.13
N PRO B 366 -48.36 -11.85 7.92
CA PRO B 366 -49.63 -12.27 7.32
C PRO B 366 -49.58 -12.35 5.80
N THR B 367 -50.36 -13.30 5.27
CA THR B 367 -50.50 -13.45 3.83
C THR B 367 -51.41 -12.36 3.29
N PRO B 368 -51.16 -11.87 2.07
CA PRO B 368 -52.09 -10.92 1.45
C PRO B 368 -53.48 -11.52 1.31
N ASP B 369 -54.49 -10.66 1.42
CA ASP B 369 -55.88 -11.12 1.41
C ASP B 369 -56.24 -11.77 0.08
N HIS B 370 -55.67 -11.28 -1.02
CA HIS B 370 -55.96 -11.87 -2.33
C HIS B 370 -55.50 -13.32 -2.38
N ASN B 371 -54.29 -13.59 -1.92
CA ASN B 371 -53.80 -14.97 -1.87
C ASN B 371 -54.66 -15.80 -0.93
N LEU B 372 -55.11 -15.21 0.17
CA LEU B 372 -55.93 -15.94 1.13
C LEU B 372 -57.25 -16.38 0.50
N ILE B 373 -57.93 -15.47 -0.20
CA ILE B 373 -59.18 -15.86 -0.83
C ILE B 373 -58.94 -16.83 -1.99
N VAL B 374 -57.83 -16.67 -2.71
CA VAL B 374 -57.52 -17.61 -3.79
C VAL B 374 -57.35 -19.02 -3.24
N LEU B 375 -56.64 -19.16 -2.13
CA LEU B 375 -56.48 -20.49 -1.53
C LEU B 375 -57.77 -20.98 -0.89
N SER B 376 -58.59 -20.08 -0.33
CA SER B 376 -59.87 -20.49 0.22
C SER B 376 -60.78 -21.03 -0.87
N ASP B 377 -60.68 -20.50 -2.09
CA ASP B 377 -61.50 -21.01 -3.19
C ASP B 377 -61.17 -22.46 -3.54
N TYR B 378 -59.97 -22.94 -3.20
CA TYR B 378 -59.53 -24.27 -3.60
C TYR B 378 -59.19 -25.20 -2.44
N LEU B 379 -58.83 -24.69 -1.27
CA LEU B 379 -58.28 -25.54 -0.23
C LEU B 379 -59.16 -25.53 1.02
N PRO B 380 -59.17 -26.63 1.78
CA PRO B 380 -59.93 -26.67 3.03
C PRO B 380 -59.31 -25.79 4.09
N LEU B 381 -60.16 -25.39 5.06
CA LEU B 381 -59.72 -24.51 6.13
C LEU B 381 -58.70 -25.20 7.04
N SER B 382 -59.04 -26.41 7.51
CA SER B 382 -58.15 -27.12 8.42
C SER B 382 -56.82 -27.41 7.76
N LEU B 383 -56.85 -27.76 6.47
CA LEU B 383 -55.61 -28.00 5.74
C LEU B 383 -54.75 -26.74 5.69
N VAL B 384 -55.36 -25.59 5.46
CA VAL B 384 -54.60 -24.34 5.37
C VAL B 384 -53.98 -23.99 6.71
N GLU B 385 -54.76 -24.09 7.79
CA GLU B 385 -54.23 -23.75 9.11
C GLU B 385 -53.12 -24.72 9.53
N SER B 386 -53.32 -26.01 9.27
CA SER B 386 -52.29 -27.00 9.56
C SER B 386 -51.04 -26.75 8.72
N ALA B 387 -51.22 -26.34 7.47
CA ALA B 387 -50.07 -26.03 6.62
C ALA B 387 -49.30 -24.83 7.16
N HIS B 388 -50.01 -23.82 7.65
CA HIS B 388 -49.33 -22.67 8.26
C HIS B 388 -48.50 -23.10 9.47
N PHE B 389 -49.14 -23.81 10.40
CA PHE B 389 -48.43 -24.23 11.61
C PHE B 389 -47.26 -25.15 11.28
N LEU B 390 -47.47 -26.08 10.35
CA LEU B 390 -46.42 -27.02 9.98
C LEU B 390 -45.30 -26.34 9.23
N SER B 391 -45.60 -25.32 8.43
CA SER B 391 -44.52 -24.57 7.78
C SER B 391 -43.68 -23.84 8.81
N SER B 392 -44.31 -23.27 9.83
CA SER B 392 -43.57 -22.64 10.91
C SER B 392 -42.64 -23.65 11.61
N LEU B 393 -43.21 -24.78 12.03
CA LEU B 393 -42.41 -25.78 12.73
C LEU B 393 -41.35 -26.39 11.82
N LEU B 394 -41.62 -26.46 10.51
CA LEU B 394 -40.64 -27.02 9.58
C LEU B 394 -39.49 -26.05 9.37
N GLY B 395 -39.76 -24.75 9.37
CA GLY B 395 -38.67 -23.79 9.36
C GLY B 395 -37.79 -23.92 10.58
N LEU B 396 -38.41 -24.08 11.75
CA LEU B 396 -37.61 -24.28 12.95
C LEU B 396 -36.82 -25.59 12.88
N ALA B 397 -37.42 -26.63 12.32
CA ALA B 397 -36.73 -27.90 12.15
C ALA B 397 -35.56 -27.77 11.17
N ILE B 398 -35.73 -26.96 10.13
CA ILE B 398 -34.65 -26.75 9.18
C ILE B 398 -33.49 -26.02 9.84
N ILE B 399 -33.77 -24.99 10.64
CA ILE B 399 -32.66 -24.33 11.30
C ILE B 399 -32.06 -25.18 12.41
N VAL B 400 -32.79 -26.20 12.89
CA VAL B 400 -32.17 -27.17 13.79
C VAL B 400 -31.25 -28.11 13.01
N ALA B 401 -31.71 -28.62 11.87
CA ALA B 401 -30.94 -29.55 11.06
C ALA B 401 -29.81 -28.89 10.29
N ALA B 402 -29.75 -27.57 10.27
CA ALA B 402 -28.64 -26.88 9.62
C ALA B 402 -27.31 -27.25 10.25
N ARG B 403 -27.28 -27.38 11.59
CA ARG B 403 -26.05 -27.78 12.26
C ARG B 403 -25.61 -29.17 11.80
N GLY B 404 -26.54 -30.10 11.68
CA GLY B 404 -26.19 -31.41 11.17
C GLY B 404 -25.70 -31.37 9.74
N LEU B 405 -26.32 -30.51 8.92
CA LEU B 405 -25.82 -30.33 7.56
C LEU B 405 -24.38 -29.85 7.57
N SER B 406 -24.04 -28.94 8.48
CA SER B 406 -22.67 -28.48 8.60
C SER B 406 -21.72 -29.61 8.98
N GLN B 407 -22.23 -30.70 9.56
CA GLN B 407 -21.42 -31.84 9.97
C GLN B 407 -21.53 -33.02 9.00
N ARG B 408 -22.07 -32.80 7.81
CA ARG B 408 -22.17 -33.83 6.77
C ARG B 408 -22.99 -35.03 7.25
N LEU B 409 -23.96 -34.81 8.13
CA LEU B 409 -24.74 -35.91 8.65
C LEU B 409 -25.75 -36.39 7.62
N ASP B 410 -25.80 -37.71 7.41
CA ASP B 410 -26.78 -38.28 6.48
C ASP B 410 -28.20 -38.05 6.99
N GLY B 411 -28.43 -38.28 8.27
CA GLY B 411 -29.74 -38.02 8.84
C GLY B 411 -30.13 -36.56 8.73
N ALA B 412 -29.15 -35.67 8.86
CA ALA B 412 -29.43 -34.25 8.69
C ALA B 412 -29.80 -33.93 7.26
N TRP B 413 -29.14 -34.56 6.29
CA TRP B 413 -29.53 -34.38 4.91
C TRP B 413 -30.96 -34.83 4.69
N TRP B 414 -31.33 -35.99 5.22
CA TRP B 414 -32.70 -36.48 5.05
C TRP B 414 -33.70 -35.53 5.68
N VAL B 415 -33.44 -35.12 6.93
CA VAL B 415 -34.38 -34.26 7.65
C VAL B 415 -34.53 -32.93 6.93
N SER B 416 -33.42 -32.32 6.56
CA SER B 416 -33.49 -31.02 5.89
C SER B 416 -34.15 -31.13 4.52
N THR B 417 -33.86 -32.20 3.77
CA THR B 417 -34.46 -32.37 2.44
C THR B 417 -35.98 -32.51 2.55
N PHE B 418 -36.44 -33.42 3.42
CA PHE B 418 -37.87 -33.62 3.55
C PHE B 418 -38.56 -32.41 4.16
N SER B 419 -37.93 -31.74 5.13
CA SER B 419 -38.52 -30.53 5.68
C SER B 419 -38.61 -29.44 4.63
N ALA B 420 -37.58 -29.29 3.80
CA ALA B 420 -37.63 -28.28 2.75
C ALA B 420 -38.69 -28.60 1.71
N LEU B 421 -38.83 -29.87 1.33
CA LEU B 421 -39.86 -30.24 0.36
C LEU B 421 -41.26 -30.02 0.92
N PHE B 422 -41.49 -30.48 2.16
CA PHE B 422 -42.79 -30.29 2.79
C PHE B 422 -43.09 -28.82 3.02
N ALA B 423 -42.07 -28.01 3.31
CA ALA B 423 -42.30 -26.58 3.48
C ALA B 423 -42.52 -25.90 2.15
N LEU B 424 -41.90 -26.38 1.09
CA LEU B 424 -42.22 -25.91 -0.25
C LEU B 424 -43.71 -26.12 -0.54
N PHE B 425 -44.19 -27.34 -0.31
CA PHE B 425 -45.60 -27.62 -0.54
C PHE B 425 -46.50 -26.81 0.39
N PHE B 426 -46.12 -26.72 1.67
CA PHE B 426 -46.95 -26.03 2.65
C PHE B 426 -46.93 -24.52 2.47
N SER B 427 -45.90 -23.98 1.80
CA SER B 427 -45.90 -22.57 1.45
C SER B 427 -46.65 -22.30 0.16
N LEU B 428 -46.65 -23.25 -0.77
CA LEU B 428 -47.56 -23.15 -1.91
C LEU B 428 -49.01 -23.35 -1.50
N LEU B 429 -49.26 -23.95 -0.33
CA LEU B 429 -50.61 -24.17 0.17
C LEU B 429 -51.10 -23.08 1.11
N LYS B 430 -50.33 -22.74 2.15
CA LYS B 430 -50.74 -21.71 3.09
C LYS B 430 -50.75 -20.32 2.47
N ALA B 431 -50.15 -20.17 1.29
CA ALA B 431 -50.11 -18.90 0.56
C ALA B 431 -49.69 -19.21 -0.87
N ILE B 432 -49.47 -18.17 -1.66
CA ILE B 432 -48.87 -18.37 -2.97
C ILE B 432 -47.36 -18.53 -2.85
N ALA B 433 -46.72 -17.63 -2.12
CA ALA B 433 -45.32 -17.75 -1.71
C ALA B 433 -44.41 -18.11 -2.88
N ILE B 434 -44.39 -17.24 -3.89
CA ILE B 434 -43.62 -17.52 -5.09
C ILE B 434 -42.13 -17.52 -4.79
N VAL B 435 -41.64 -16.46 -4.15
CA VAL B 435 -40.21 -16.40 -3.84
C VAL B 435 -39.85 -17.40 -2.75
N GLU B 436 -40.74 -17.58 -1.78
CA GLU B 436 -40.53 -18.59 -0.74
C GLU B 436 -40.40 -19.98 -1.36
N ALA B 437 -41.33 -20.33 -2.24
CA ALA B 437 -41.28 -21.64 -2.91
C ALA B 437 -40.06 -21.76 -3.78
N GLY B 438 -39.67 -20.67 -4.47
CA GLY B 438 -38.48 -20.72 -5.29
C GLY B 438 -37.23 -20.98 -4.48
N LEU B 439 -37.10 -20.28 -3.35
CA LEU B 439 -35.93 -20.49 -2.49
C LEU B 439 -35.91 -21.90 -1.92
N LEU B 440 -37.07 -22.41 -1.48
CA LEU B 440 -37.10 -23.75 -0.93
C LEU B 440 -36.78 -24.80 -1.99
N ALA B 441 -37.30 -24.61 -3.22
CA ALA B 441 -36.99 -25.55 -4.30
C ALA B 441 -35.52 -25.49 -4.70
N PHE B 442 -34.94 -24.29 -4.69
CA PHE B 442 -33.51 -24.16 -4.96
C PHE B 442 -32.69 -24.85 -3.89
N PHE B 443 -33.11 -24.73 -2.62
CA PHE B 443 -32.44 -25.45 -1.54
C PHE B 443 -32.53 -26.95 -1.75
N VAL B 444 -33.70 -27.45 -2.13
CA VAL B 444 -33.86 -28.88 -2.38
C VAL B 444 -32.98 -29.33 -3.53
N PHE B 445 -32.92 -28.53 -4.60
CA PHE B 445 -32.08 -28.84 -5.74
C PHE B 445 -30.62 -28.96 -5.33
N SER B 446 -30.10 -27.93 -4.64
CA SER B 446 -28.71 -27.96 -4.20
C SER B 446 -28.46 -29.06 -3.18
N LEU B 447 -29.47 -29.46 -2.43
CA LEU B 447 -29.32 -30.50 -1.43
C LEU B 447 -29.26 -31.88 -2.04
N VAL B 448 -30.04 -32.12 -3.10
CA VAL B 448 -30.00 -33.42 -3.76
C VAL B 448 -28.84 -33.52 -4.75
N VAL B 449 -28.38 -32.39 -5.29
CA VAL B 449 -27.20 -32.41 -6.15
C VAL B 449 -25.96 -32.75 -5.34
N SER B 450 -25.88 -32.24 -4.11
CA SER B 450 -24.75 -32.48 -3.22
C SER B 450 -25.03 -33.60 -2.23
N ARG B 451 -25.78 -34.62 -2.65
CA ARG B 451 -26.17 -35.70 -1.75
C ARG B 451 -24.96 -36.47 -1.25
N ARG B 452 -23.95 -36.67 -2.10
CA ARG B 452 -22.83 -37.53 -1.75
C ARG B 452 -22.08 -37.02 -0.53
N LEU B 453 -22.03 -35.71 -0.32
CA LEU B 453 -21.22 -35.14 0.74
C LEU B 453 -21.77 -35.44 2.13
N PHE B 454 -23.04 -35.84 2.24
CA PHE B 454 -23.69 -36.06 3.52
C PHE B 454 -23.85 -37.57 3.71
N LYS B 455 -22.84 -38.20 4.33
CA LYS B 455 -22.86 -39.63 4.55
C LYS B 455 -22.55 -40.03 5.99
N ARG B 456 -22.22 -39.09 6.86
CA ARG B 456 -21.89 -39.44 8.24
C ARG B 456 -23.12 -39.99 8.95
N PRO B 457 -22.98 -41.04 9.75
CA PRO B 457 -24.13 -41.69 10.38
C PRO B 457 -24.51 -41.19 11.77
N ALA B 458 -23.93 -40.09 12.24
CA ALA B 458 -24.28 -39.59 13.55
C ALA B 458 -25.71 -39.03 13.56
N SER B 459 -26.21 -38.75 14.76
CA SER B 459 -27.59 -38.37 14.96
C SER B 459 -27.70 -36.90 15.35
N LEU B 460 -28.68 -36.21 14.77
CA LEU B 460 -28.90 -34.81 15.06
C LEU B 460 -29.31 -34.61 16.50
N LEU B 461 -30.23 -35.44 16.99
CA LEU B 461 -30.84 -35.29 18.30
C LEU B 461 -30.04 -35.98 19.40
N ASN B 462 -28.75 -36.16 19.21
CA ASN B 462 -27.87 -36.76 20.20
C ASN B 462 -26.66 -35.87 20.43
N GLN B 463 -26.87 -34.56 20.45
CA GLN B 463 -25.77 -33.59 20.52
C GLN B 463 -26.21 -32.36 21.28
N THR B 464 -25.36 -31.90 22.20
CA THR B 464 -25.49 -30.54 22.72
C THR B 464 -25.17 -29.56 21.60
N LEU B 465 -26.16 -28.75 21.22
CA LEU B 465 -26.14 -28.13 19.89
C LEU B 465 -24.93 -27.22 19.70
N THR B 466 -24.92 -26.06 20.34
CA THR B 466 -23.78 -25.15 20.44
C THR B 466 -24.26 -23.93 21.20
N ALA B 467 -23.34 -23.18 21.79
CA ALA B 467 -23.68 -21.85 22.26
C ALA B 467 -24.11 -20.97 21.09
N GLY B 468 -23.37 -21.04 19.98
CA GLY B 468 -23.74 -20.26 18.82
C GLY B 468 -25.05 -20.70 18.19
N TRP B 469 -25.31 -22.01 18.18
CA TRP B 469 -26.53 -22.48 17.55
C TRP B 469 -27.77 -22.21 18.38
N LEU B 470 -27.68 -22.35 19.72
CA LEU B 470 -28.76 -21.85 20.55
C LEU B 470 -28.90 -20.34 20.45
N THR B 471 -27.80 -19.62 20.26
CA THR B 471 -27.90 -18.18 20.02
C THR B 471 -28.71 -17.91 18.75
N ALA B 472 -28.43 -18.65 17.68
CA ALA B 472 -29.16 -18.47 16.44
C ALA B 472 -30.64 -18.81 16.62
N ILE B 473 -30.93 -19.92 17.31
CA ILE B 473 -32.32 -20.31 17.55
C ILE B 473 -33.04 -19.23 18.33
N ALA B 474 -32.42 -18.74 19.40
CA ALA B 474 -33.05 -17.72 20.23
C ALA B 474 -33.24 -16.43 19.46
N VAL B 475 -32.27 -16.04 18.64
CA VAL B 475 -32.40 -14.82 17.86
C VAL B 475 -33.55 -14.94 16.88
N VAL B 476 -33.64 -16.07 16.17
CA VAL B 476 -34.75 -16.27 15.23
C VAL B 476 -36.08 -16.23 15.97
N CYS B 477 -36.15 -16.89 17.12
CA CYS B 477 -37.42 -16.99 17.85
C CYS B 477 -37.85 -15.65 18.40
N ILE B 478 -36.93 -14.91 19.01
CA ILE B 478 -37.26 -13.61 19.56
C ILE B 478 -37.59 -12.62 18.45
N GLY B 479 -36.89 -12.71 17.32
CA GLY B 479 -37.24 -11.89 16.18
C GLY B 479 -38.63 -12.19 15.66
N ALA B 480 -39.01 -13.47 15.63
CA ALA B 480 -40.36 -13.83 15.23
C ALA B 480 -41.39 -13.28 16.20
N ILE B 481 -41.10 -13.37 17.50
CA ILE B 481 -42.02 -12.85 18.50
C ILE B 481 -42.19 -11.35 18.35
N VAL B 482 -41.10 -10.63 18.14
CA VAL B 482 -41.17 -9.18 17.98
C VAL B 482 -41.88 -8.81 16.69
N VAL B 483 -41.65 -9.58 15.62
CA VAL B 483 -42.35 -9.32 14.36
C VAL B 483 -43.84 -9.55 14.53
N LEU B 484 -44.21 -10.55 15.33
CA LEU B 484 -45.63 -10.76 15.63
C LEU B 484 -46.20 -9.58 16.41
N PHE B 485 -45.46 -9.11 17.42
CA PHE B 485 -45.93 -7.97 18.20
C PHE B 485 -46.04 -6.71 17.35
N PHE B 486 -45.21 -6.61 16.30
CA PHE B 486 -45.21 -5.43 15.45
C PHE B 486 -46.33 -5.49 14.41
N VAL B 487 -46.51 -6.66 13.79
CA VAL B 487 -47.53 -6.80 12.75
C VAL B 487 -48.92 -6.63 13.33
N TYR B 488 -49.18 -7.23 14.48
CA TYR B 488 -50.50 -7.20 15.12
C TYR B 488 -50.48 -6.33 16.36
N ARG B 489 -49.76 -5.20 16.29
CA ARG B 489 -49.77 -4.26 17.41
C ARG B 489 -51.11 -3.56 17.53
N ASP B 490 -51.69 -3.17 16.39
CA ASP B 490 -53.00 -2.52 16.42
C ASP B 490 -54.07 -3.46 16.96
N VAL B 491 -54.05 -4.72 16.52
CA VAL B 491 -55.00 -5.69 17.03
C VAL B 491 -54.60 -6.09 18.44
N GLY B 492 -55.55 -6.02 19.37
CA GLY B 492 -55.27 -6.36 20.74
C GLY B 492 -55.09 -7.86 20.93
N TYR B 493 -54.54 -8.21 22.09
CA TYR B 493 -54.34 -9.61 22.45
C TYR B 493 -55.61 -10.10 23.13
N SER B 494 -56.48 -10.72 22.34
CA SER B 494 -57.71 -11.30 22.85
C SER B 494 -57.53 -12.80 23.06
N ASN B 495 -58.02 -13.30 24.20
CA ASN B 495 -57.90 -14.72 24.49
C ASN B 495 -58.68 -15.57 23.50
N GLU B 496 -59.63 -14.98 22.78
CA GLU B 496 -60.37 -15.69 21.75
C GLU B 496 -59.63 -15.75 20.43
N LEU B 497 -58.53 -14.98 20.29
CA LEU B 497 -57.73 -15.04 19.07
C LEU B 497 -57.06 -16.39 18.89
N TRP B 498 -56.93 -17.17 19.97
CA TRP B 498 -56.28 -18.48 19.86
C TRP B 498 -57.07 -19.41 18.94
N TRP B 499 -58.40 -19.39 19.03
CA TRP B 499 -59.23 -20.40 18.39
C TRP B 499 -59.91 -19.92 17.11
N GLN B 500 -59.59 -18.72 16.63
CA GLN B 500 -60.16 -18.26 15.37
C GLN B 500 -59.54 -19.00 14.21
N PHE B 501 -60.37 -19.38 13.23
CA PHE B 501 -59.91 -20.27 12.17
C PHE B 501 -60.36 -19.89 10.76
N GLU B 502 -61.34 -19.01 10.59
CA GLU B 502 -62.08 -18.92 9.32
C GLU B 502 -61.52 -17.88 8.36
N PHE B 503 -60.20 -17.92 8.10
CA PHE B 503 -59.58 -17.14 7.03
C PHE B 503 -59.72 -15.63 7.18
N ALA B 504 -60.41 -15.18 8.23
CA ALA B 504 -60.70 -13.75 8.35
C ALA B 504 -59.42 -12.96 8.53
N ASP B 505 -58.50 -13.47 9.34
CA ASP B 505 -57.21 -12.84 9.58
C ASP B 505 -56.22 -13.91 9.99
N GLU B 506 -54.94 -13.63 9.75
CA GLU B 506 -53.89 -14.56 10.14
C GLU B 506 -53.29 -14.21 11.50
N ALA B 507 -53.85 -13.24 12.21
CA ALA B 507 -53.45 -13.04 13.60
C ALA B 507 -53.63 -14.29 14.44
N PRO B 508 -54.76 -15.03 14.36
CA PRO B 508 -54.79 -16.34 15.01
C PRO B 508 -53.74 -17.29 14.47
N ARG B 509 -53.51 -17.29 13.15
CA ARG B 509 -52.49 -18.15 12.58
C ARG B 509 -51.10 -17.71 13.02
N GLY B 510 -50.83 -16.41 12.97
CA GLY B 510 -49.54 -15.91 13.40
C GLY B 510 -49.28 -16.16 14.88
N LEU B 511 -50.30 -15.94 15.71
CA LEU B 511 -50.15 -16.16 17.14
C LEU B 511 -49.90 -17.63 17.45
N ARG B 512 -50.65 -18.53 16.80
CA ARG B 512 -50.43 -19.96 17.01
C ARG B 512 -49.05 -20.38 16.53
N ALA B 513 -48.61 -19.86 15.38
CA ALA B 513 -47.27 -20.19 14.88
C ALA B 513 -46.20 -19.70 15.84
N ALA B 514 -46.36 -18.48 16.37
CA ALA B 514 -45.37 -17.95 17.30
C ALA B 514 -45.33 -18.77 18.58
N LEU B 515 -46.49 -19.18 19.08
CA LEU B 515 -46.52 -20.03 20.27
C LEU B 515 -45.83 -21.36 20.00
N GLY B 516 -46.10 -21.96 18.83
CA GLY B 516 -45.44 -23.21 18.49
C GLY B 516 -43.93 -23.06 18.40
N ILE B 517 -43.48 -21.97 17.75
CA ILE B 517 -42.06 -21.69 17.68
C ILE B 517 -41.44 -21.57 19.06
N SER B 518 -42.07 -20.80 19.94
CA SER B 518 -41.53 -20.61 21.28
C SER B 518 -41.45 -21.93 22.03
N ILE B 519 -42.52 -22.73 21.97
CA ILE B 519 -42.55 -23.99 22.72
C ILE B 519 -41.49 -24.96 22.18
N VAL B 520 -41.42 -25.12 20.86
CA VAL B 520 -40.48 -26.09 20.29
C VAL B 520 -39.05 -25.63 20.51
N SER B 521 -38.79 -24.32 20.43
CA SER B 521 -37.44 -23.83 20.67
C SER B 521 -37.04 -24.00 22.14
N SER B 522 -37.97 -23.77 23.06
CA SER B 522 -37.68 -24.05 24.46
C SER B 522 -37.40 -25.52 24.68
N ALA B 523 -38.16 -26.39 24.00
CA ALA B 523 -37.91 -27.82 24.09
C ALA B 523 -36.52 -28.15 23.56
N ILE B 524 -36.12 -27.53 22.45
CA ILE B 524 -34.80 -27.78 21.88
C ILE B 524 -33.70 -27.34 22.83
N ALA B 525 -33.85 -26.15 23.42
CA ALA B 525 -32.84 -25.68 24.37
C ALA B 525 -32.76 -26.57 25.59
N ILE B 526 -33.91 -26.99 26.12
CA ILE B 526 -33.93 -27.89 27.28
C ILE B 526 -33.27 -29.22 26.93
N PHE B 527 -33.57 -29.75 25.75
CA PHE B 527 -32.97 -31.02 25.34
C PHE B 527 -31.46 -30.89 25.17
N SER B 528 -31.01 -29.76 24.64
CA SER B 528 -29.57 -29.56 24.46
C SER B 528 -28.85 -29.40 25.79
N LEU B 529 -29.48 -28.74 26.77
CA LEU B 529 -28.87 -28.61 28.10
C LEU B 529 -29.16 -29.79 29.02
N LEU B 530 -29.92 -30.78 28.57
CA LEU B 530 -30.10 -32.01 29.33
C LEU B 530 -29.55 -33.21 28.56
N VAL B 540 -11.85 -47.97 30.63
CA VAL B 540 -10.76 -48.80 30.13
C VAL B 540 -10.93 -50.25 30.58
N SER B 541 -10.05 -51.11 30.10
CA SER B 541 -10.05 -52.52 30.45
C SER B 541 -8.67 -53.08 30.12
N ASP B 542 -8.54 -54.42 30.15
CA ASP B 542 -7.29 -55.07 29.81
C ASP B 542 -7.28 -55.61 28.39
N ASP B 543 -8.39 -56.20 27.93
CA ASP B 543 -8.46 -56.66 26.55
C ASP B 543 -8.37 -55.49 25.56
N ALA B 544 -8.92 -54.33 25.93
CA ALA B 544 -8.79 -53.16 25.08
C ALA B 544 -7.32 -52.78 24.91
N VAL B 545 -6.57 -52.72 26.00
CA VAL B 545 -5.15 -52.40 25.91
C VAL B 545 -4.42 -53.48 25.14
N ALA B 546 -4.81 -54.74 25.31
CA ALA B 546 -4.15 -55.83 24.59
C ALA B 546 -4.32 -55.65 23.08
N ARG B 547 -5.56 -55.44 22.63
CA ARG B 547 -5.80 -55.24 21.20
C ARG B 547 -5.12 -53.98 20.69
N ALA B 548 -5.08 -52.93 21.52
CA ALA B 548 -4.37 -51.71 21.13
C ALA B 548 -2.89 -52.00 20.92
N VAL B 549 -2.28 -52.79 21.80
CA VAL B 549 -0.86 -53.12 21.64
C VAL B 549 -0.64 -53.99 20.42
N GLU B 550 -1.58 -54.90 20.14
CA GLU B 550 -1.48 -55.68 18.91
C GLU B 550 -1.46 -54.77 17.68
N ILE B 551 -2.37 -53.80 17.65
CA ILE B 551 -2.41 -52.84 16.55
C ILE B 551 -1.12 -52.04 16.51
N VAL B 552 -0.62 -51.62 17.67
CA VAL B 552 0.60 -50.81 17.72
C VAL B 552 1.77 -51.55 17.11
N ARG B 553 1.95 -52.81 17.51
CA ARG B 553 3.04 -53.61 16.95
C ARG B 553 2.84 -53.86 15.47
N LYS B 554 1.58 -54.01 15.02
CA LYS B 554 1.34 -54.23 13.61
C LYS B 554 1.64 -53.00 12.75
N GLN B 555 1.84 -51.83 13.33
CA GLN B 555 2.04 -50.60 12.57
C GLN B 555 3.43 -50.01 12.87
N GLY B 556 3.65 -48.80 12.38
CA GLY B 556 4.97 -48.21 12.46
C GLY B 556 5.09 -46.86 13.14
N VAL B 557 4.35 -46.64 14.22
CA VAL B 557 4.48 -45.44 15.04
C VAL B 557 4.87 -45.88 16.44
N ALA B 558 6.08 -45.51 16.86
CA ALA B 558 6.59 -45.96 18.15
C ALA B 558 5.86 -45.29 19.32
N ASP B 559 5.49 -44.03 19.14
CA ASP B 559 4.84 -43.28 20.20
C ASP B 559 3.47 -43.83 20.56
N ALA B 560 2.92 -44.71 19.74
CA ALA B 560 1.64 -45.34 20.06
C ALA B 560 1.74 -46.28 21.25
N ASN B 561 2.95 -46.61 21.68
CA ASN B 561 3.14 -47.49 22.83
C ASN B 561 2.75 -46.83 24.15
N LEU B 562 2.43 -45.53 24.14
CA LEU B 562 1.93 -44.91 25.35
C LEU B 562 0.56 -45.44 25.77
N VAL B 563 -0.09 -46.22 24.91
CA VAL B 563 -1.36 -46.83 25.28
C VAL B 563 -1.20 -47.82 26.42
N ARG B 564 -0.01 -48.41 26.58
CA ARG B 564 0.22 -49.40 27.61
C ARG B 564 0.07 -48.83 29.02
N MET B 565 0.08 -47.51 29.16
CA MET B 565 -0.05 -46.90 30.48
C MET B 565 -1.40 -47.22 31.11
N GLY B 566 -2.42 -47.48 30.28
CA GLY B 566 -3.72 -47.85 30.77
C GLY B 566 -4.61 -46.71 31.23
N ASP B 567 -4.13 -45.47 31.15
CA ASP B 567 -4.92 -44.31 31.55
C ASP B 567 -5.67 -43.68 30.40
N LYS B 568 -5.50 -44.17 29.17
CA LYS B 568 -6.19 -43.63 28.01
C LYS B 568 -7.34 -44.56 27.63
N SER B 569 -8.55 -44.02 27.63
CA SER B 569 -9.66 -44.74 27.05
C SER B 569 -9.40 -45.00 25.58
N ILE B 570 -9.67 -46.22 25.13
CA ILE B 570 -9.31 -46.68 23.80
C ILE B 570 -10.58 -46.83 22.98
N MET B 571 -10.59 -46.22 21.80
CA MET B 571 -11.74 -46.23 20.90
C MET B 571 -11.33 -46.94 19.62
N PHE B 572 -11.88 -48.12 19.39
CA PHE B 572 -11.45 -48.96 18.28
C PHE B 572 -12.26 -48.65 17.02
N SER B 573 -11.66 -48.98 15.88
CA SER B 573 -12.33 -48.81 14.60
C SER B 573 -13.45 -49.83 14.44
N GLU B 574 -14.26 -49.64 13.41
CA GLU B 574 -15.38 -50.55 13.16
C GLU B 574 -14.90 -51.97 12.91
N LYS B 575 -13.85 -52.13 12.10
CA LYS B 575 -13.24 -53.43 11.91
C LYS B 575 -12.31 -53.82 13.04
N GLY B 576 -11.99 -52.90 13.95
CA GLY B 576 -10.99 -53.14 14.96
C GLY B 576 -9.57 -52.99 14.49
N ASP B 577 -9.36 -52.61 13.23
CA ASP B 577 -8.01 -52.47 12.70
C ASP B 577 -7.26 -51.33 13.38
N ALA B 578 -7.93 -50.21 13.62
CA ALA B 578 -7.30 -49.03 14.17
C ALA B 578 -7.98 -48.60 15.46
N PHE B 579 -7.30 -47.76 16.23
CA PHE B 579 -7.84 -47.27 17.49
C PHE B 579 -7.37 -45.85 17.74
N ILE B 580 -8.10 -45.16 18.60
CA ILE B 580 -7.75 -43.81 19.05
C ILE B 580 -7.68 -43.85 20.57
N MET B 581 -6.46 -43.73 21.10
CA MET B 581 -6.29 -43.59 22.54
C MET B 581 -6.62 -42.15 22.93
N TYR B 582 -7.41 -41.99 24.00
CA TYR B 582 -7.84 -40.65 24.37
C TYR B 582 -8.13 -40.60 25.85
N GLY B 583 -8.15 -39.38 26.37
CA GLY B 583 -8.54 -39.15 27.76
C GLY B 583 -9.50 -37.99 27.84
N LYS B 584 -10.47 -38.12 28.74
CA LYS B 584 -11.52 -37.11 28.90
C LYS B 584 -11.15 -36.17 30.03
N GLN B 585 -11.24 -34.86 29.77
CA GLN B 585 -10.94 -33.86 30.77
C GLN B 585 -11.79 -32.62 30.50
N GLY B 586 -12.43 -32.11 31.55
CA GLY B 586 -13.29 -30.96 31.38
C GLY B 586 -14.44 -31.27 30.45
N ARG B 587 -14.64 -30.41 29.45
CA ARG B 587 -15.66 -30.60 28.44
C ARG B 587 -15.09 -31.14 27.13
N SER B 588 -13.88 -31.69 27.15
CA SER B 588 -13.20 -32.09 25.93
C SER B 588 -12.72 -33.53 26.04
N TRP B 589 -12.87 -34.26 24.94
CA TRP B 589 -12.28 -35.60 24.80
C TRP B 589 -10.92 -35.42 24.13
N ILE B 590 -9.90 -35.23 24.95
CA ILE B 590 -8.57 -34.93 24.43
C ILE B 590 -7.92 -36.19 23.91
N ALA B 591 -8.00 -36.39 22.59
CA ALA B 591 -7.34 -37.54 21.98
C ALA B 591 -5.83 -37.34 21.95
N LEU B 592 -5.12 -38.44 22.11
CA LEU B 592 -3.67 -38.45 21.98
C LEU B 592 -3.30 -38.47 20.50
N PHE B 593 -2.08 -38.95 20.21
CA PHE B 593 -1.45 -38.90 18.90
C PHE B 593 -2.36 -39.52 17.84
N ASP B 594 -2.00 -39.37 16.57
CA ASP B 594 -2.76 -39.84 15.41
C ASP B 594 -3.39 -41.21 15.65
N PRO B 595 -4.60 -41.43 15.15
CA PRO B 595 -5.19 -42.77 15.22
C PRO B 595 -4.22 -43.83 14.72
N VAL B 596 -4.05 -44.87 15.51
CA VAL B 596 -3.02 -45.88 15.29
C VAL B 596 -3.63 -47.03 14.51
N GLY B 597 -3.02 -47.37 13.38
CA GLY B 597 -3.49 -48.47 12.58
C GLY B 597 -3.22 -48.29 11.10
N PRO B 598 -3.95 -49.01 10.27
CA PRO B 598 -3.77 -48.89 8.82
C PRO B 598 -4.08 -47.49 8.33
N ARG B 599 -3.37 -47.09 7.28
CA ARG B 599 -3.45 -45.70 6.80
C ARG B 599 -4.86 -45.34 6.35
N GLN B 600 -5.53 -46.22 5.60
CA GLN B 600 -6.83 -45.88 5.04
C GLN B 600 -7.95 -45.93 6.06
N ALA B 601 -7.73 -46.55 7.21
CA ALA B 601 -8.76 -46.66 8.24
C ALA B 601 -8.78 -45.47 9.20
N LEU B 602 -7.88 -44.50 9.01
CA LEU B 602 -7.73 -43.38 9.93
C LEU B 602 -8.77 -42.28 9.75
N PRO B 603 -9.09 -41.85 8.52
CA PRO B 603 -10.08 -40.76 8.38
C PRO B 603 -11.43 -41.09 8.99
N ASP B 604 -11.93 -42.30 8.74
CA ASP B 604 -13.21 -42.69 9.33
C ASP B 604 -13.13 -42.76 10.84
N LEU B 605 -11.98 -43.18 11.38
CA LEU B 605 -11.81 -43.20 12.82
C LEU B 605 -11.80 -41.79 13.40
N ILE B 606 -11.19 -40.84 12.71
CA ILE B 606 -11.20 -39.45 13.17
C ILE B 606 -12.62 -38.92 13.19
N TRP B 607 -13.35 -39.15 12.09
CA TRP B 607 -14.74 -38.73 12.02
C TRP B 607 -15.55 -39.34 13.15
N ARG B 608 -15.37 -40.65 13.39
CA ARG B 608 -16.14 -41.36 14.39
C ARG B 608 -15.81 -40.86 15.80
N PHE B 609 -14.53 -40.56 16.06
CA PHE B 609 -14.16 -40.02 17.36
C PHE B 609 -14.80 -38.66 17.58
N VAL B 610 -14.77 -37.79 16.57
CA VAL B 610 -15.37 -36.47 16.72
C VAL B 610 -16.87 -36.59 16.97
N GLU B 611 -17.53 -37.45 16.18
CA GLU B 611 -18.98 -37.60 16.33
C GLU B 611 -19.34 -38.19 17.69
N THR B 612 -18.56 -39.16 18.16
CA THR B 612 -18.83 -39.75 19.47
C THR B 612 -18.60 -38.75 20.59
N ALA B 613 -17.55 -37.92 20.46
CA ALA B 613 -17.33 -36.88 21.46
C ALA B 613 -18.49 -35.90 21.50
N ARG B 614 -19.03 -35.54 20.32
CA ARG B 614 -20.21 -34.69 20.29
C ARG B 614 -21.41 -35.40 20.91
N ALA B 615 -21.54 -36.71 20.69
CA ALA B 615 -22.66 -37.46 21.25
C ALA B 615 -22.64 -37.41 22.77
N ALA B 616 -21.46 -37.53 23.37
CA ALA B 616 -21.31 -37.34 24.81
C ALA B 616 -21.33 -35.88 25.20
N GLY B 617 -21.63 -34.97 24.28
CA GLY B 617 -21.66 -33.56 24.58
C GLY B 617 -20.32 -32.96 24.94
N CYS B 618 -19.26 -33.36 24.23
CA CYS B 618 -17.91 -32.86 24.49
C CYS B 618 -17.24 -32.51 23.18
N ARG B 619 -16.30 -31.57 23.25
CA ARG B 619 -15.56 -31.12 22.08
C ARG B 619 -14.30 -31.94 21.91
N SER B 620 -14.21 -32.69 20.81
CA SER B 620 -13.06 -33.55 20.57
C SER B 620 -11.81 -32.72 20.36
N VAL B 621 -10.71 -33.17 20.94
CA VAL B 621 -9.41 -32.49 20.83
C VAL B 621 -8.38 -33.54 20.45
N PHE B 622 -7.64 -33.28 19.38
CA PHE B 622 -6.56 -34.15 18.95
C PHE B 622 -5.24 -33.52 19.35
N TYR B 623 -4.47 -34.22 20.18
CA TYR B 623 -3.24 -33.70 20.74
C TYR B 623 -2.05 -34.28 19.99
N GLN B 624 -1.20 -33.40 19.47
CA GLN B 624 0.05 -33.79 18.80
C GLN B 624 -0.22 -34.70 17.61
N ILE B 625 -0.92 -34.16 16.61
CA ILE B 625 -1.18 -34.88 15.38
C ILE B 625 -0.15 -34.47 14.34
N SER B 626 0.18 -35.42 13.47
CA SER B 626 1.12 -35.16 12.39
C SER B 626 0.45 -34.36 11.28
N PRO B 627 1.22 -33.68 10.44
CA PRO B 627 0.61 -32.94 9.33
C PRO B 627 -0.13 -33.81 8.35
N ALA B 628 0.14 -35.12 8.32
CA ALA B 628 -0.51 -36.00 7.36
C ALA B 628 -2.01 -36.10 7.60
N LEU B 629 -2.46 -35.88 8.84
CA LEU B 629 -3.86 -36.04 9.20
C LEU B 629 -4.61 -34.72 9.28
N LEU B 630 -3.97 -33.62 8.89
CA LEU B 630 -4.62 -32.31 9.01
C LEU B 630 -5.83 -32.22 8.10
N SER B 631 -5.72 -32.71 6.86
CA SER B 631 -6.84 -32.61 5.93
C SER B 631 -8.03 -33.41 6.43
N TYR B 632 -7.80 -34.60 6.96
CA TYR B 632 -8.90 -35.40 7.50
C TYR B 632 -9.50 -34.73 8.74
N CYS B 633 -8.66 -34.14 9.58
CA CYS B 633 -9.18 -33.37 10.71
C CYS B 633 -9.96 -32.15 10.23
N ALA B 634 -9.46 -31.50 9.18
CA ALA B 634 -10.15 -30.32 8.65
C ALA B 634 -11.55 -30.67 8.13
N ASP B 635 -11.67 -31.82 7.48
CA ASP B 635 -12.98 -32.26 7.01
C ASP B 635 -13.94 -32.48 8.18
N ALA B 636 -13.44 -33.02 9.27
CA ALA B 636 -14.23 -33.24 10.48
C ALA B 636 -14.50 -31.98 11.25
N GLY B 637 -14.21 -30.81 10.68
CA GLY B 637 -14.47 -29.57 11.39
C GLY B 637 -13.49 -29.27 12.50
N LEU B 638 -12.25 -29.72 12.36
CA LEU B 638 -11.23 -29.52 13.38
C LEU B 638 -10.15 -28.60 12.84
N ARG B 639 -9.84 -27.55 13.59
CA ARG B 639 -8.83 -26.57 13.21
C ARG B 639 -7.56 -26.84 14.01
N ALA B 640 -6.45 -27.05 13.32
CA ALA B 640 -5.19 -27.41 13.95
C ALA B 640 -4.40 -26.18 14.33
N PHE B 641 -3.62 -26.31 15.40
CA PHE B 641 -2.75 -25.24 15.88
C PHE B 641 -1.42 -25.83 16.28
N LYS B 642 -0.34 -25.35 15.66
CA LYS B 642 0.99 -25.89 15.92
C LYS B 642 1.39 -25.64 17.37
N LEU B 643 1.86 -26.69 18.04
CA LEU B 643 2.26 -26.58 19.44
C LEU B 643 3.67 -27.12 19.68
N GLY B 644 4.40 -27.47 18.63
CA GLY B 644 5.76 -27.92 18.80
C GLY B 644 6.23 -28.68 17.59
N GLU B 645 7.49 -29.07 17.64
CA GLU B 645 8.12 -29.84 16.58
C GLU B 645 8.67 -31.14 17.15
N LEU B 646 8.49 -32.22 16.41
CA LEU B 646 8.89 -33.56 16.85
C LEU B 646 10.19 -33.92 16.15
N ALA B 647 11.26 -34.04 16.92
CA ALA B 647 12.60 -34.23 16.37
C ALA B 647 12.77 -35.68 15.94
N VAL B 648 13.00 -35.89 14.64
CA VAL B 648 13.17 -37.21 14.07
C VAL B 648 14.58 -37.31 13.48
N VAL B 649 15.32 -38.32 13.89
CA VAL B 649 16.64 -38.61 13.35
C VAL B 649 16.53 -39.80 12.42
N ASN B 650 16.94 -39.63 11.17
CA ASN B 650 16.93 -40.72 10.21
C ASN B 650 18.13 -41.62 10.47
N LEU B 651 17.87 -42.84 10.95
CA LEU B 651 18.95 -43.75 11.31
C LEU B 651 19.70 -44.28 10.10
N ALA B 652 19.08 -44.25 8.92
CA ALA B 652 19.76 -44.71 7.71
C ALA B 652 20.97 -43.83 7.41
N ASN B 653 20.85 -42.52 7.58
CA ASN B 653 21.92 -41.58 7.31
C ASN B 653 22.73 -41.24 8.54
N PHE B 654 22.43 -41.84 9.69
CA PHE B 654 23.17 -41.56 10.92
C PHE B 654 24.37 -42.51 10.99
N GLU B 655 25.57 -41.94 10.87
CA GLU B 655 26.81 -42.65 11.16
C GLU B 655 27.60 -41.78 12.14
N LEU B 656 27.68 -42.22 13.39
CA LEU B 656 28.29 -41.41 14.43
C LEU B 656 29.74 -41.07 14.09
N LYS B 657 30.42 -41.93 13.33
CA LYS B 657 31.79 -41.67 12.91
C LYS B 657 31.80 -40.76 11.67
N GLY B 658 31.08 -39.64 11.79
CA GLY B 658 31.06 -38.62 10.77
C GLY B 658 31.13 -37.24 11.39
N GLY B 659 31.28 -36.23 10.53
CA GLY B 659 31.46 -34.88 11.01
C GLY B 659 30.20 -34.23 11.54
N LYS B 660 29.03 -34.78 11.21
CA LYS B 660 27.76 -34.19 11.62
C LYS B 660 27.49 -34.31 13.12
N TRP B 661 28.25 -35.14 13.84
CA TRP B 661 28.00 -35.40 15.25
C TRP B 661 29.30 -35.34 16.05
N ALA B 662 30.06 -34.27 15.84
CA ALA B 662 31.32 -34.10 16.56
C ALA B 662 31.09 -33.92 18.05
N ASN B 663 30.19 -33.02 18.43
CA ASN B 663 29.89 -32.85 19.85
C ASN B 663 29.37 -34.15 20.44
N LEU B 664 28.62 -34.92 19.65
CA LEU B 664 28.13 -36.22 20.11
C LEU B 664 29.27 -37.19 20.35
N ARG B 665 30.23 -37.28 19.42
CA ARG B 665 31.34 -38.20 19.65
C ARG B 665 32.14 -37.79 20.88
N GLN B 666 32.38 -36.49 21.07
CA GLN B 666 33.12 -36.05 22.24
C GLN B 666 32.38 -36.40 23.52
N THR B 667 31.08 -36.13 23.56
CA THR B 667 30.32 -36.40 24.78
C THR B 667 30.24 -37.90 25.06
N ALA B 668 30.06 -38.72 24.01
CA ALA B 668 30.02 -40.16 24.21
C ALA B 668 31.35 -40.70 24.69
N SER B 669 32.45 -40.20 24.13
CA SER B 669 33.78 -40.66 24.55
C SER B 669 34.05 -40.25 26.00
N ARG B 670 33.67 -39.02 26.37
CA ARG B 670 33.90 -38.59 27.75
C ARG B 670 33.03 -39.37 28.72
N ALA B 671 31.79 -39.69 28.32
CA ALA B 671 30.95 -40.54 29.16
C ALA B 671 31.54 -41.94 29.31
N VAL B 672 32.11 -42.48 28.24
CA VAL B 672 32.80 -43.77 28.33
C VAL B 672 33.96 -43.67 29.30
N ARG B 673 34.75 -42.60 29.20
CA ARG B 673 35.85 -42.38 30.14
C ARG B 673 35.36 -42.11 31.56
N ASP B 674 34.08 -41.79 31.74
CA ASP B 674 33.50 -41.61 33.07
C ASP B 674 33.03 -42.92 33.68
N GLY B 675 33.01 -44.02 32.91
CA GLY B 675 32.63 -45.31 33.43
C GLY B 675 31.20 -45.72 33.20
N LEU B 676 30.45 -45.02 32.34
CA LEU B 676 29.08 -45.37 32.04
C LEU B 676 29.04 -46.45 30.95
N GLU B 677 28.14 -47.41 31.13
CA GLU B 677 27.94 -48.48 30.16
C GLU B 677 26.45 -48.62 29.88
N PHE B 678 26.13 -48.99 28.65
CA PHE B 678 24.74 -49.07 28.19
C PHE B 678 24.38 -50.52 27.88
N ALA B 679 23.22 -50.95 28.35
CA ALA B 679 22.71 -52.28 28.08
C ALA B 679 21.21 -52.19 27.79
N VAL B 680 20.72 -53.14 27.00
CA VAL B 680 19.31 -53.22 26.63
C VAL B 680 18.68 -54.37 27.39
N ILE B 681 17.72 -54.06 28.26
CA ILE B 681 17.01 -55.06 29.03
C ILE B 681 15.74 -55.45 28.28
N GLU B 682 15.55 -56.75 28.07
CA GLU B 682 14.33 -57.22 27.46
C GLU B 682 13.16 -57.05 28.44
N PRO B 683 11.93 -56.92 27.92
CA PRO B 683 10.79 -56.67 28.82
C PRO B 683 10.49 -57.81 29.78
N GLN B 684 10.97 -59.02 29.51
CA GLN B 684 10.61 -60.16 30.34
C GLN B 684 11.48 -60.32 31.58
N ASP B 685 12.76 -59.95 31.50
CA ASP B 685 13.69 -60.11 32.61
C ASP B 685 14.00 -58.78 33.31
N ILE B 686 13.02 -57.89 33.38
CA ILE B 686 13.24 -56.56 33.93
C ILE B 686 13.19 -56.46 35.45
N PRO B 687 12.22 -57.08 36.17
CA PRO B 687 11.89 -56.57 37.53
C PRO B 687 13.06 -56.53 38.51
N ASP B 688 13.96 -57.52 38.44
CA ASP B 688 15.15 -57.51 39.27
C ASP B 688 15.97 -56.25 39.08
N VAL B 689 15.94 -55.67 37.88
CA VAL B 689 16.52 -54.35 37.65
C VAL B 689 15.48 -53.25 37.82
N LEU B 690 14.19 -53.59 37.74
CA LEU B 690 13.14 -52.58 37.88
C LEU B 690 13.11 -51.98 39.27
N ASP B 691 13.55 -52.73 40.28
CA ASP B 691 13.55 -52.16 41.63
C ASP B 691 14.48 -50.93 41.71
N GLN B 692 15.74 -51.06 41.28
CA GLN B 692 16.50 -49.82 41.32
C GLN B 692 16.23 -48.92 40.11
N LEU B 693 15.49 -49.41 39.10
CA LEU B 693 14.91 -48.48 38.12
C LEU B 693 13.96 -47.51 38.80
N ALA B 694 13.10 -48.03 39.67
CA ALA B 694 12.24 -47.17 40.48
C ALA B 694 13.07 -46.26 41.37
N HIS B 695 14.15 -46.79 41.93
CA HIS B 695 15.05 -45.97 42.74
C HIS B 695 15.57 -44.77 41.93
N VAL B 696 16.12 -45.01 40.74
CA VAL B 696 16.72 -43.94 39.96
C VAL B 696 15.65 -42.98 39.46
N SER B 697 14.48 -43.50 39.07
CA SER B 697 13.40 -42.62 38.65
C SER B 697 12.96 -41.69 39.77
N ASP B 698 12.85 -42.23 40.98
CA ASP B 698 12.49 -41.39 42.13
C ASP B 698 13.55 -40.35 42.41
N THR B 699 14.83 -40.73 42.31
CA THR B 699 15.90 -39.76 42.53
C THR B 699 15.85 -38.64 41.51
N TRP B 700 15.64 -38.96 40.23
CA TRP B 700 15.57 -37.92 39.21
C TRP B 700 14.35 -37.04 39.40
N LEU B 701 13.22 -37.64 39.81
CA LEU B 701 12.03 -36.83 40.08
C LEU B 701 12.26 -35.89 41.26
N ALA B 702 13.03 -36.33 42.26
CA ALA B 702 13.36 -35.45 43.36
C ALA B 702 14.35 -34.37 42.95
N ASP B 703 15.27 -34.68 42.03
CA ASP B 703 16.30 -33.72 41.65
C ASP B 703 15.70 -32.49 40.98
N HIS B 704 14.74 -32.69 40.08
CA HIS B 704 14.05 -31.60 39.40
C HIS B 704 12.66 -31.46 39.99
N ASN B 705 12.31 -30.24 40.42
CA ASN B 705 11.05 -30.04 41.12
C ASN B 705 9.87 -30.16 40.18
N ALA B 706 9.56 -31.38 39.76
CA ALA B 706 8.44 -31.65 38.89
C ALA B 706 7.72 -32.90 39.38
N LYS B 707 6.45 -33.01 39.01
CA LYS B 707 5.61 -34.11 39.44
C LYS B 707 5.63 -35.22 38.39
N GLU B 708 4.80 -36.24 38.58
CA GLU B 708 4.70 -37.36 37.67
C GLU B 708 3.59 -37.08 36.66
N LYS B 709 3.96 -36.78 35.43
CA LYS B 709 2.99 -36.47 34.39
C LYS B 709 2.36 -37.74 33.84
N SER B 710 1.32 -37.57 33.04
CA SER B 710 0.59 -38.70 32.50
C SER B 710 -0.08 -38.31 31.20
N PHE B 711 -0.52 -39.34 30.46
CA PHE B 711 -1.31 -39.22 29.24
C PHE B 711 -0.51 -38.70 28.05
N SER B 712 0.65 -38.12 28.30
CA SER B 712 1.53 -37.74 27.21
C SER B 712 3.01 -37.96 27.49
N LEU B 713 3.40 -38.15 28.74
CA LEU B 713 4.78 -38.31 29.14
C LEU B 713 4.89 -39.52 30.05
N GLY B 714 6.13 -39.96 30.28
CA GLY B 714 6.36 -41.17 31.04
C GLY B 714 5.89 -41.13 32.48
N ALA B 715 5.02 -42.07 32.83
CA ALA B 715 4.59 -42.29 34.21
C ALA B 715 5.12 -43.64 34.65
N PHE B 716 5.78 -43.67 35.80
CA PHE B 716 6.46 -44.88 36.27
C PHE B 716 5.44 -45.85 36.85
N ASP B 717 4.78 -46.58 35.95
CA ASP B 717 3.95 -47.70 36.34
C ASP B 717 4.75 -48.98 36.16
N PRO B 718 4.97 -49.77 37.21
CA PRO B 718 5.84 -50.95 37.06
C PRO B 718 5.41 -51.90 35.95
N ASP B 719 4.11 -52.12 35.78
CA ASP B 719 3.65 -52.95 34.67
C ASP B 719 3.96 -52.29 33.33
N TYR B 720 3.77 -50.98 33.22
CA TYR B 720 4.01 -50.29 31.96
C TYR B 720 5.47 -50.40 31.55
N VAL B 721 6.38 -50.07 32.47
CA VAL B 721 7.80 -50.15 32.15
C VAL B 721 8.23 -51.59 31.93
N CYS B 722 7.65 -52.53 32.69
CA CYS B 722 7.97 -53.95 32.47
C CYS B 722 7.54 -54.41 31.09
N SER B 723 6.47 -53.83 30.54
CA SER B 723 5.92 -54.29 29.27
C SER B 723 6.83 -54.01 28.08
N GLN B 724 7.83 -53.14 28.22
CA GLN B 724 8.66 -52.75 27.09
C GLN B 724 10.13 -52.85 27.43
N PRO B 725 10.97 -53.10 26.43
CA PRO B 725 12.42 -53.08 26.67
C PRO B 725 12.87 -51.70 27.14
N VAL B 726 13.84 -51.68 28.04
CA VAL B 726 14.30 -50.46 28.68
C VAL B 726 15.80 -50.35 28.47
N GLY B 727 16.23 -49.44 27.60
CA GLY B 727 17.63 -49.12 27.50
C GLY B 727 18.11 -48.51 28.80
N VAL B 728 19.13 -49.11 29.42
CA VAL B 728 19.57 -48.70 30.75
C VAL B 728 21.06 -48.42 30.70
N LEU B 729 21.48 -47.38 31.41
CA LEU B 729 22.87 -46.94 31.45
C LEU B 729 23.43 -47.32 32.82
N LYS B 730 24.40 -48.24 32.83
CA LYS B 730 24.96 -48.78 34.06
C LYS B 730 26.40 -48.30 34.24
N LYS B 731 26.73 -47.89 35.46
CA LYS B 731 28.07 -47.41 35.78
C LYS B 731 28.51 -48.03 37.10
N ASP B 732 29.69 -48.66 37.09
CA ASP B 732 30.25 -49.31 38.28
C ASP B 732 29.27 -50.33 38.86
N GLY B 733 28.71 -51.16 37.98
CA GLY B 733 27.73 -52.16 38.41
C GLY B 733 26.33 -51.63 38.58
N LYS B 734 26.16 -50.58 39.37
CA LYS B 734 24.85 -49.96 39.53
C LYS B 734 24.45 -49.23 38.25
N ILE B 735 23.16 -48.99 38.11
CA ILE B 735 22.60 -48.29 36.97
C ILE B 735 22.20 -46.89 37.41
N VAL B 736 22.53 -45.89 36.60
CA VAL B 736 22.27 -44.50 36.94
C VAL B 736 21.33 -43.82 35.94
N ALA B 737 21.09 -44.43 34.78
CA ALA B 737 20.19 -43.86 33.80
C ALA B 737 19.46 -44.98 33.07
N PHE B 738 18.20 -44.73 32.73
CA PHE B 738 17.40 -45.68 31.98
C PHE B 738 16.41 -44.91 31.12
N ALA B 739 15.90 -45.58 30.10
CA ALA B 739 15.02 -44.92 29.14
C ALA B 739 14.15 -45.98 28.46
N ASN B 740 12.84 -45.89 28.65
CA ASN B 740 11.91 -46.84 28.06
C ASN B 740 11.96 -46.77 26.55
N ILE B 741 12.45 -47.83 25.91
CA ILE B 741 12.59 -47.87 24.46
C ILE B 741 11.26 -48.30 23.85
N LEU B 742 10.72 -47.47 22.98
CA LEU B 742 9.43 -47.71 22.33
C LEU B 742 9.68 -48.28 20.95
N MET B 743 9.13 -49.46 20.68
CA MET B 743 9.44 -50.22 19.48
C MET B 743 8.17 -50.72 18.82
N THR B 744 8.27 -51.04 17.53
CA THR B 744 7.20 -51.66 16.78
C THR B 744 7.78 -52.81 15.97
N GLU B 745 6.92 -53.78 15.66
CA GLU B 745 7.39 -54.95 14.91
C GLU B 745 7.82 -54.57 13.50
N THR B 746 7.07 -53.68 12.84
CA THR B 746 7.39 -53.28 11.48
C THR B 746 8.71 -52.52 11.38
N LYS B 747 9.25 -52.05 12.52
CA LYS B 747 10.55 -51.39 12.58
C LYS B 747 10.61 -50.12 11.74
N GLU B 748 9.46 -49.53 11.45
CA GLU B 748 9.45 -48.26 10.73
C GLU B 748 10.08 -47.15 11.57
N GLU B 749 9.78 -47.12 12.87
CA GLU B 749 10.25 -46.06 13.73
C GLU B 749 10.34 -46.58 15.16
N GLY B 750 11.35 -46.09 15.89
CA GLY B 750 11.47 -46.36 17.30
C GLY B 750 11.55 -45.06 18.07
N SER B 751 11.30 -45.10 19.38
CA SER B 751 11.26 -43.87 20.16
C SER B 751 11.57 -44.19 21.61
N VAL B 752 11.61 -43.14 22.43
CA VAL B 752 11.81 -43.26 23.87
C VAL B 752 10.78 -42.38 24.58
N ASP B 753 10.18 -42.91 25.64
CA ASP B 753 9.11 -42.21 26.34
C ASP B 753 9.64 -41.40 27.52
N LEU B 754 10.24 -42.08 28.50
CA LEU B 754 10.74 -41.41 29.70
C LEU B 754 12.15 -41.87 29.97
N MET B 755 12.99 -40.95 30.43
CA MET B 755 14.32 -41.28 30.90
C MET B 755 14.66 -40.44 32.12
N ARG B 756 15.37 -41.08 33.06
CA ARG B 756 15.67 -40.48 34.35
C ARG B 756 17.16 -40.60 34.63
N PHE B 757 17.66 -39.69 35.45
CA PHE B 757 19.09 -39.62 35.76
C PHE B 757 19.27 -39.29 37.23
N SER B 758 19.92 -40.19 37.96
CA SER B 758 20.30 -39.90 39.33
C SER B 758 21.42 -38.87 39.34
N PRO B 759 21.57 -38.13 40.44
CA PRO B 759 22.67 -37.15 40.53
C PRO B 759 24.05 -37.78 40.42
N ASP B 760 24.18 -39.08 40.66
CA ASP B 760 25.46 -39.75 40.48
C ASP B 760 25.93 -39.74 39.04
N ALA B 761 25.02 -39.58 38.08
CA ALA B 761 25.40 -39.53 36.69
C ALA B 761 26.12 -38.22 36.37
N PRO B 762 27.00 -38.22 35.37
CA PRO B 762 27.64 -36.97 34.96
C PRO B 762 26.72 -36.12 34.10
N LYS B 763 27.24 -35.00 33.57
CA LYS B 763 26.41 -34.09 32.80
C LYS B 763 26.09 -34.64 31.41
N GLY B 764 26.93 -35.51 30.88
CA GLY B 764 26.73 -36.07 29.55
C GLY B 764 25.94 -37.36 29.53
N SER B 765 25.29 -37.72 30.64
CA SER B 765 24.52 -38.95 30.67
C SER B 765 23.37 -38.90 29.69
N MET B 766 22.69 -37.75 29.57
CA MET B 766 21.61 -37.61 28.60
C MET B 766 22.11 -37.87 27.18
N ASP B 767 23.19 -37.20 26.80
CA ASP B 767 23.73 -37.35 25.45
C ASP B 767 24.14 -38.78 25.20
N PHE B 768 24.85 -39.39 26.15
CA PHE B 768 25.34 -40.76 25.94
C PHE B 768 24.19 -41.75 25.85
N LEU B 769 23.17 -41.60 26.70
CA LEU B 769 22.03 -42.49 26.65
C LEU B 769 21.29 -42.37 25.33
N PHE B 770 21.07 -41.13 24.85
CA PHE B 770 20.43 -40.95 23.56
C PHE B 770 21.26 -41.56 22.44
N VAL B 771 22.58 -41.33 22.45
CA VAL B 771 23.43 -41.86 21.38
C VAL B 771 23.40 -43.38 21.38
N GLN B 772 23.50 -43.99 22.56
CA GLN B 772 23.50 -45.45 22.63
C GLN B 772 22.18 -46.04 22.17
N ILE B 773 21.06 -45.45 22.62
CA ILE B 773 19.76 -45.96 22.21
C ILE B 773 19.56 -45.78 20.71
N LEU B 774 19.98 -44.64 20.18
CA LEU B 774 19.85 -44.38 18.75
C LEU B 774 20.68 -45.38 17.94
N GLU B 775 21.91 -45.65 18.39
CA GLU B 775 22.76 -46.62 17.70
C GLU B 775 22.17 -48.01 17.76
N TYR B 776 21.65 -48.41 18.92
CA TYR B 776 21.02 -49.72 19.05
C TYR B 776 19.81 -49.84 18.13
N LEU B 777 18.98 -48.79 18.06
CA LEU B 777 17.82 -48.82 17.18
C LEU B 777 18.24 -48.88 15.71
N LYS B 778 19.27 -48.13 15.33
CA LYS B 778 19.75 -48.19 13.95
C LYS B 778 20.27 -49.58 13.62
N GLY B 779 21.02 -50.18 14.52
CA GLY B 779 21.52 -51.52 14.28
C GLY B 779 20.42 -52.55 14.19
N GLU B 780 19.39 -52.42 15.02
CA GLU B 780 18.31 -53.41 15.03
C GLU B 780 17.41 -53.33 13.81
N GLY B 781 17.52 -52.28 13.00
CA GLY B 781 16.75 -52.21 11.78
C GLY B 781 15.65 -51.17 11.78
N PHE B 782 15.89 -50.04 12.44
CA PHE B 782 14.91 -48.96 12.51
C PHE B 782 15.30 -47.84 11.55
N GLN B 783 14.30 -47.36 10.81
CA GLN B 783 14.57 -46.30 9.84
C GLN B 783 14.79 -44.95 10.51
N ARG B 784 14.01 -44.64 11.55
CA ARG B 784 14.10 -43.33 12.17
C ARG B 784 13.85 -43.46 13.67
N PHE B 785 14.36 -42.49 14.41
CA PHE B 785 14.26 -42.46 15.87
C PHE B 785 13.64 -41.13 16.28
N ASN B 786 12.73 -41.18 17.25
CA ASN B 786 11.99 -40.01 17.70
C ASN B 786 12.66 -39.45 18.95
N LEU B 787 13.31 -38.29 18.81
CA LEU B 787 13.93 -37.65 19.95
C LEU B 787 12.89 -37.14 20.94
N GLY B 788 11.67 -36.89 20.46
CA GLY B 788 10.61 -36.40 21.31
C GLY B 788 10.05 -35.11 20.75
N MET B 789 9.54 -34.28 21.64
CA MET B 789 8.95 -33.00 21.30
C MET B 789 9.83 -31.86 21.77
N ALA B 790 9.88 -30.80 20.98
CA ALA B 790 10.55 -29.58 21.38
C ALA B 790 9.66 -28.38 21.16
N PRO B 791 9.77 -27.35 21.98
CA PRO B 791 9.01 -26.12 21.73
C PRO B 791 9.51 -25.43 20.47
N LEU B 792 8.62 -24.62 19.90
CA LEU B 792 8.94 -23.92 18.67
C LEU B 792 10.06 -22.92 18.90
N SER B 793 10.93 -22.78 17.89
CA SER B 793 12.02 -21.83 17.96
C SER B 793 11.50 -20.41 17.83
N GLY B 794 12.32 -19.45 18.27
CA GLY B 794 11.94 -18.05 18.17
C GLY B 794 11.78 -17.59 16.74
N MET B 795 12.65 -18.04 15.85
CA MET B 795 12.53 -17.69 14.45
C MET B 795 11.23 -18.20 13.87
N SER B 796 10.82 -19.40 14.25
CA SER B 796 9.53 -19.92 13.80
C SER B 796 8.38 -19.04 14.29
N ARG B 797 8.50 -18.50 15.50
CA ARG B 797 7.45 -17.65 16.04
C ARG B 797 7.51 -16.24 15.47
N ARG B 798 8.60 -15.86 14.80
CA ARG B 798 8.67 -14.53 14.22
C ARG B 798 7.60 -14.31 13.16
N GLU B 799 7.39 -15.30 12.28
CA GLU B 799 6.30 -15.23 11.30
C GLU B 799 5.01 -15.71 11.97
N SER B 800 4.44 -14.82 12.78
CA SER B 800 3.26 -15.10 13.56
C SER B 800 2.10 -14.23 13.06
N ALA B 801 0.92 -14.52 13.60
CA ALA B 801 -0.29 -13.87 13.13
C ALA B 801 -0.28 -12.38 13.49
N PRO B 802 -0.88 -11.54 12.65
CA PRO B 802 -0.94 -10.10 12.98
C PRO B 802 -1.68 -9.80 14.26
N VAL B 803 -2.68 -10.60 14.63
CA VAL B 803 -3.55 -10.22 15.73
C VAL B 803 -3.76 -11.35 16.72
N TRP B 804 -2.91 -12.38 16.70
CA TRP B 804 -3.09 -13.44 17.70
C TRP B 804 -2.85 -12.82 19.07
N ASP B 805 -3.66 -13.21 20.04
CA ASP B 805 -3.67 -12.54 21.33
C ASP B 805 -2.99 -13.37 22.40
N ARG B 806 -3.45 -14.59 22.63
CA ARG B 806 -2.91 -15.44 23.67
C ARG B 806 -2.53 -16.83 23.17
N VAL B 807 -2.94 -17.18 21.95
CA VAL B 807 -2.74 -18.54 21.47
C VAL B 807 -1.25 -18.85 21.37
N GLY B 808 -0.47 -17.95 20.77
CA GLY B 808 0.95 -18.18 20.65
C GLY B 808 1.64 -18.25 22.01
N GLY B 809 1.29 -17.34 22.91
CA GLY B 809 1.91 -17.33 24.22
C GLY B 809 1.58 -18.58 25.03
N THR B 810 0.32 -19.02 24.98
CA THR B 810 -0.05 -20.22 25.71
C THR B 810 0.54 -21.47 25.09
N VAL B 811 0.68 -21.51 23.77
CA VAL B 811 1.36 -22.62 23.12
C VAL B 811 2.82 -22.68 23.56
N PHE B 812 3.48 -21.52 23.59
CA PHE B 812 4.87 -21.48 24.06
C PHE B 812 4.96 -21.90 25.53
N GLU B 813 4.03 -21.45 26.36
CA GLU B 813 4.08 -21.83 27.78
C GLU B 813 3.87 -23.33 27.94
N HIS B 814 2.93 -23.91 27.20
CA HIS B 814 2.71 -25.36 27.26
C HIS B 814 3.94 -26.12 26.79
N GLY B 815 4.56 -25.66 25.71
CA GLY B 815 5.78 -26.30 25.24
C GLY B 815 6.90 -26.24 26.26
N GLU B 816 7.09 -25.07 26.88
CA GLU B 816 8.12 -24.95 27.91
C GLU B 816 7.82 -25.85 29.10
N ARG B 817 6.54 -25.95 29.48
CA ARG B 817 6.18 -26.77 30.63
C ARG B 817 6.42 -28.25 30.37
N PHE B 818 6.09 -28.74 29.17
CA PHE B 818 6.01 -30.18 28.99
C PHE B 818 7.09 -30.79 28.10
N TYR B 819 7.70 -30.02 27.19
CA TYR B 819 8.60 -30.59 26.21
C TYR B 819 10.07 -30.47 26.58
N ASN B 820 10.39 -29.95 27.77
CA ASN B 820 11.77 -29.76 28.19
C ASN B 820 12.22 -30.77 29.23
N PHE B 821 11.48 -31.87 29.40
CA PHE B 821 11.82 -32.91 30.34
C PHE B 821 12.77 -33.95 29.76
N LYS B 822 13.15 -33.82 28.48
CA LYS B 822 13.93 -34.83 27.79
C LYS B 822 15.08 -34.18 27.04
N GLY B 823 15.52 -33.02 27.50
CA GLY B 823 16.54 -32.25 26.83
C GLY B 823 15.91 -31.05 26.13
N LEU B 824 16.65 -29.94 26.10
CA LEU B 824 16.14 -28.73 25.49
C LEU B 824 16.19 -28.84 23.98
N ARG B 825 15.69 -27.80 23.29
CA ARG B 825 15.66 -27.82 21.83
C ARG B 825 17.06 -27.82 21.26
N ALA B 826 17.99 -27.08 21.88
CA ALA B 826 19.38 -27.09 21.41
C ALA B 826 19.98 -28.49 21.52
N PHE B 827 19.69 -29.19 22.62
CA PHE B 827 20.21 -30.54 22.79
C PHE B 827 19.71 -31.46 21.68
N LYS B 828 18.41 -31.42 21.40
CA LYS B 828 17.87 -32.27 20.34
C LYS B 828 18.39 -31.84 18.98
N SER B 829 18.70 -30.55 18.80
CA SER B 829 19.31 -30.09 17.57
C SER B 829 20.74 -30.57 17.43
N LYS B 830 21.42 -30.88 18.54
CA LYS B 830 22.77 -31.44 18.45
C LYS B 830 22.79 -32.74 17.69
N PHE B 831 21.66 -33.44 17.59
CA PHE B 831 21.55 -34.66 16.80
C PHE B 831 21.22 -34.37 15.34
N HIS B 832 20.99 -33.10 14.99
CA HIS B 832 20.60 -32.67 13.65
C HIS B 832 19.43 -33.50 13.16
N PRO B 833 18.26 -33.37 13.77
CA PRO B 833 17.11 -34.18 13.37
C PRO B 833 16.27 -33.48 12.31
N GLU B 834 15.32 -34.23 11.77
CA GLU B 834 14.33 -33.68 10.85
C GLU B 834 13.15 -33.21 11.69
N TRP B 835 13.04 -31.91 11.89
CA TRP B 835 11.96 -31.36 12.69
C TRP B 835 10.63 -31.58 11.98
N GLN B 836 9.68 -32.21 12.67
CA GLN B 836 8.35 -32.45 12.13
C GLN B 836 7.34 -31.69 12.98
N PRO B 837 6.54 -30.80 12.40
CA PRO B 837 5.57 -30.07 13.20
C PRO B 837 4.49 -30.99 13.73
N ARG B 838 4.04 -30.71 14.95
CA ARG B 838 2.95 -31.44 15.57
C ARG B 838 1.87 -30.44 15.95
N TYR B 839 0.61 -30.79 15.66
CA TYR B 839 -0.49 -29.85 15.75
C TYR B 839 -1.49 -30.29 16.80
N LEU B 840 -2.26 -29.33 17.29
CA LEU B 840 -3.35 -29.55 18.24
C LEU B 840 -4.65 -29.21 17.52
N ALA B 841 -5.47 -30.22 17.25
CA ALA B 841 -6.72 -30.05 16.54
C ALA B 841 -7.86 -29.91 17.54
N VAL B 842 -8.63 -28.84 17.41
CA VAL B 842 -9.77 -28.58 18.27
C VAL B 842 -11.03 -28.57 17.42
N SER B 843 -12.16 -28.85 18.05
CA SER B 843 -13.41 -29.09 17.34
C SER B 843 -14.44 -28.03 17.67
N GLY B 844 -15.36 -27.84 16.74
CA GLY B 844 -16.47 -26.91 16.96
C GLY B 844 -16.09 -25.46 16.95
N GLY B 845 -14.93 -25.12 16.41
CA GLY B 845 -14.51 -23.73 16.38
C GLY B 845 -14.27 -23.12 17.74
N VAL B 846 -14.00 -23.96 18.76
CA VAL B 846 -13.72 -23.45 20.10
C VAL B 846 -12.31 -22.89 20.13
N SER B 847 -12.01 -22.08 21.14
CA SER B 847 -10.72 -21.41 21.20
C SER B 847 -9.62 -22.40 21.57
N PRO B 848 -8.41 -22.21 21.05
CA PRO B 848 -7.29 -23.07 21.47
C PRO B 848 -6.93 -22.95 22.93
N MET B 849 -7.28 -21.83 23.59
CA MET B 849 -6.98 -21.68 25.01
C MET B 849 -7.53 -22.82 25.84
N ILE B 850 -8.83 -23.08 25.71
CA ILE B 850 -9.49 -24.01 26.61
C ILE B 850 -9.06 -25.45 26.34
N ALA B 851 -8.94 -25.81 25.07
CA ALA B 851 -8.48 -27.16 24.75
C ALA B 851 -7.03 -27.37 25.20
N LEU B 852 -6.18 -26.36 24.99
CA LEU B 852 -4.79 -26.48 25.44
C LEU B 852 -4.70 -26.60 26.95
N MET B 853 -5.52 -25.82 27.67
CA MET B 853 -5.49 -25.89 29.14
C MET B 853 -6.03 -27.24 29.63
N ASP B 854 -7.07 -27.76 28.97
CA ASP B 854 -7.56 -29.09 29.34
C ASP B 854 -6.48 -30.14 29.12
N ALA B 855 -5.76 -30.05 28.00
CA ALA B 855 -4.65 -30.98 27.78
C ALA B 855 -3.57 -30.82 28.83
N THR B 856 -3.26 -29.57 29.21
CA THR B 856 -2.26 -29.32 30.24
C THR B 856 -2.65 -29.96 31.55
N PHE B 857 -3.91 -29.82 31.94
CA PHE B 857 -4.37 -30.44 33.18
C PHE B 857 -4.38 -31.96 33.07
N LEU B 858 -4.73 -32.49 31.90
CA LEU B 858 -4.73 -33.94 31.73
C LEU B 858 -3.33 -34.51 31.84
N ILE B 859 -2.33 -33.80 31.32
CA ILE B 859 -0.95 -34.26 31.45
C ILE B 859 -0.48 -34.14 32.90
N GLY B 860 -0.80 -33.03 33.54
CA GLY B 860 -0.41 -32.81 34.93
C GLY B 860 -1.32 -33.52 35.91
#